data_9BZY
# 
_entry.id   9BZY 
# 
_audit_conform.dict_name       mmcif_pdbx.dic 
_audit_conform.dict_version    5.407 
_audit_conform.dict_location   http://mmcif.pdb.org/dictionaries/ascii/mmcif_pdbx.dic 
# 
loop_
_database_2.database_id 
_database_2.database_code 
_database_2.pdbx_database_accession 
_database_2.pdbx_DOI 
PDB   9BZY         pdb_00009bzy 10.2210/pdb9bzy/pdb 
WWPDB D_1000282896 ?            ?                   
# 
_pdbx_audit_revision_history.ordinal             1 
_pdbx_audit_revision_history.data_content_type   'Structure model' 
_pdbx_audit_revision_history.major_revision      1 
_pdbx_audit_revision_history.minor_revision      0 
_pdbx_audit_revision_history.revision_date       2025-11-26 
_pdbx_audit_revision_history.part_number         ? 
# 
_pdbx_audit_revision_details.ordinal             1 
_pdbx_audit_revision_details.revision_ordinal    1 
_pdbx_audit_revision_details.data_content_type   'Structure model' 
_pdbx_audit_revision_details.provider            repository 
_pdbx_audit_revision_details.type                'Initial release' 
_pdbx_audit_revision_details.description         ? 
_pdbx_audit_revision_details.details             ? 
# 
_pdbx_database_status.status_code                     REL 
_pdbx_database_status.status_code_sf                  REL 
_pdbx_database_status.status_code_mr                  ? 
_pdbx_database_status.entry_id                        9BZY 
_pdbx_database_status.recvd_initial_deposition_date   2024-05-24 
_pdbx_database_status.SG_entry                        N 
_pdbx_database_status.deposit_site                    RCSB 
_pdbx_database_status.process_site                    RCSB 
_pdbx_database_status.status_code_cs                  ? 
_pdbx_database_status.status_code_nmr_data            ? 
_pdbx_database_status.methods_development_category    ? 
_pdbx_database_status.pdb_format_compatible           Y 
# 
_pdbx_contact_author.id                 2 
_pdbx_contact_author.email              andyn@uic.edu 
_pdbx_contact_author.name_first         Andy 
_pdbx_contact_author.name_last          Nguyen 
_pdbx_contact_author.name_mi            I 
_pdbx_contact_author.role               'principal investigator/group leader' 
_pdbx_contact_author.identifier_ORCID   0000-0003-4137-6453 
# 
_audit_author.name               'Heinz-Kunert, S.L.' 
_audit_author.pdbx_ordinal       1 
_audit_author.identifier_ORCID   0009-0002-5884-1294 
# 
_citation.abstract                  ? 
_citation.abstract_id_CAS           ? 
_citation.book_id_ISBN              ? 
_citation.book_publisher            ? 
_citation.book_publisher_city       ? 
_citation.book_title                ? 
_citation.coordinate_linkage        ? 
_citation.country                   ? 
_citation.database_id_Medline       ? 
_citation.details                   ? 
_citation.id                        primary 
_citation.journal_abbrev            'To Be Published' 
_citation.journal_id_ASTM           ? 
_citation.journal_id_CSD            0353 
_citation.journal_id_ISSN           ? 
_citation.journal_full              ? 
_citation.journal_issue             ? 
_citation.journal_volume            ? 
_citation.language                  ? 
_citation.page_first                ? 
_citation.page_last                 ? 
_citation.title                     'Evolvable conformational diversity in assemblies of short peptides' 
_citation.year                      ? 
_citation.database_id_CSD           ? 
_citation.pdbx_database_id_DOI      ? 
_citation.pdbx_database_id_PubMed   ? 
_citation.pdbx_database_id_patent   ? 
_citation.unpublished_flag          ? 
# 
loop_
_citation_author.citation_id 
_citation_author.name 
_citation_author.ordinal 
_citation_author.identifier_ORCID 
primary 'Heinz-Kunert, S.L.' 1 0009-0002-5884-1294 
primary 'Nguyen, A.I.'       2 0000-0003-4137-6453 
# 
loop_
_entity.id 
_entity.type 
_entity.src_method 
_entity.pdbx_description 
_entity.formula_weight 
_entity.pdbx_number_of_molecules 
_entity.pdbx_ec 
_entity.pdbx_mutation 
_entity.pdbx_fragment 
_entity.details 
1 polymer     syn UIC-1                                                   897.114 2 ? ? ? ? 
2 non-polymer syn "5'-(hydrazinecarbonyl)[2,2'-bipyridine]-5-carboxamide" 257.248 2 ? ? ? ? 
3 non-polymer syn 
;ethyl 5'-formyl[2,2'-bipyridine]-5-carboxylate
;
272.256 2 ? ? ? ? 
4 non-polymer syn 1,3-dimethylbenzene                                     106.165 8 ? ? ? ? 
# 
_entity_poly.entity_id                      1 
_entity_poly.type                           'polypeptide(L)' 
_entity_poly.nstd_linkage                   no 
_entity_poly.nstd_monomer                   yes 
_entity_poly.pdbx_seq_one_letter_code       'L(AIB)A(AIB)L(AIB)Q(AIB)L' 
_entity_poly.pdbx_seq_one_letter_code_can   LAAALAQAL 
_entity_poly.pdbx_strand_id                 A,B 
_entity_poly.pdbx_target_identifier         ? 
# 
loop_
_pdbx_entity_nonpoly.entity_id 
_pdbx_entity_nonpoly.name 
_pdbx_entity_nonpoly.comp_id 
2 "5'-(hydrazinecarbonyl)[2,2'-bipyridine]-5-carboxamide" I77 
3 
;ethyl 5'-formyl[2,2'-bipyridine]-5-carboxylate
;
I6W 
4 1,3-dimethylbenzene                                     8VH 
# 
loop_
_entity_poly_seq.entity_id 
_entity_poly_seq.num 
_entity_poly_seq.mon_id 
_entity_poly_seq.hetero 
1 1 LEU n 
1 2 AIB n 
1 3 ALA n 
1 4 AIB n 
1 5 LEU n 
1 6 AIB n 
1 7 GLN n 
1 8 AIB n 
1 9 LEU n 
# 
_pdbx_entity_src_syn.entity_id              1 
_pdbx_entity_src_syn.pdbx_src_id            1 
_pdbx_entity_src_syn.pdbx_alt_source_flag   sample 
_pdbx_entity_src_syn.pdbx_beg_seq_num       1 
_pdbx_entity_src_syn.pdbx_end_seq_num       9 
_pdbx_entity_src_syn.organism_scientific    'synthetic construct' 
_pdbx_entity_src_syn.organism_common_name   ? 
_pdbx_entity_src_syn.ncbi_taxonomy_id       32630 
_pdbx_entity_src_syn.details                ? 
# 
loop_
_chem_comp.id 
_chem_comp.type 
_chem_comp.mon_nstd_flag 
_chem_comp.name 
_chem_comp.pdbx_synonyms 
_chem_comp.formula 
_chem_comp.formula_weight 
8VH non-polymer         . 1,3-dimethylbenzene                                     ? 'C8 H10'        106.165 
AIB 'L-peptide linking' n 'ALPHA-AMINOISOBUTYRIC ACID'                            ? 'C4 H9 N O2'    103.120 
ALA 'L-peptide linking' y ALANINE                                                 ? 'C3 H7 N O2'    89.093  
GLN 'L-peptide linking' y GLUTAMINE                                               ? 'C5 H10 N2 O3'  146.144 
I6W non-polymer         . 
;ethyl 5'-formyl[2,2'-bipyridine]-5-carboxylate
;
? 'C14 H12 N2 O4' 272.256 
I77 non-polymer         . "5'-(hydrazinecarbonyl)[2,2'-bipyridine]-5-carboxamide" ? 'C12 H11 N5 O2' 257.248 
LEU 'L-peptide linking' y LEUCINE                                                 ? 'C6 H13 N O2'   131.173 
# 
loop_
_pdbx_poly_seq_scheme.asym_id 
_pdbx_poly_seq_scheme.entity_id 
_pdbx_poly_seq_scheme.seq_id 
_pdbx_poly_seq_scheme.mon_id 
_pdbx_poly_seq_scheme.ndb_seq_num 
_pdbx_poly_seq_scheme.pdb_seq_num 
_pdbx_poly_seq_scheme.auth_seq_num 
_pdbx_poly_seq_scheme.pdb_mon_id 
_pdbx_poly_seq_scheme.auth_mon_id 
_pdbx_poly_seq_scheme.pdb_strand_id 
_pdbx_poly_seq_scheme.pdb_ins_code 
_pdbx_poly_seq_scheme.hetero 
A 1 1 LEU 1 2  2  LEU LEU A . n 
A 1 2 AIB 2 3  3  AIB AIB A . n 
A 1 3 ALA 3 4  4  ALA ALA A . n 
A 1 4 AIB 4 5  5  AIB AIB A . n 
A 1 5 LEU 5 6  6  LEU LEU A . n 
A 1 6 AIB 6 7  7  AIB AIB A . n 
A 1 7 GLN 7 8  8  GLN GLN A . n 
A 1 8 AIB 8 9  9  AIB AIB A . n 
A 1 9 LEU 9 10 10 LEU LEU A . n 
B 1 1 LEU 1 2  2  LEU LEU B . n 
B 1 2 AIB 2 3  3  AIB AIB B . n 
B 1 3 ALA 3 4  4  ALA ALA B . n 
B 1 4 AIB 4 5  5  AIB AIB B . n 
B 1 5 LEU 5 6  6  LEU LEU B . n 
B 1 6 AIB 6 7  7  AIB AIB B . n 
B 1 7 GLN 7 8  8  GLN GLN B . n 
B 1 8 AIB 8 9  9  AIB AIB B . n 
B 1 9 LEU 9 10 10 LEU LEU B . n 
# 
loop_
_pdbx_entity_instance_feature.ordinal 
_pdbx_entity_instance_feature.comp_id 
_pdbx_entity_instance_feature.asym_id 
_pdbx_entity_instance_feature.seq_num 
_pdbx_entity_instance_feature.auth_comp_id 
_pdbx_entity_instance_feature.auth_asym_id 
_pdbx_entity_instance_feature.auth_seq_num 
_pdbx_entity_instance_feature.feature_type 
_pdbx_entity_instance_feature.details 
1 I77 ? ? I77 ? ? 'SUBJECT OF INVESTIGATION' ? 
2 I6W ? ? I6W ? ? 'SUBJECT OF INVESTIGATION' ? 
3 8VH ? ? 8VH ? ? 'SUBJECT OF INVESTIGATION' ? 
4 AIB ? ? AIB ? ? 'SUBJECT OF INVESTIGATION' ? 
# 
loop_
_pdbx_nonpoly_scheme.asym_id 
_pdbx_nonpoly_scheme.entity_id 
_pdbx_nonpoly_scheme.mon_id 
_pdbx_nonpoly_scheme.ndb_seq_num 
_pdbx_nonpoly_scheme.pdb_seq_num 
_pdbx_nonpoly_scheme.auth_seq_num 
_pdbx_nonpoly_scheme.pdb_mon_id 
_pdbx_nonpoly_scheme.auth_mon_id 
_pdbx_nonpoly_scheme.pdb_strand_id 
_pdbx_nonpoly_scheme.pdb_ins_code 
C 2 I77 1 101 11 I77 BPH A . 
D 3 I6W 1 102 1  I6W BPE A . 
E 4 8VH 1 103 2  8VH MXY A . 
F 4 8VH 1 104 3  8VH MXY A . 
G 4 8VH 1 105 4  8VH MXY A . 
H 4 8VH 1 106 5  8VH MXY A . 
I 4 8VH 1 107 8  8VH MXY A . 
J 2 I77 1 101 11 I77 BPH B . 
K 3 I6W 1 102 1  I6W BPE B . 
L 4 8VH 1 103 1  8VH MXY B . 
M 4 8VH 1 104 6  8VH MXY B . 
N 4 8VH 1 105 7  8VH MXY B . 
# 
loop_
_software.citation_id 
_software.classification 
_software.compiler_name 
_software.compiler_version 
_software.contact_author 
_software.contact_author_email 
_software.date 
_software.description 
_software.dependencies 
_software.hardware 
_software.language 
_software.location 
_software.mods 
_software.name 
_software.os 
_software.os_version 
_software.type 
_software.version 
_software.pdbx_ordinal 
? refinement       ? ? ? ? ? ? ? ? ? ? ? PHENIX ? ? ? 1.20.1_4487 1 
? 'data reduction' ? ? ? ? ? ? ? ? ? ? ? XDS    ? ? ? .           2 
? 'data scaling'   ? ? ? ? ? ? ? ? ? ? ? XDS    ? ? ? .           3 
? phasing          ? ? ? ? ? ? ? ? ? ? ? PHASER ? ? ? .           4 
# 
_cell.angle_alpha                  90.000 
_cell.angle_alpha_esd              ? 
_cell.angle_beta                   95.040 
_cell.angle_beta_esd               ? 
_cell.angle_gamma                  90.000 
_cell.angle_gamma_esd              ? 
_cell.entry_id                     9BZY 
_cell.details                      ? 
_cell.formula_units_Z              ? 
_cell.length_a                     13.914 
_cell.length_a_esd                 ? 
_cell.length_b                     13.547 
_cell.length_b_esd                 ? 
_cell.length_c                     55.637 
_cell.length_c_esd                 ? 
_cell.volume                       10446.635 
_cell.volume_esd                   ? 
_cell.Z_PDB                        4 
_cell.reciprocal_angle_alpha       ? 
_cell.reciprocal_angle_beta        ? 
_cell.reciprocal_angle_gamma       ? 
_cell.reciprocal_angle_alpha_esd   ? 
_cell.reciprocal_angle_beta_esd    ? 
_cell.reciprocal_angle_gamma_esd   ? 
_cell.reciprocal_length_a          ? 
_cell.reciprocal_length_b          ? 
_cell.reciprocal_length_c          ? 
_cell.reciprocal_length_a_esd      ? 
_cell.reciprocal_length_b_esd      ? 
_cell.reciprocal_length_c_esd      ? 
_cell.pdbx_unique_axis             ? 
_cell.pdbx_esd_method              ? 
# 
_symmetry.entry_id                         9BZY 
_symmetry.cell_setting                     ? 
_symmetry.Int_Tables_number                4 
_symmetry.space_group_name_Hall            'P 2yb' 
_symmetry.space_group_name_H-M             'P 1 21 1' 
_symmetry.pdbx_full_space_group_name_H-M   ? 
# 
_exptl.absorpt_coefficient_mu     ? 
_exptl.absorpt_correction_T_max   ? 
_exptl.absorpt_correction_T_min   ? 
_exptl.absorpt_correction_type    ? 
_exptl.absorpt_process_details    ? 
_exptl.entry_id                   9BZY 
_exptl.crystals_number            1 
_exptl.details                    ? 
_exptl.method                     'X-RAY DIFFRACTION' 
_exptl.method_details             ? 
# 
_exptl_crystal.colour                       ? 
_exptl_crystal.density_diffrn               ? 
_exptl_crystal.density_Matthews             2.3 
_exptl_crystal.density_method               ? 
_exptl_crystal.density_percent_sol          46.56 
_exptl_crystal.description                  ? 
_exptl_crystal.F_000                        ? 
_exptl_crystal.id                           1 
_exptl_crystal.preparation                  ? 
_exptl_crystal.size_max                     ? 
_exptl_crystal.size_mid                     ? 
_exptl_crystal.size_min                     ? 
_exptl_crystal.size_rad                     ? 
_exptl_crystal.colour_lustre                ? 
_exptl_crystal.colour_modifier              ? 
_exptl_crystal.colour_primary               ? 
_exptl_crystal.density_meas                 ? 
_exptl_crystal.density_meas_esd             ? 
_exptl_crystal.density_meas_gt              ? 
_exptl_crystal.density_meas_lt              ? 
_exptl_crystal.density_meas_temp            ? 
_exptl_crystal.density_meas_temp_esd        ? 
_exptl_crystal.density_meas_temp_gt         ? 
_exptl_crystal.density_meas_temp_lt         ? 
_exptl_crystal.pdbx_crystal_image_url       ? 
_exptl_crystal.pdbx_crystal_image_format    ? 
_exptl_crystal.pdbx_mosaicity               ? 
_exptl_crystal.pdbx_mosaicity_esd           ? 
_exptl_crystal.pdbx_mosaic_method           ? 
_exptl_crystal.pdbx_mosaic_block_size       ? 
_exptl_crystal.pdbx_mosaic_block_size_esd   ? 
# 
_exptl_crystal_grow.apparatus       ? 
_exptl_crystal_grow.atmosphere      ? 
_exptl_crystal_grow.crystal_id      1 
_exptl_crystal_grow.details         ? 
_exptl_crystal_grow.method          'SLOW COOLING' 
_exptl_crystal_grow.method_ref      ? 
_exptl_crystal_grow.pH              ? 
_exptl_crystal_grow.pressure        ? 
_exptl_crystal_grow.pressure_esd    ? 
_exptl_crystal_grow.seeding         ? 
_exptl_crystal_grow.seeding_ref     ? 
_exptl_crystal_grow.temp_details    ? 
_exptl_crystal_grow.temp_esd        ? 
_exptl_crystal_grow.time            ? 
_exptl_crystal_grow.pdbx_details    'acetonitrile and water' 
_exptl_crystal_grow.pdbx_pH_range   ? 
_exptl_crystal_grow.temp            298 
# 
_diffrn.ambient_environment              ? 
_diffrn.ambient_temp                     100 
_diffrn.ambient_temp_details             ? 
_diffrn.ambient_temp_esd                 ? 
_diffrn.crystal_id                       1 
_diffrn.crystal_support                  ? 
_diffrn.crystal_treatment                ? 
_diffrn.details                          ? 
_diffrn.id                               1 
_diffrn.ambient_pressure                 ? 
_diffrn.ambient_pressure_esd             ? 
_diffrn.ambient_pressure_gt              ? 
_diffrn.ambient_pressure_lt              ? 
_diffrn.ambient_temp_gt                  ? 
_diffrn.ambient_temp_lt                  ? 
_diffrn.pdbx_serial_crystal_experiment   N 
# 
_diffrn_detector.details                      ? 
_diffrn_detector.detector                     PIXEL 
_diffrn_detector.diffrn_id                    1 
_diffrn_detector.type                         'DECTRIS EIGER X 9M' 
_diffrn_detector.area_resol_mean              ? 
_diffrn_detector.dtime                        ? 
_diffrn_detector.pdbx_frames_total            ? 
_diffrn_detector.pdbx_collection_time_total   ? 
_diffrn_detector.pdbx_collection_date         2022-07-08 
_diffrn_detector.pdbx_frequency               ? 
_diffrn_detector.id                           ? 
_diffrn_detector.number_of_axes               ? 
# 
_diffrn_radiation.collimation                      ? 
_diffrn_radiation.diffrn_id                        1 
_diffrn_radiation.filter_edge                      ? 
_diffrn_radiation.inhomogeneity                    ? 
_diffrn_radiation.monochromator                    ? 
_diffrn_radiation.polarisn_norm                    ? 
_diffrn_radiation.polarisn_ratio                   ? 
_diffrn_radiation.probe                            ? 
_diffrn_radiation.type                             ? 
_diffrn_radiation.xray_symbol                      ? 
_diffrn_radiation.wavelength_id                    1 
_diffrn_radiation.pdbx_monochromatic_or_laue_m_l   M 
_diffrn_radiation.pdbx_wavelength_list             ? 
_diffrn_radiation.pdbx_wavelength                  ? 
_diffrn_radiation.pdbx_diffrn_protocol             'SINGLE WAVELENGTH' 
_diffrn_radiation.pdbx_analyzer                    ? 
_diffrn_radiation.pdbx_scattering_type             x-ray 
# 
_diffrn_radiation_wavelength.id           1 
_diffrn_radiation_wavelength.wavelength   0.729405 
_diffrn_radiation_wavelength.wt           1.0 
# 
_diffrn_source.current                     ? 
_diffrn_source.details                     ? 
_diffrn_source.diffrn_id                   1 
_diffrn_source.power                       ? 
_diffrn_source.size                        ? 
_diffrn_source.source                      SYNCHROTRON 
_diffrn_source.target                      ? 
_diffrn_source.type                        'APS BEAMLINE 21-ID-D' 
_diffrn_source.voltage                     ? 
_diffrn_source.take-off_angle              ? 
_diffrn_source.pdbx_wavelength_list        0.729405 
_diffrn_source.pdbx_wavelength             ? 
_diffrn_source.pdbx_synchrotron_beamline   21-ID-D 
_diffrn_source.pdbx_synchrotron_site       APS 
# 
_reflns.B_iso_Wilson_estimate                          4.06 
_reflns.entry_id                                       9BZY 
_reflns.data_reduction_details                         ? 
_reflns.data_reduction_method                          ? 
_reflns.d_resolution_high                              1.02 
_reflns.d_resolution_low                               13.86 
_reflns.details                                        ? 
_reflns.limit_h_max                                    ? 
_reflns.limit_h_min                                    ? 
_reflns.limit_k_max                                    ? 
_reflns.limit_k_min                                    ? 
_reflns.limit_l_max                                    ? 
_reflns.limit_l_min                                    ? 
_reflns.number_all                                     ? 
_reflns.number_obs                                     10082 
_reflns.observed_criterion                             ? 
_reflns.observed_criterion_F_max                       ? 
_reflns.observed_criterion_F_min                       ? 
_reflns.observed_criterion_I_max                       ? 
_reflns.observed_criterion_I_min                       ? 
_reflns.observed_criterion_sigma_F                     ? 
_reflns.observed_criterion_sigma_I                     ? 
_reflns.percent_possible_obs                           92.46 
_reflns.R_free_details                                 ? 
_reflns.Rmerge_F_all                                   ? 
_reflns.Rmerge_F_obs                                   ? 
_reflns.Friedel_coverage                               ? 
_reflns.number_gt                                      ? 
_reflns.threshold_expression                           ? 
_reflns.pdbx_redundancy                                6.6 
_reflns.pdbx_netI_over_av_sigmaI                       ? 
_reflns.pdbx_netI_over_sigmaI                          26.38 
_reflns.pdbx_res_netI_over_av_sigmaI_2                 ? 
_reflns.pdbx_res_netI_over_sigmaI_2                    ? 
_reflns.pdbx_chi_squared                               ? 
_reflns.pdbx_scaling_rejects                           ? 
_reflns.pdbx_d_res_high_opt                            ? 
_reflns.pdbx_d_res_low_opt                             ? 
_reflns.pdbx_d_res_opt_method                          ? 
_reflns.phase_calculation_details                      ? 
_reflns.pdbx_Rrim_I_all                                ? 
_reflns.pdbx_Rpim_I_all                                ? 
_reflns.pdbx_d_opt                                     ? 
_reflns.pdbx_number_measured_all                       ? 
_reflns.pdbx_diffrn_id                                 1 
_reflns.pdbx_ordinal                                   1 
_reflns.pdbx_CC_half                                   0.999 
_reflns.pdbx_CC_star                                   ? 
_reflns.pdbx_R_split                                   ? 
_reflns.pdbx_Rmerge_I_obs                              ? 
_reflns.pdbx_Rmerge_I_all                              ? 
_reflns.pdbx_Rsym_value                                ? 
_reflns.pdbx_CC_split_method                           ? 
_reflns.pdbx_aniso_diffraction_limit_axis_1_ortho[1]   ? 
_reflns.pdbx_aniso_diffraction_limit_axis_1_ortho[2]   ? 
_reflns.pdbx_aniso_diffraction_limit_axis_1_ortho[3]   ? 
_reflns.pdbx_aniso_diffraction_limit_axis_2_ortho[1]   ? 
_reflns.pdbx_aniso_diffraction_limit_axis_2_ortho[2]   ? 
_reflns.pdbx_aniso_diffraction_limit_axis_2_ortho[3]   ? 
_reflns.pdbx_aniso_diffraction_limit_axis_3_ortho[1]   ? 
_reflns.pdbx_aniso_diffraction_limit_axis_3_ortho[2]   ? 
_reflns.pdbx_aniso_diffraction_limit_axis_3_ortho[3]   ? 
_reflns.pdbx_aniso_diffraction_limit_1                 ? 
_reflns.pdbx_aniso_diffraction_limit_2                 ? 
_reflns.pdbx_aniso_diffraction_limit_3                 ? 
_reflns.pdbx_aniso_B_tensor_eigenvector_1_ortho[1]     ? 
_reflns.pdbx_aniso_B_tensor_eigenvector_1_ortho[2]     ? 
_reflns.pdbx_aniso_B_tensor_eigenvector_1_ortho[3]     ? 
_reflns.pdbx_aniso_B_tensor_eigenvector_2_ortho[1]     ? 
_reflns.pdbx_aniso_B_tensor_eigenvector_2_ortho[2]     ? 
_reflns.pdbx_aniso_B_tensor_eigenvector_2_ortho[3]     ? 
_reflns.pdbx_aniso_B_tensor_eigenvector_3_ortho[1]     ? 
_reflns.pdbx_aniso_B_tensor_eigenvector_3_ortho[2]     ? 
_reflns.pdbx_aniso_B_tensor_eigenvector_3_ortho[3]     ? 
_reflns.pdbx_aniso_B_tensor_eigenvalue_1               ? 
_reflns.pdbx_aniso_B_tensor_eigenvalue_2               ? 
_reflns.pdbx_aniso_B_tensor_eigenvalue_3               ? 
_reflns.pdbx_orthogonalization_convention              ? 
_reflns.pdbx_percent_possible_ellipsoidal              ? 
_reflns.pdbx_percent_possible_spherical                ? 
_reflns.pdbx_percent_possible_ellipsoidal_anomalous    ? 
_reflns.pdbx_percent_possible_spherical_anomalous      ? 
_reflns.pdbx_redundancy_anomalous                      ? 
_reflns.pdbx_CC_half_anomalous                         ? 
_reflns.pdbx_absDiff_over_sigma_anomalous              ? 
_reflns.pdbx_percent_possible_anomalous                ? 
_reflns.pdbx_observed_signal_threshold                 ? 
_reflns.pdbx_signal_type                               ? 
_reflns.pdbx_signal_details                            ? 
_reflns.pdbx_signal_software_id                        ? 
# 
_reflns_shell.d_res_high                                    1.02 
_reflns_shell.d_res_low                                     1.056 
_reflns_shell.meanI_over_sigI_all                           ? 
_reflns_shell.meanI_over_sigI_obs                           ? 
_reflns_shell.number_measured_all                           ? 
_reflns_shell.number_measured_obs                           ? 
_reflns_shell.number_possible                               ? 
_reflns_shell.number_unique_all                             ? 
_reflns_shell.number_unique_obs                             672 
_reflns_shell.percent_possible_obs                          ? 
_reflns_shell.Rmerge_F_all                                  ? 
_reflns_shell.Rmerge_F_obs                                  ? 
_reflns_shell.meanI_over_sigI_gt                            ? 
_reflns_shell.meanI_over_uI_all                             ? 
_reflns_shell.meanI_over_uI_gt                              ? 
_reflns_shell.number_measured_gt                            ? 
_reflns_shell.number_unique_gt                              ? 
_reflns_shell.percent_possible_gt                           ? 
_reflns_shell.Rmerge_F_gt                                   ? 
_reflns_shell.Rmerge_I_gt                                   ? 
_reflns_shell.pdbx_redundancy                               ? 
_reflns_shell.pdbx_chi_squared                              ? 
_reflns_shell.pdbx_netI_over_sigmaI_all                     ? 
_reflns_shell.pdbx_netI_over_sigmaI_obs                     ? 
_reflns_shell.pdbx_Rrim_I_all                               ? 
_reflns_shell.pdbx_Rpim_I_all                               ? 
_reflns_shell.pdbx_rejects                                  ? 
_reflns_shell.pdbx_ordinal                                  1 
_reflns_shell.pdbx_diffrn_id                                1 
_reflns_shell.pdbx_CC_half                                  0.996 
_reflns_shell.pdbx_CC_star                                  ? 
_reflns_shell.pdbx_R_split                                  ? 
_reflns_shell.percent_possible_all                          ? 
_reflns_shell.Rmerge_I_all                                  ? 
_reflns_shell.Rmerge_I_obs                                  ? 
_reflns_shell.pdbx_Rsym_value                               ? 
_reflns_shell.pdbx_percent_possible_ellipsoidal             ? 
_reflns_shell.pdbx_percent_possible_spherical               ? 
_reflns_shell.pdbx_percent_possible_ellipsoidal_anomalous   ? 
_reflns_shell.pdbx_percent_possible_spherical_anomalous     ? 
_reflns_shell.pdbx_redundancy_anomalous                     ? 
_reflns_shell.pdbx_CC_half_anomalous                        ? 
_reflns_shell.pdbx_absDiff_over_sigma_anomalous             ? 
_reflns_shell.pdbx_percent_possible_anomalous               ? 
# 
_refine.aniso_B[1][1]                            ? 
_refine.aniso_B[1][2]                            ? 
_refine.aniso_B[1][3]                            ? 
_refine.aniso_B[2][2]                            ? 
_refine.aniso_B[2][3]                            ? 
_refine.aniso_B[3][3]                            ? 
_refine.B_iso_max                                ? 
_refine.B_iso_mean                               8.60 
_refine.B_iso_min                                ? 
_refine.correlation_coeff_Fo_to_Fc               ? 
_refine.correlation_coeff_Fo_to_Fc_free          ? 
_refine.details                                  ? 
_refine.diff_density_max                         ? 
_refine.diff_density_max_esd                     ? 
_refine.diff_density_min                         ? 
_refine.diff_density_min_esd                     ? 
_refine.diff_density_rms                         ? 
_refine.diff_density_rms_esd                     ? 
_refine.entry_id                                 9BZY 
_refine.pdbx_refine_id                           'X-RAY DIFFRACTION' 
_refine.ls_abs_structure_details                 ? 
_refine.ls_abs_structure_Flack                   ? 
_refine.ls_abs_structure_Flack_esd               ? 
_refine.ls_abs_structure_Rogers                  ? 
_refine.ls_abs_structure_Rogers_esd              ? 
_refine.ls_d_res_high                            1.02 
_refine.ls_d_res_low                             13.86 
_refine.ls_extinction_coef                       ? 
_refine.ls_extinction_coef_esd                   ? 
_refine.ls_extinction_expression                 ? 
_refine.ls_extinction_method                     ? 
_refine.ls_goodness_of_fit_all                   ? 
_refine.ls_goodness_of_fit_all_esd               ? 
_refine.ls_goodness_of_fit_obs                   ? 
_refine.ls_goodness_of_fit_obs_esd               ? 
_refine.ls_hydrogen_treatment                    ? 
_refine.ls_matrix_type                           ? 
_refine.ls_number_constraints                    ? 
_refine.ls_number_parameters                     ? 
_refine.ls_number_reflns_all                     ? 
_refine.ls_number_reflns_obs                     10082 
_refine.ls_number_reflns_R_free                  1900 
_refine.ls_number_reflns_R_work                  17133 
_refine.ls_number_restraints                     ? 
_refine.ls_percent_reflns_obs                    92.40 
_refine.ls_percent_reflns_R_free                 9.98 
_refine.ls_R_factor_all                          ? 
_refine.ls_R_factor_obs                          0.1001 
_refine.ls_R_factor_R_free                       0.1183 
_refine.ls_R_factor_R_free_error                 ? 
_refine.ls_R_factor_R_free_error_details         ? 
_refine.ls_R_factor_R_work                       0.0981 
_refine.ls_R_Fsqd_factor_obs                     ? 
_refine.ls_R_I_factor_obs                        ? 
_refine.ls_redundancy_reflns_all                 ? 
_refine.ls_redundancy_reflns_obs                 ? 
_refine.ls_restrained_S_all                      ? 
_refine.ls_restrained_S_obs                      ? 
_refine.ls_shift_over_esd_max                    ? 
_refine.ls_shift_over_esd_mean                   ? 
_refine.ls_structure_factor_coef                 ? 
_refine.ls_weighting_details                     ? 
_refine.ls_weighting_scheme                      ? 
_refine.ls_wR_factor_all                         ? 
_refine.ls_wR_factor_obs                         ? 
_refine.ls_wR_factor_R_free                      ? 
_refine.ls_wR_factor_R_work                      ? 
_refine.occupancy_max                            ? 
_refine.occupancy_min                            ? 
_refine.solvent_model_details                    'FLAT BULK SOLVENT MODEL' 
_refine.solvent_model_param_bsol                 ? 
_refine.solvent_model_param_ksol                 ? 
_refine.pdbx_R_complete                          ? 
_refine.ls_R_factor_gt                           ? 
_refine.ls_goodness_of_fit_gt                    ? 
_refine.ls_goodness_of_fit_ref                   ? 
_refine.ls_shift_over_su_max                     ? 
_refine.ls_shift_over_su_max_lt                  ? 
_refine.ls_shift_over_su_mean                    ? 
_refine.ls_shift_over_su_mean_lt                 ? 
_refine.pdbx_ls_sigma_I                          ? 
_refine.pdbx_ls_sigma_F                          1.38 
_refine.pdbx_ls_sigma_Fsqd                       ? 
_refine.pdbx_data_cutoff_high_absF               ? 
_refine.pdbx_data_cutoff_high_rms_absF           ? 
_refine.pdbx_data_cutoff_low_absF                ? 
_refine.pdbx_isotropic_thermal_model             ? 
_refine.pdbx_ls_cross_valid_method               'FREE R-VALUE' 
_refine.pdbx_method_to_determine_struct          'MOLECULAR REPLACEMENT' 
_refine.pdbx_starting_model                      ? 
_refine.pdbx_stereochemistry_target_values       'GeoStd + Monomer Library + CDL v1.2' 
_refine.pdbx_R_Free_selection_details            ? 
_refine.pdbx_stereochem_target_val_spec_case     ? 
_refine.pdbx_overall_ESU_R                       ? 
_refine.pdbx_overall_ESU_R_Free                  ? 
_refine.pdbx_solvent_vdw_probe_radii             1.1000 
_refine.pdbx_solvent_ion_probe_radii             ? 
_refine.pdbx_solvent_shrinkage_radii             0.9000 
_refine.pdbx_real_space_R                        ? 
_refine.pdbx_density_correlation                 ? 
_refine.pdbx_pd_number_of_powder_patterns        ? 
_refine.pdbx_pd_number_of_points                 ? 
_refine.pdbx_pd_meas_number_of_points            ? 
_refine.pdbx_pd_proc_ls_prof_R_factor            ? 
_refine.pdbx_pd_proc_ls_prof_wR_factor           ? 
_refine.pdbx_pd_Marquardt_correlation_coeff      ? 
_refine.pdbx_pd_Fsqrd_R_factor                   ? 
_refine.pdbx_pd_ls_matrix_band_width             ? 
_refine.pdbx_overall_phase_error                 13.2529 
_refine.pdbx_overall_SU_R_free_Cruickshank_DPI   ? 
_refine.pdbx_overall_SU_R_free_Blow_DPI          ? 
_refine.pdbx_overall_SU_R_Blow_DPI               ? 
_refine.pdbx_TLS_residual_ADP_flag               ? 
_refine.pdbx_diffrn_id                           1 
_refine.overall_SU_B                             ? 
_refine.overall_SU_ML                            0.0535 
_refine.overall_SU_R_Cruickshank_DPI             ? 
_refine.overall_SU_R_free                        ? 
_refine.overall_FOM_free_R_set                   ? 
_refine.overall_FOM_work_R_set                   ? 
_refine.pdbx_average_fsc_overall                 ? 
_refine.pdbx_average_fsc_work                    ? 
_refine.pdbx_average_fsc_free                    ? 
# 
_refine_hist.pdbx_refine_id                   'X-RAY DIFFRACTION' 
_refine_hist.cycle_id                         LAST 
_refine_hist.details                          ? 
_refine_hist.d_res_high                       1.02 
_refine_hist.d_res_low                        13.86 
_refine_hist.number_atoms_solvent             0 
_refine_hist.number_atoms_total               264 
_refine_hist.number_reflns_all                ? 
_refine_hist.number_reflns_obs                ? 
_refine_hist.number_reflns_R_free             ? 
_refine_hist.number_reflns_R_work             ? 
_refine_hist.R_factor_all                     ? 
_refine_hist.R_factor_obs                     ? 
_refine_hist.R_factor_R_free                  ? 
_refine_hist.R_factor_R_work                  ? 
_refine_hist.pdbx_number_residues_total       ? 
_refine_hist.pdbx_B_iso_mean_ligand           ? 
_refine_hist.pdbx_B_iso_mean_solvent          ? 
_refine_hist.pdbx_number_atoms_protein        162 
_refine_hist.pdbx_number_atoms_nucleic_acid   0 
_refine_hist.pdbx_number_atoms_ligand         102 
_refine_hist.pdbx_number_atoms_lipid          ? 
_refine_hist.pdbx_number_atoms_carb           ? 
_refine_hist.pdbx_pseudo_atom_details         ? 
# 
loop_
_refine_ls_restr.pdbx_refine_id 
_refine_ls_restr.criterion 
_refine_ls_restr.dev_ideal 
_refine_ls_restr.dev_ideal_target 
_refine_ls_restr.number 
_refine_ls_restr.rejects 
_refine_ls_restr.type 
_refine_ls_restr.weight 
_refine_ls_restr.pdbx_restraint_function 
'X-RAY DIFFRACTION' ? 0.0115  ? 326 ? f_bond_d           ? ? 
'X-RAY DIFFRACTION' ? 1.9777  ? 440 ? f_angle_d          ? ? 
'X-RAY DIFFRACTION' ? 0.0452  ? 16  ? f_chiral_restr     ? ? 
'X-RAY DIFFRACTION' ? 0.0076  ? 48  ? f_plane_restr      ? ? 
'X-RAY DIFFRACTION' ? 37.0736 ? 42  ? f_dihedral_angle_d ? ? 
# 
loop_
_refine_ls_shell.pdbx_refine_id 
_refine_ls_shell.d_res_high 
_refine_ls_shell.d_res_low 
_refine_ls_shell.number_reflns_all 
_refine_ls_shell.number_reflns_obs 
_refine_ls_shell.number_reflns_R_free 
_refine_ls_shell.number_reflns_R_work 
_refine_ls_shell.percent_reflns_obs 
_refine_ls_shell.percent_reflns_R_free 
_refine_ls_shell.R_factor_all 
_refine_ls_shell.R_factor_obs 
_refine_ls_shell.R_factor_R_free_error 
_refine_ls_shell.R_factor_R_work 
_refine_ls_shell.redundancy_reflns_all 
_refine_ls_shell.redundancy_reflns_obs 
_refine_ls_shell.wR_factor_all 
_refine_ls_shell.wR_factor_obs 
_refine_ls_shell.wR_factor_R_free 
_refine_ls_shell.wR_factor_R_work 
_refine_ls_shell.pdbx_R_complete 
_refine_ls_shell.pdbx_total_number_of_bins_used 
_refine_ls_shell.pdbx_phase_error 
_refine_ls_shell.pdbx_fsc_work 
_refine_ls_shell.pdbx_fsc_free 
_refine_ls_shell.R_factor_R_free 
'X-RAY DIFFRACTION' 1.02 1.05 . . 87  816  62.40 . . . . 0.1062 . . . . . . . . . . . 0.1435 
'X-RAY DIFFRACTION' 1.05 1.07 . . 130 1018 76.69 . . . . 0.0993 . . . . . . . . . . . 0.1626 
'X-RAY DIFFRACTION' 1.07 1.11 . . 133 1153 90.76 . . . . 0.1013 . . . . . . . . . . . 0.1331 
'X-RAY DIFFRACTION' 1.11 1.14 . . 138 1276 92.90 . . . . 0.1017 . . . . . . . . . . . 0.1443 
'X-RAY DIFFRACTION' 1.14 1.18 . . 141 1242 97.33 . . . . 0.0964 . . . . . . . . . . . 0.1185 
'X-RAY DIFFRACTION' 1.18 1.23 . . 138 1331 96.45 . . . . 0.0891 . . . . . . . . . . . 0.1072 
'X-RAY DIFFRACTION' 1.23 1.28 . . 144 1281 98.34 . . . . 0.0948 . . . . . . . . . . . 0.1312 
'X-RAY DIFFRACTION' 1.29 1.35 . . 147 1285 97.41 . . . . 0.0930 . . . . . . . . . . . 0.1392 
'X-RAY DIFFRACTION' 1.35 1.44 . . 138 1276 97.12 . . . . 0.0964 . . . . . . . . . . . 0.1251 
'X-RAY DIFFRACTION' 1.44 1.55 . . 131 1305 95.10 . . . . 0.0941 . . . . . . . . . . . 0.1223 
'X-RAY DIFFRACTION' 1.55 1.70 . . 161 1282 98.43 . . . . 0.1019 . . . . . . . . . . . 0.1068 
'X-RAY DIFFRACTION' 1.70 1.95 . . 147 1321 98.86 . . . . 0.0890 . . . . . . . . . . . 0.1007 
'X-RAY DIFFRACTION' 1.95 2.46 . . 130 1285 97.92 . . . . 0.0954 . . . . . . . . . . . 0.1054 
# 
_struct.entry_id                     9BZY 
_struct.title                        'UIC-1 peptide bound with m-xylene' 
_struct.pdbx_model_details           ? 
_struct.pdbx_formula_weight          ? 
_struct.pdbx_formula_weight_method   ? 
_struct.pdbx_model_type_details      ? 
_struct.pdbx_CASP_flag               N 
# 
_struct_keywords.entry_id        9BZY 
_struct_keywords.text            'synthetic construct, DE NOVO PROTEIN' 
_struct_keywords.pdbx_keywords   'DE NOVO PROTEIN' 
# 
loop_
_struct_asym.id 
_struct_asym.pdbx_blank_PDB_chainid_flag 
_struct_asym.pdbx_modified 
_struct_asym.entity_id 
_struct_asym.details 
A N N 1 ? 
B N N 1 ? 
C N N 2 ? 
D N N 3 ? 
E N N 4 ? 
F N N 4 ? 
G N N 4 ? 
H N N 4 ? 
I N N 4 ? 
J N N 2 ? 
K N N 3 ? 
L N N 4 ? 
M N N 4 ? 
N N N 4 ? 
# 
_struct_ref.id                         1 
_struct_ref.db_name                    PDB 
_struct_ref.db_code                    9BZY 
_struct_ref.pdbx_db_accession          9BZY 
_struct_ref.pdbx_db_isoform            ? 
_struct_ref.entity_id                  1 
_struct_ref.pdbx_seq_one_letter_code   ? 
_struct_ref.pdbx_align_begin           1 
# 
loop_
_struct_ref_seq.align_id 
_struct_ref_seq.ref_id 
_struct_ref_seq.pdbx_PDB_id_code 
_struct_ref_seq.pdbx_strand_id 
_struct_ref_seq.seq_align_beg 
_struct_ref_seq.pdbx_seq_align_beg_ins_code 
_struct_ref_seq.seq_align_end 
_struct_ref_seq.pdbx_seq_align_end_ins_code 
_struct_ref_seq.pdbx_db_accession 
_struct_ref_seq.db_align_beg 
_struct_ref_seq.pdbx_db_align_beg_ins_code 
_struct_ref_seq.db_align_end 
_struct_ref_seq.pdbx_db_align_end_ins_code 
_struct_ref_seq.pdbx_auth_seq_align_beg 
_struct_ref_seq.pdbx_auth_seq_align_end 
1 1 9BZY A 1 ? 9 ? 9BZY 2 ? 10 ? 2 10 
2 1 9BZY B 1 ? 9 ? 9BZY 2 ? 10 ? 2 10 
# 
loop_
_pdbx_struct_assembly.id 
_pdbx_struct_assembly.details 
_pdbx_struct_assembly.method_details 
_pdbx_struct_assembly.oligomeric_details 
_pdbx_struct_assembly.oligomeric_count 
1 author_and_software_defined_assembly PISA monomeric 1 
2 author_and_software_defined_assembly PISA monomeric 1 
# 
loop_
_pdbx_struct_assembly_gen.assembly_id 
_pdbx_struct_assembly_gen.oper_expression 
_pdbx_struct_assembly_gen.asym_id_list 
1 1 A,C,D,E,F,G,H,I 
2 1 B,J,K,L,M,N     
# 
_pdbx_struct_oper_list.id                   1 
_pdbx_struct_oper_list.type                 'identity operation' 
_pdbx_struct_oper_list.name                 1_555 
_pdbx_struct_oper_list.symmetry_operation   x,y,z 
_pdbx_struct_oper_list.matrix[1][1]         1.0000000000 
_pdbx_struct_oper_list.matrix[1][2]         0.0000000000 
_pdbx_struct_oper_list.matrix[1][3]         0.0000000000 
_pdbx_struct_oper_list.vector[1]            0.0000000000 
_pdbx_struct_oper_list.matrix[2][1]         0.0000000000 
_pdbx_struct_oper_list.matrix[2][2]         1.0000000000 
_pdbx_struct_oper_list.matrix[2][3]         0.0000000000 
_pdbx_struct_oper_list.vector[2]            0.0000000000 
_pdbx_struct_oper_list.matrix[3][1]         0.0000000000 
_pdbx_struct_oper_list.matrix[3][2]         0.0000000000 
_pdbx_struct_oper_list.matrix[3][3]         1.0000000000 
_pdbx_struct_oper_list.vector[3]            0.0000000000 
# 
loop_
_struct_conf.conf_type_id 
_struct_conf.id 
_struct_conf.pdbx_PDB_helix_id 
_struct_conf.beg_label_comp_id 
_struct_conf.beg_label_asym_id 
_struct_conf.beg_label_seq_id 
_struct_conf.pdbx_beg_PDB_ins_code 
_struct_conf.end_label_comp_id 
_struct_conf.end_label_asym_id 
_struct_conf.end_label_seq_id 
_struct_conf.pdbx_end_PDB_ins_code 
_struct_conf.beg_auth_comp_id 
_struct_conf.beg_auth_asym_id 
_struct_conf.beg_auth_seq_id 
_struct_conf.end_auth_comp_id 
_struct_conf.end_auth_asym_id 
_struct_conf.end_auth_seq_id 
_struct_conf.pdbx_PDB_helix_class 
_struct_conf.details 
_struct_conf.pdbx_PDB_helix_length 
HELX_P HELX_P1 AA1 LEU A 1 ? GLN A 7 ? LEU A 2 GLN A 8 1 ? 7 
HELX_P HELX_P2 AA2 AIB B 2 ? GLN B 7 ? AIB B 3 GLN B 8 1 ? 6 
# 
_struct_conf_type.id          HELX_P 
_struct_conf_type.criteria    ? 
_struct_conf_type.reference   ? 
# 
loop_
_struct_conn.id 
_struct_conn.conn_type_id 
_struct_conn.pdbx_leaving_atom_flag 
_struct_conn.pdbx_PDB_id 
_struct_conn.ptnr1_label_asym_id 
_struct_conn.ptnr1_label_comp_id 
_struct_conn.ptnr1_label_seq_id 
_struct_conn.ptnr1_label_atom_id 
_struct_conn.pdbx_ptnr1_label_alt_id 
_struct_conn.pdbx_ptnr1_PDB_ins_code 
_struct_conn.pdbx_ptnr1_standard_comp_id 
_struct_conn.ptnr1_symmetry 
_struct_conn.ptnr2_label_asym_id 
_struct_conn.ptnr2_label_comp_id 
_struct_conn.ptnr2_label_seq_id 
_struct_conn.ptnr2_label_atom_id 
_struct_conn.pdbx_ptnr2_label_alt_id 
_struct_conn.pdbx_ptnr2_PDB_ins_code 
_struct_conn.ptnr1_auth_asym_id 
_struct_conn.ptnr1_auth_comp_id 
_struct_conn.ptnr1_auth_seq_id 
_struct_conn.ptnr2_auth_asym_id 
_struct_conn.ptnr2_auth_comp_id 
_struct_conn.ptnr2_auth_seq_id 
_struct_conn.ptnr2_symmetry 
_struct_conn.pdbx_ptnr3_label_atom_id 
_struct_conn.pdbx_ptnr3_label_seq_id 
_struct_conn.pdbx_ptnr3_label_comp_id 
_struct_conn.pdbx_ptnr3_label_asym_id 
_struct_conn.pdbx_ptnr3_label_alt_id 
_struct_conn.pdbx_ptnr3_PDB_ins_code 
_struct_conn.details 
_struct_conn.pdbx_dist_value 
_struct_conn.pdbx_value_order 
_struct_conn.pdbx_role 
covale1  covale both ? A LEU 1 C ? ? ? 1_555 A AIB 2 N   ? ? A LEU 2  A AIB 3   1_555 ? ? ? ? ? ? ? 1.335 ? ? 
covale2  covale both ? A LEU 1 N ? ? ? 1_555 D I6W . C02 A ? A LEU 2  A I6W 102 1_555 ? ? ? ? ? ? ? 1.420 ? ? 
covale3  covale both ? A LEU 1 N ? ? ? 1_555 D I6W . C02 B ? A LEU 2  A I6W 102 1_555 ? ? ? ? ? ? ? 1.428 ? ? 
covale4  covale both ? A AIB 2 C ? ? ? 1_555 A ALA 3 N   ? ? A AIB 3  A ALA 4   1_555 ? ? ? ? ? ? ? 1.335 ? ? 
covale5  covale both ? A ALA 3 C ? ? ? 1_555 A AIB 4 N   ? ? A ALA 4  A AIB 5   1_555 ? ? ? ? ? ? ? 1.334 ? ? 
covale6  covale both ? A AIB 4 C ? ? ? 1_555 A LEU 5 N   ? ? A AIB 5  A LEU 6   1_555 ? ? ? ? ? ? ? 1.328 ? ? 
covale7  covale both ? A LEU 5 C ? ? ? 1_555 A AIB 6 N   ? ? A LEU 6  A AIB 7   1_555 ? ? ? ? ? ? ? 1.333 ? ? 
covale8  covale both ? A AIB 6 C ? ? ? 1_555 A GLN 7 N   ? ? A AIB 7  A GLN 8   1_555 ? ? ? ? ? ? ? 1.334 ? ? 
covale9  covale both ? A GLN 7 C ? ? ? 1_555 A AIB 8 N   ? ? A GLN 8  A AIB 9   1_555 ? ? ? ? ? ? ? 1.337 ? ? 
covale10 covale both ? A AIB 8 C ? ? ? 1_555 A LEU 9 N   ? ? A AIB 9  A LEU 10  1_555 ? ? ? ? ? ? ? 1.337 ? ? 
covale11 covale both ? A LEU 9 C ? ? ? 1_555 C I77 . N15 ? ? A LEU 10 A I77 101 1_555 ? ? ? ? ? ? ? 1.417 ? ? 
covale12 covale both ? B LEU 1 C ? ? ? 1_555 B AIB 2 N   ? ? B LEU 2  B AIB 3   1_555 ? ? ? ? ? ? ? 1.331 ? ? 
covale13 covale both ? B LEU 1 N ? ? ? 1_555 K I6W . C02 ? ? B LEU 2  B I6W 102 1_555 ? ? ? ? ? ? ? 1.415 ? ? 
covale14 covale both ? B AIB 2 C ? ? ? 1_555 B ALA 3 N   ? ? B AIB 3  B ALA 4   1_555 ? ? ? ? ? ? ? 1.342 ? ? 
covale15 covale both ? B ALA 3 C ? ? ? 1_555 B AIB 4 N   ? ? B ALA 4  B AIB 5   1_555 ? ? ? ? ? ? ? 1.336 ? ? 
covale16 covale both ? B AIB 4 C ? ? ? 1_555 B LEU 5 N   ? ? B AIB 5  B LEU 6   1_555 ? ? ? ? ? ? ? 1.333 ? ? 
covale17 covale both ? B LEU 5 C ? ? ? 1_555 B AIB 6 N   ? ? B LEU 6  B AIB 7   1_555 ? ? ? ? ? ? ? 1.336 ? ? 
covale18 covale both ? B AIB 6 C ? ? ? 1_555 B GLN 7 N   ? ? B AIB 7  B GLN 8   1_555 ? ? ? ? ? ? ? 1.335 ? ? 
covale19 covale both ? B GLN 7 C ? ? ? 1_555 B AIB 8 N   ? ? B GLN 8  B AIB 9   1_555 ? ? ? ? ? ? ? 1.338 ? ? 
covale20 covale both ? B AIB 8 C ? ? ? 1_555 B LEU 9 N   ? ? B AIB 9  B LEU 10  1_555 ? ? ? ? ? ? ? 1.341 ? ? 
covale21 covale both ? B LEU 9 C ? ? ? 1_555 J I77 . N15 ? ? B LEU 10 B I77 101 1_555 ? ? ? ? ? ? ? 1.417 ? ? 
# 
_struct_conn_type.id          covale 
_struct_conn_type.criteria    ? 
_struct_conn_type.reference   ? 
# 
loop_
_pdbx_modification_feature.ordinal 
_pdbx_modification_feature.label_comp_id 
_pdbx_modification_feature.label_asym_id 
_pdbx_modification_feature.label_seq_id 
_pdbx_modification_feature.label_alt_id 
_pdbx_modification_feature.modified_residue_label_comp_id 
_pdbx_modification_feature.modified_residue_label_asym_id 
_pdbx_modification_feature.modified_residue_label_seq_id 
_pdbx_modification_feature.modified_residue_label_alt_id 
_pdbx_modification_feature.auth_comp_id 
_pdbx_modification_feature.auth_asym_id 
_pdbx_modification_feature.auth_seq_id 
_pdbx_modification_feature.PDB_ins_code 
_pdbx_modification_feature.symmetry 
_pdbx_modification_feature.modified_residue_auth_comp_id 
_pdbx_modification_feature.modified_residue_auth_asym_id 
_pdbx_modification_feature.modified_residue_auth_seq_id 
_pdbx_modification_feature.modified_residue_PDB_ins_code 
_pdbx_modification_feature.modified_residue_symmetry 
_pdbx_modification_feature.comp_id_linking_atom 
_pdbx_modification_feature.modified_residue_id_linking_atom 
_pdbx_modification_feature.modified_residue_id 
_pdbx_modification_feature.ref_pcm_id 
_pdbx_modification_feature.ref_comp_id 
_pdbx_modification_feature.type 
_pdbx_modification_feature.category 
1  AIB A 2 ? .   . . . AIB A 3   ? 1_555 .   . .  . .     .   . ALA 1 AIB Methylation 'Named protein modification'     
2  AIB A 4 ? .   . . . AIB A 5   ? 1_555 .   . .  . .     .   . ALA 1 AIB Methylation 'Named protein modification'     
3  AIB A 6 ? .   . . . AIB A 7   ? 1_555 .   . .  . .     .   . ALA 1 AIB Methylation 'Named protein modification'     
4  AIB A 8 ? .   . . . AIB A 9   ? 1_555 .   . .  . .     .   . ALA 1 AIB Methylation 'Named protein modification'     
5  AIB B 2 ? .   . . . AIB B 3   ? 1_555 .   . .  . .     .   . ALA 1 AIB Methylation 'Named protein modification'     
6  AIB B 4 ? .   . . . AIB B 5   ? 1_555 .   . .  . .     .   . ALA 1 AIB Methylation 'Named protein modification'     
7  AIB B 6 ? .   . . . AIB B 7   ? 1_555 .   . .  . .     .   . ALA 1 AIB Methylation 'Named protein modification'     
8  AIB B 8 ? .   . . . AIB B 9   ? 1_555 .   . .  . .     .   . ALA 1 AIB Methylation 'Named protein modification'     
9  I77 C . ? LEU A 9 ? I77 A 101 ? 1_555 LEU A 10 ? 1_555 N15 C LEU 1 I77 None        'Covalent chemical modification' 
10 I6W D . A LEU A 1 ? I6W A 102 ? 1_555 LEU A 2  ? 1_555 C02 N LEU 1 I6W None        'Covalent chemical modification' 
11 I6W D . B LEU A 1 ? I6W A 102 ? 1_555 LEU A 2  ? 1_555 C02 N LEU 1 I6W None        'Covalent chemical modification' 
12 I77 J . ? LEU B 9 ? I77 B 101 ? 1_555 LEU B 10 ? 1_555 N15 C LEU 1 I77 None        'Covalent chemical modification' 
13 I6W K . ? LEU B 1 ? I6W B 102 ? 1_555 LEU B 2  ? 1_555 C02 N LEU 1 I6W None        'Covalent chemical modification' 
# 
_pdbx_entry_details.entry_id                   9BZY 
_pdbx_entry_details.nonpolymer_details         ? 
_pdbx_entry_details.sequence_details           ? 
_pdbx_entry_details.compound_details           ? 
_pdbx_entry_details.source_details             ? 
_pdbx_entry_details.has_ligand_of_interest     Y 
_pdbx_entry_details.has_protein_modification   Y 
# 
loop_
_space_group_symop.id 
_space_group_symop.operation_xyz 
1 x,y,z       
2 -x,y+1/2,-z 
# 
loop_
_chem_comp_atom.comp_id 
_chem_comp_atom.atom_id 
_chem_comp_atom.type_symbol 
_chem_comp_atom.pdbx_aromatic_flag 
_chem_comp_atom.pdbx_stereo_config 
_chem_comp_atom.pdbx_ordinal 
8VH C01  C Y N 1   
8VH C02  C Y N 2   
8VH C03  C Y N 3   
8VH C04  C Y N 4   
8VH C05  C Y N 5   
8VH C06  C Y N 6   
8VH C07  C N N 7   
8VH C08  C N N 8   
8VH H1   H N N 9   
8VH H2   H N N 10  
8VH H3   H N N 11  
8VH H4   H N N 12  
8VH H5   H N N 13  
8VH H6   H N N 14  
8VH H7   H N N 15  
8VH H8   H N N 16  
8VH H9   H N N 17  
8VH H10  H N N 18  
AIB N    N N N 19  
AIB CA   C N N 20  
AIB C    C N N 21  
AIB O    O N N 22  
AIB OXT  O N N 23  
AIB CB1  C N N 24  
AIB CB2  C N N 25  
AIB H    H N N 26  
AIB H2   H N N 27  
AIB HXT  H N N 28  
AIB HB11 H N N 29  
AIB HB12 H N N 30  
AIB HB13 H N N 31  
AIB HB21 H N N 32  
AIB HB22 H N N 33  
AIB HB23 H N N 34  
ALA N    N N N 35  
ALA CA   C N S 36  
ALA C    C N N 37  
ALA O    O N N 38  
ALA CB   C N N 39  
ALA OXT  O N N 40  
ALA H    H N N 41  
ALA H2   H N N 42  
ALA HA   H N N 43  
ALA HB1  H N N 44  
ALA HB2  H N N 45  
ALA HB3  H N N 46  
ALA HXT  H N N 47  
GLN N    N N N 48  
GLN CA   C N S 49  
GLN C    C N N 50  
GLN O    O N N 51  
GLN CB   C N N 52  
GLN CG   C N N 53  
GLN CD   C N N 54  
GLN OE1  O N N 55  
GLN NE2  N N N 56  
GLN OXT  O N N 57  
GLN H    H N N 58  
GLN H2   H N N 59  
GLN HA   H N N 60  
GLN HB2  H N N 61  
GLN HB3  H N N 62  
GLN HG2  H N N 63  
GLN HG3  H N N 64  
GLN HE21 H N N 65  
GLN HE22 H N N 66  
GLN HXT  H N N 67  
I6W C05  C Y N 68  
I6W C08  C Y N 69  
I6W C09  C Y N 70  
I6W N10  N Y N 71  
I6W C02  C N N 72  
I6W C03  C Y N 73  
I6W C04  C Y N 74  
I6W C06  C Y N 75  
I6W C11  C Y N 76  
I6W C12  C Y N 77  
I6W C13  C N N 78  
I6W C15  C N N 79  
I6W C16  C N N 80  
I6W C18  C Y N 81  
I6W C19  C Y N 82  
I6W N07  N Y N 83  
I6W O01  O N N 84  
I6W O14  O N N 85  
I6W O17  O N N 86  
I6W H051 H N N 87  
I6W H041 H N N 88  
I6W H061 H N N 89  
I6W H111 H N N 90  
I6W H152 H N N 91  
I6W H151 H N N 92  
I6W H162 H N N 93  
I6W H163 H N N 94  
I6W H161 H N N 95  
I6W H181 H N N 96  
I6W H191 H N N 97  
I6W OXT  O N N 98  
I6W HXT  H N N 99  
I77 C11  C Y N 100 
I77 C12  C Y N 101 
I77 C13  C N N 102 
I77 C17  C Y N 103 
I77 C18  C Y N 104 
I77 C02  C N N 105 
I77 C03  C Y N 106 
I77 C04  C Y N 107 
I77 C05  C Y N 108 
I77 C06  C Y N 109 
I77 C08  C Y N 110 
I77 C09  C Y N 111 
I77 N01  N N N 112 
I77 N07  N Y N 113 
I77 N10  N Y N 114 
I77 N14  N N N 115 
I77 N15  N N N 116 
I77 O16  O N N 117 
I77 O19  O N N 118 
I77 H111 H N N 119 
I77 H171 H N N 120 
I77 H181 H N N 121 
I77 H041 H N N 122 
I77 H051 H N N 123 
I77 H061 H N N 124 
I77 H011 H N N 125 
I77 H012 H N N 126 
I77 H141 H N N 127 
I77 H1   H N N 128 
I77 H2   H N N 129 
LEU N    N N N 130 
LEU CA   C N S 131 
LEU C    C N N 132 
LEU O    O N N 133 
LEU CB   C N N 134 
LEU CG   C N N 135 
LEU CD1  C N N 136 
LEU CD2  C N N 137 
LEU OXT  O N N 138 
LEU H    H N N 139 
LEU H2   H N N 140 
LEU HA   H N N 141 
LEU HB2  H N N 142 
LEU HB3  H N N 143 
LEU HG   H N N 144 
LEU HD11 H N N 145 
LEU HD12 H N N 146 
LEU HD13 H N N 147 
LEU HD21 H N N 148 
LEU HD22 H N N 149 
LEU HD23 H N N 150 
LEU HXT  H N N 151 
# 
loop_
_chem_comp_bond.comp_id 
_chem_comp_bond.atom_id_1 
_chem_comp_bond.atom_id_2 
_chem_comp_bond.value_order 
_chem_comp_bond.pdbx_aromatic_flag 
_chem_comp_bond.pdbx_stereo_config 
_chem_comp_bond.pdbx_ordinal 
8VH C08 C01  sing N N 1   
8VH C06 C01  doub Y N 2   
8VH C06 C05  sing Y N 3   
8VH C01 C02  sing Y N 4   
8VH C05 C04  doub Y N 5   
8VH C02 C03  doub Y N 6   
8VH C04 C03  sing Y N 7   
8VH C03 C07  sing N N 8   
8VH C02 H1   sing N N 9   
8VH C04 H2   sing N N 10  
8VH C05 H3   sing N N 11  
8VH C06 H4   sing N N 12  
8VH C07 H5   sing N N 13  
8VH C07 H6   sing N N 14  
8VH C07 H7   sing N N 15  
8VH C08 H8   sing N N 16  
8VH C08 H9   sing N N 17  
8VH C08 H10  sing N N 18  
AIB N   CA   sing N N 19  
AIB N   H    sing N N 20  
AIB N   H2   sing N N 21  
AIB CA  C    sing N N 22  
AIB CA  CB1  sing N N 23  
AIB CA  CB2  sing N N 24  
AIB C   O    doub N N 25  
AIB C   OXT  sing N N 26  
AIB OXT HXT  sing N N 27  
AIB CB1 HB11 sing N N 28  
AIB CB1 HB12 sing N N 29  
AIB CB1 HB13 sing N N 30  
AIB CB2 HB21 sing N N 31  
AIB CB2 HB22 sing N N 32  
AIB CB2 HB23 sing N N 33  
ALA N   CA   sing N N 34  
ALA N   H    sing N N 35  
ALA N   H2   sing N N 36  
ALA CA  C    sing N N 37  
ALA CA  CB   sing N N 38  
ALA CA  HA   sing N N 39  
ALA C   O    doub N N 40  
ALA C   OXT  sing N N 41  
ALA CB  HB1  sing N N 42  
ALA CB  HB2  sing N N 43  
ALA CB  HB3  sing N N 44  
ALA OXT HXT  sing N N 45  
GLN N   CA   sing N N 46  
GLN N   H    sing N N 47  
GLN N   H2   sing N N 48  
GLN CA  C    sing N N 49  
GLN CA  CB   sing N N 50  
GLN CA  HA   sing N N 51  
GLN C   O    doub N N 52  
GLN C   OXT  sing N N 53  
GLN CB  CG   sing N N 54  
GLN CB  HB2  sing N N 55  
GLN CB  HB3  sing N N 56  
GLN CG  CD   sing N N 57  
GLN CG  HG2  sing N N 58  
GLN CG  HG3  sing N N 59  
GLN CD  OE1  doub N N 60  
GLN CD  NE2  sing N N 61  
GLN NE2 HE21 sing N N 62  
GLN NE2 HE22 sing N N 63  
GLN OXT HXT  sing N N 64  
I6W O01 C02  doub N N 65  
I6W C02 C03  sing N N 66  
I6W C03 C06  doub Y N 67  
I6W C03 C04  sing Y N 68  
I6W C06 N07  sing Y N 69  
I6W C04 C05  doub Y N 70  
I6W N07 C08  doub Y N 71  
I6W C05 C08  sing Y N 72  
I6W C08 C09  sing N N 73  
I6W C09 C19  doub Y N 74  
I6W C09 N10  sing Y N 75  
I6W C19 C18  sing Y N 76  
I6W N10 C11  doub Y N 77  
I6W C18 C12  doub Y N 78  
I6W C11 C12  sing Y N 79  
I6W C12 C13  sing N N 80  
I6W C13 O17  doub N N 81  
I6W C13 O14  sing N N 82  
I6W O14 C15  sing N N 83  
I6W C15 C16  sing N N 84  
I6W C05 H051 sing N N 85  
I6W C04 H041 sing N N 86  
I6W C06 H061 sing N N 87  
I6W C11 H111 sing N N 88  
I6W C15 H152 sing N N 89  
I6W C15 H151 sing N N 90  
I6W C16 H162 sing N N 91  
I6W C16 H163 sing N N 92  
I6W C16 H161 sing N N 93  
I6W C18 H181 sing N N 94  
I6W C19 H191 sing N N 95  
I6W C02 OXT  sing N N 96  
I6W OXT HXT  sing N N 97  
I77 N15 N14  sing N N 98  
I77 O16 C13  doub N N 99  
I77 N14 C13  sing N N 100 
I77 C13 C12  sing N N 101 
I77 C12 C17  doub Y N 102 
I77 C12 C11  sing Y N 103 
I77 C17 C18  sing Y N 104 
I77 C11 N10  doub Y N 105 
I77 C18 C09  doub Y N 106 
I77 N10 C09  sing Y N 107 
I77 C09 C08  sing N N 108 
I77 C08 N07  doub Y N 109 
I77 C08 C05  sing Y N 110 
I77 N07 C06  sing Y N 111 
I77 C05 C04  doub Y N 112 
I77 C06 C03  doub Y N 113 
I77 C04 C03  sing Y N 114 
I77 C03 C02  sing N N 115 
I77 C02 N01  sing N N 116 
I77 C02 O19  doub N N 117 
I77 C11 H111 sing N N 118 
I77 C17 H171 sing N N 119 
I77 C18 H181 sing N N 120 
I77 C04 H041 sing N N 121 
I77 C05 H051 sing N N 122 
I77 C06 H061 sing N N 123 
I77 N01 H011 sing N N 124 
I77 N01 H012 sing N N 125 
I77 N14 H141 sing N N 126 
I77 N15 H1   sing N N 127 
I77 N15 H2   sing N N 128 
LEU N   CA   sing N N 129 
LEU N   H    sing N N 130 
LEU N   H2   sing N N 131 
LEU CA  C    sing N N 132 
LEU CA  CB   sing N N 133 
LEU CA  HA   sing N N 134 
LEU C   O    doub N N 135 
LEU C   OXT  sing N N 136 
LEU CB  CG   sing N N 137 
LEU CB  HB2  sing N N 138 
LEU CB  HB3  sing N N 139 
LEU CG  CD1  sing N N 140 
LEU CG  CD2  sing N N 141 
LEU CG  HG   sing N N 142 
LEU CD1 HD11 sing N N 143 
LEU CD1 HD12 sing N N 144 
LEU CD1 HD13 sing N N 145 
LEU CD2 HD21 sing N N 146 
LEU CD2 HD22 sing N N 147 
LEU CD2 HD23 sing N N 148 
LEU OXT HXT  sing N N 149 
# 
_pdbx_audit_support.funding_organization   'Department of Energy (DOE, United States)' 
_pdbx_audit_support.country                'United States' 
_pdbx_audit_support.grant_number           DE-AC02-06CH11357 
_pdbx_audit_support.ordinal                1 
# 
_pdbx_initial_refinement_model.id               1 
_pdbx_initial_refinement_model.entity_id_list   ? 
_pdbx_initial_refinement_model.type             'experimental model' 
_pdbx_initial_refinement_model.source_name      PDB 
_pdbx_initial_refinement_model.accession_code   7TLS 
_pdbx_initial_refinement_model.details          ? 
# 
_space_group.name_H-M_alt     'P 1 21 1' 
_space_group.name_Hall        'P 2yb' 
_space_group.IT_number        4 
_space_group.crystal_system   monoclinic 
_space_group.id               1 
# 
_atom_sites.entry_id                    9BZY 
_atom_sites.Cartn_transf_matrix[1][1]   ? 
_atom_sites.Cartn_transf_matrix[1][2]   ? 
_atom_sites.Cartn_transf_matrix[1][3]   ? 
_atom_sites.Cartn_transf_matrix[2][1]   ? 
_atom_sites.Cartn_transf_matrix[2][2]   ? 
_atom_sites.Cartn_transf_matrix[2][3]   ? 
_atom_sites.Cartn_transf_matrix[3][1]   ? 
_atom_sites.Cartn_transf_matrix[3][2]   ? 
_atom_sites.Cartn_transf_matrix[3][3]   ? 
_atom_sites.Cartn_transf_vector[1]      ? 
_atom_sites.Cartn_transf_vector[2]      ? 
_atom_sites.Cartn_transf_vector[3]      ? 
_atom_sites.Cartn_transform_axes        ? 
_atom_sites.fract_transf_matrix[1][1]   0.05432637 
_atom_sites.fract_transf_matrix[1][2]   0.04313220 
_atom_sites.fract_transf_matrix[1][3]   -0.01984253 
_atom_sites.fract_transf_matrix[2][1]   -0.00508267 
_atom_sites.fract_transf_matrix[2][2]   -0.02539782 
_atom_sites.fract_transf_matrix[2][3]   -0.06912356 
_atom_sites.fract_transf_matrix[3][1]   -0.01056888 
_atom_sites.fract_transf_matrix[3][2]   0.01396083 
_atom_sites.fract_transf_matrix[3][3]   -0.00435245 
_atom_sites.fract_transf_vector[1]      -0.505397 
_atom_sites.fract_transf_vector[2]      0.253598 
_atom_sites.fract_transf_vector[3]      -0.249828 
_atom_sites.solution_primary            ? 
_atom_sites.solution_secondary          ? 
_atom_sites.solution_hydrogens          ? 
_atom_sites.special_details             ? 
# 
loop_
_atom_type.symbol 
_atom_type.scat_dispersion_real 
_atom_type.scat_dispersion_imag 
_atom_type.scat_Cromer_Mann_a1 
_atom_type.scat_Cromer_Mann_a2 
_atom_type.scat_Cromer_Mann_a3 
_atom_type.scat_Cromer_Mann_a4 
_atom_type.scat_Cromer_Mann_b1 
_atom_type.scat_Cromer_Mann_b2 
_atom_type.scat_Cromer_Mann_b3 
_atom_type.scat_Cromer_Mann_b4 
_atom_type.scat_Cromer_Mann_c 
_atom_type.scat_source 
_atom_type.scat_dispersion_source 
C ? ? 3.54356 2.42580 ?       ? 25.62398 1.50364  ?       ? 0.0 
;2-Gaussian fit: Grosse-Kunstleve RW, Sauter NK, Adams PD: Newsletter of the IUCr Commission on Crystallographic Computing 2004, 3, 22-31.
;
? 
H ? ? 0.53795 0.34799 0.11320 ? 10.08003 29.74760 2.57510 ? 0.0 
;3-Gaussian fit: Grosse-Kunstleve RW, Sauter NK, Adams PD: Newsletter of the IUCr Commission on Crystallographic Computing 2004, 3, 22-31.
;
? 
N ? ? 4.01032 2.96436 ?       ? 19.97189 1.75589  ?       ? 0.0 
;2-Gaussian fit: Grosse-Kunstleve RW, Sauter NK, Adams PD: Newsletter of the IUCr Commission on Crystallographic Computing 2004, 3, 22-31.
;
? 
O ? ? 4.49882 3.47563 ?       ? 15.80542 1.70748  ?       ? 0.0 
;2-Gaussian fit: Grosse-Kunstleve RW, Sauter NK, Adams PD: Newsletter of the IUCr Commission on Crystallographic Computing 2004, 3, 22-31.
;
? 
# 
loop_
_atom_site.group_PDB 
_atom_site.id 
_atom_site.type_symbol 
_atom_site.label_atom_id 
_atom_site.label_alt_id 
_atom_site.label_comp_id 
_atom_site.label_asym_id 
_atom_site.label_entity_id 
_atom_site.label_seq_id 
_atom_site.pdbx_PDB_ins_code 
_atom_site.Cartn_x 
_atom_site.Cartn_y 
_atom_site.Cartn_z 
_atom_site.occupancy 
_atom_site.B_iso_or_equiv 
_atom_site.pdbx_formal_charge 
_atom_site.auth_seq_id 
_atom_site.auth_comp_id 
_atom_site.auth_asym_id 
_atom_site.auth_atom_id 
_atom_site.pdbx_PDB_model_num 
ATOM   1   N N    . LEU A 1 1 ? 0.52313   -8.69988  -1.38197  1.000 3.55766  ? 2   LEU A N    1 
ATOM   2   C CA   . LEU A 1 1 ? 0.03140   -7.37410  -1.67472  1.000 3.76710  ? 2   LEU A CA   1 
ATOM   3   C C    . LEU A 1 1 ? 0.32578   -6.39827  -0.52752  1.000 2.99399  ? 2   LEU A C    1 
ATOM   4   O O    . LEU A 1 1 ? 0.83297   -5.29220  -0.74224  1.000 3.30130  ? 2   LEU A O    1 
ATOM   5   C CB   . LEU A 1 1 ? -1.45634  -7.45023  -1.99441  1.000 3.27928  ? 2   LEU A CB   1 
ATOM   6   C CG   . LEU A 1 1 ? -2.21720  -6.13777  -2.09232  1.000 3.75442  ? 2   LEU A CG   1 
ATOM   7   C CD1  . LEU A 1 1 ? -1.64443  -5.22075  -3.14908  1.000 4.33728  ? 2   LEU A CD1  1 
ATOM   8   C CD2  . LEU A 1 1 ? -3.67408  -6.41404  -2.36837  1.000 4.08068  ? 2   LEU A CD2  1 
ATOM   9   H H1   . LEU A 1 1 ? 0.08629   -9.33665  -1.76584  1.000 4.27143  ? 2   LEU A H1   1 
ATOM   10  H HA   . LEU A 1 1 ? 0.48344   -7.01228  -2.45296  1.000 4.52276  ? 2   LEU A HA   1 
ATOM   11  H HB2  . LEU A 1 1 ? -1.55396  -7.89665  -2.85003  1.000 3.93738  ? 2   LEU A HB2  1 
ATOM   12  H HB3  . LEU A 1 1 ? -1.88375  -7.97200  -1.29731  1.000 3.93738  ? 2   LEU A HB3  1 
ATOM   13  H HG   . LEU A 1 1 ? -2.13275  -5.67253  -1.24538  1.000 4.50755  ? 2   LEU A HG   1 
ATOM   14  H HD11 . LEU A 1 1 ? -2.18743  -4.41854  -3.19906  1.000 5.20697  ? 2   LEU A HD11 1 
ATOM   15  H HD12 . LEU A 1 1 ? -0.73411  -4.98944  -2.90676  1.000 5.20697  ? 2   LEU A HD12 1 
ATOM   16  H HD13 . LEU A 1 1 ? -1.65283  -5.67963  -4.00364  1.000 5.20697  ? 2   LEU A HD13 1 
ATOM   17  H HD21 . LEU A 1 1 ? -4.16274  -5.57625  -2.35338  1.000 4.89906  ? 2   LEU A HD21 1 
ATOM   18  H HD22 . LEU A 1 1 ? -3.75689  -6.82972  -3.24087  1.000 4.89906  ? 2   LEU A HD22 1 
ATOM   19  H HD23 . LEU A 1 1 ? -4.01770  -7.00968  -1.68424  1.000 4.89906  ? 2   LEU A HD23 1 
HETATM 20  N N    . AIB A 1 2 ? 0.02430   -6.80767  0.70727   1.000 2.96037  ? 3   AIB A N    1 
HETATM 21  C CA   . AIB A 1 2 ? 0.25715   -5.94472  1.86011   1.000 2.39991  ? 3   AIB A CA   1 
HETATM 22  C C    . AIB A 1 2 ? 1.75199   -5.53581  1.90414   1.000 3.08458  ? 3   AIB A C    1 
HETATM 23  O O    . AIB A 1 2 ? 2.11446   -4.37408  2.11911   1.000 3.05322  ? 3   AIB A O    1 
HETATM 24  C CB1  . AIB A 1 2 ? -0.61290  -4.67846  1.82596   1.000 3.08405  ? 3   AIB A CB1  1 
HETATM 25  C CB2  . AIB A 1 2 ? -0.03090  -6.71125  3.15834   1.000 3.20845  ? 3   AIB A CB2  1 
HETATM 26  H H    . AIB A 1 2 ? -0.65106  -7.51431  0.92299   1.000 3.55469  ? 3   AIB A H    1 
HETATM 27  H HB11 . AIB A 1 2 ? -0.39257  -4.09526  0.90034   1.000 3.70311  ? 3   AIB A HB11 1 
HETATM 28  H HB12 . AIB A 1 2 ? -1.69201  -4.96296  1.83305   1.000 3.70311  ? 3   AIB A HB12 1 
HETATM 29  H HB13 . AIB A 1 2 ? -0.39342  -4.04677  2.71941   1.000 3.70311  ? 3   AIB A HB13 1 
HETATM 30  H HB21 . AIB A 1 2 ? 0.20078   -6.05236  4.03006   1.000 3.85238  ? 3   AIB A HB21 1 
HETATM 31  H HB22 . AIB A 1 2 ? -1.10905  -7.00258  3.17838   1.000 3.85238  ? 3   AIB A HB22 1 
HETATM 32  H HB23 . AIB A 1 2 ? 0.61022   -7.62532  3.19216   1.000 3.85238  ? 3   AIB A HB23 1 
ATOM   33  N N    . ALA A 1 3 ? 2.63230   -6.52106  1.71190   1.000 3.20863  ? 4   ALA A N    1 
ATOM   34  C CA   . ALA A 1 3 ? 4.07649   -6.26391  1.75519   1.000 3.61723  ? 4   ALA A CA   1 
ATOM   35  C C    . ALA A 1 3 ? 4.50723   -5.27078  0.67348   1.000 3.09748  ? 4   ALA A C    1 
ATOM   36  O O    . ALA A 1 3 ? 5.38656   -4.44149  0.91179   1.000 3.85114  ? 4   ALA A O    1 
ATOM   37  C CB   . ALA A 1 3 ? 4.85973   -7.56337  1.62442   1.000 4.73640  ? 4   ALA A CB   1 
ATOM   38  H H    . ALA A 1 3 ? 2.42163   -7.34016  1.55598   1.000 3.85260  ? 4   ALA A H    1 
ATOM   39  H HA   . ALA A 1 3 ? 4.28768   -5.87090  2.61649   1.000 4.34291  ? 4   ALA A HA   1 
ATOM   40  H HB1  . ALA A 1 3 ? 5.80652   -7.35798  1.57657   1.000 5.68593  ? 4   ALA A HB1  1 
ATOM   41  H HB2  . ALA A 1 3 ? 4.68060   -8.11936  2.39882   1.000 5.68593  ? 4   ALA A HB2  1 
ATOM   42  H HB3  . ALA A 1 3 ? 4.57932   -8.02119  0.81654   1.000 5.68593  ? 4   ALA A HB3  1 
HETATM 43  N N    . AIB A 1 4 ? 3.91319   -5.38627  -0.51491  1.000 3.44723  ? 5   AIB A N    1 
HETATM 44  C CA   . AIB A 1 4 ? 4.22907   -4.52344  -1.63471  1.000 3.91735  ? 5   AIB A CA   1 
HETATM 45  C C    . AIB A 1 4 ? 4.01749   -3.05158  -1.26058  1.000 3.02561  ? 5   AIB A C    1 
HETATM 46  O O    . AIB A 1 4 ? 4.76713   -2.16137  -1.67323  1.000 3.86025  ? 5   AIB A O    1 
HETATM 47  C CB1  . AIB A 1 4 ? 5.68718   -4.77596  -2.07851  1.000 5.12780  ? 5   AIB A CB1  1 
HETATM 48  C CB2  . AIB A 1 4 ? 3.28794   -4.88365  -2.79956  1.000 4.66042  ? 5   AIB A CB2  1 
HETATM 49  H H    . AIB A 1 4 ? 3.49251   -6.23075  -0.84939  1.000 4.13891  ? 5   AIB A H    1 
HETATM 50  H HB11 . AIB A 1 4 ? 5.86438   -5.87290  -2.18240  1.000 6.15560  ? 5   AIB A HB11 1 
HETATM 51  H HB12 . AIB A 1 4 ? 5.87325   -4.27894  -3.06024  1.000 6.15560  ? 5   AIB A HB12 1 
HETATM 52  H HB13 . AIB A 1 4 ? 6.38961   -4.36062  -1.31724  1.000 6.15560  ? 5   AIB A HB13 1 
HETATM 53  H HB21 . AIB A 1 4 ? 3.41473   -4.13259  -3.61658  1.000 5.59475  ? 5   AIB A HB21 1 
HETATM 54  H HB22 . AIB A 1 4 ? 3.54762   -5.90253  -3.17661  1.000 5.59475  ? 5   AIB A HB22 1 
HETATM 55  H HB23 . AIB A 1 4 ? 2.23284   -4.87177  -2.43309  1.000 5.59475  ? 5   AIB A HB23 1 
ATOM   56  N N    . LEU A 1 5 ? 2.96794   -2.80650  -0.48498  1.000 2.93414  ? 6   LEU A N    1 
ATOM   57  C CA   . LEU A 1 5 ? 2.70604   -1.46804  0.04979   1.000 3.11246  ? 6   LEU A CA   1 
ATOM   58  C C    . LEU A 1 5 ? 3.64193   -1.14169  1.20650   1.000 2.54285  ? 6   LEU A C    1 
ATOM   59  O O    . LEU A 1 5 ? 4.22184   -0.04701  1.26395   1.000 3.08235  ? 6   LEU A O    1 
ATOM   60  C CB   . LEU A 1 5 ? 1.24844   -1.36948  0.53190   1.000 3.37968  ? 6   LEU A CB   1 
ATOM   61  C CG   . LEU A 1 5 ? 0.90472   -0.15871  1.42434   1.000 4.39070  ? 6   LEU A CG   1 
ATOM   62  C CD1  . LEU A 1 5 ? 1.12230   1.15458   0.67242   1.000 4.89832  ? 6   LEU A CD1  1 
ATOM   63  C CD2  . LEU A 1 5 ? -0.53471  -0.27268  1.92874   1.000 5.24674  ? 6   LEU A CD2  1 
ATOM   64  H H    . LEU A 1 5 ? 2.38874   -3.39758  -0.25099  1.000 3.52321  ? 6   LEU A H    1 
ATOM   65  H HA   . LEU A 1 5 ? 2.85222   -0.81549  -0.65285  1.000 3.73719  ? 6   LEU A HA   1 
ATOM   66  H HB2  . LEU A 1 5 ? 0.67533   -1.32093  -0.24918  1.000 4.05785  ? 6   LEU A HB2  1 
ATOM   67  H HB3  . LEU A 1 5 ? 1.04548   -2.16842  1.04316   1.000 4.05785  ? 6   LEU A HB3  1 
ATOM   68  H HG   . LEU A 1 5 ? 1.49589   -0.15020  2.19333   1.000 5.27108  ? 6   LEU A HG   1 
ATOM   69  H HD11 . LEU A 1 5 ? 0.71807   1.87792   1.17670   1.000 5.88023  ? 6   LEU A HD11 1 
ATOM   70  H HD12 . LEU A 1 5 ? 2.07505   1.30984   0.57718   1.000 5.88023  ? 6   LEU A HD12 1 
ATOM   71  H HD13 . LEU A 1 5 ? 0.70862   1.08980   -0.20255  1.000 5.88023  ? 6   LEU A HD13 1 
ATOM   72  H HD21 . LEU A 1 5 ? -0.67519  0.37955   2.63284   1.000 6.29833  ? 6   LEU A HD21 1 
ATOM   73  H HD22 . LEU A 1 5 ? -1.14200  -0.10034  1.19225   1.000 6.29833  ? 6   LEU A HD22 1 
ATOM   74  H HD23 . LEU A 1 5 ? -0.67858  -1.16784  2.27354   1.000 6.29833  ? 6   LEU A HD23 1 
HETATM 75  N N    . AIB A 1 6 ? 3.76365   -2.07737  2.14850   1.000 2.97936  ? 7   AIB A N    1 
HETATM 76  C CA   . AIB A 1 6 ? 4.44298   -1.86815  3.41394   1.000 3.39411  ? 7   AIB A CA   1 
HETATM 77  C C    . AIB A 1 6 ? 5.90849   -1.46070  3.24718   1.000 2.97971  ? 7   AIB A C    1 
HETATM 78  O O    . AIB A 1 6 ? 6.51048   -0.87595  4.13879   1.000 3.50181  ? 7   AIB A O    1 
HETATM 79  C CB1  . AIB A 1 6 ? 3.74098   -0.77558  4.24168   1.000 4.20008  ? 7   AIB A CB1  1 
HETATM 80  C CB2  . AIB A 1 6 ? 4.41282   -3.19180  4.20409   1.000 4.15284  ? 7   AIB A CB2  1 
HETATM 81  H H    . AIB A 1 6 ? 3.72896   -3.05958  1.95866   1.000 3.57748  ? 7   AIB A H    1 
HETATM 82  H HB11 . AIB A 1 6 ? 3.87714   0.21617   3.74837   1.000 5.04233  ? 7   AIB A HB11 1 
HETATM 83  H HB12 . AIB A 1 6 ? 2.65082   -1.00228  4.31660   1.000 5.04233  ? 7   AIB A HB12 1 
HETATM 84  H HB13 . AIB A 1 6 ? 4.18027   -0.73957  5.26695   1.000 5.04233  ? 7   AIB A HB13 1 
HETATM 85  H HB21 . AIB A 1 6 ? 4.89971   -3.03502  5.19709   1.000 4.98565  ? 7   AIB A HB21 1 
HETATM 86  H HB22 . AIB A 1 6 ? 3.35083   -3.50700  4.34733   1.000 4.98565  ? 7   AIB A HB22 1 
HETATM 87  H HB23 . AIB A 1 6 ? 4.96651   -3.97283  3.62867   1.000 4.98565  ? 7   AIB A HB23 1 
ATOM   88  N N    . GLN A 1 7 ? 6.50192   -1.77630  2.09433   1.000 3.09313  ? 8   GLN A N    1 
ATOM   89  C CA   . GLN A 1 7 ? 7.87583   -1.35050  1.85248   1.000 3.09930  ? 8   GLN A CA   1 
ATOM   90  C C    . GLN A 1 7 ? 8.01838   0.17576   2.00471   1.000 2.13596  ? 8   GLN A C    1 
ATOM   91  O O    . GLN A 1 7 ? 9.11330   0.63254   2.35700   1.000 3.12352  ? 8   GLN A O    1 
ATOM   92  C CB   . GLN A 1 7 ? 8.37627   -1.80167  0.48662   1.000 2.64783  ? 8   GLN A CB   1 
ATOM   93  C CG   . GLN A 1 7 ? 7.73168   -1.07106  -0.71019  1.000 2.46601  ? 8   GLN A CG   1 
ATOM   94  C CD   . GLN A 1 7 ? 8.26367   -1.60781  -2.02208  1.000 2.73273  ? 8   GLN A CD   1 
ATOM   95  O OE1  . GLN A 1 7 ? 9.48254   -1.68040  -2.23770  1.000 3.26054  ? 8   GLN A OE1  1 
ATOM   96  N NE2  . GLN A 1 7 ? 7.35853   -1.97484  -2.92330  1.000 3.33582  ? 8   GLN A NE2  1 
ATOM   97  H H    . GLN A 1 7 ? 6.13809   -2.22360  1.45624   1.000 3.71400  ? 8   GLN A H    1 
ATOM   98  H HA   . GLN A 1 7 ? 8.44544   -1.77408  2.51356   1.000 3.72140  ? 8   GLN A HA   1 
ATOM   99  H HB2  . GLN A 1 7 ? 9.33284   -1.64701  0.44246   1.000 3.17964  ? 8   GLN A HB2  1 
ATOM   100 H HB3  . GLN A 1 7 ? 8.18825   -2.74803  0.38679   1.000 3.17964  ? 8   GLN A HB3  1 
ATOM   101 H HG2  . GLN A 1 7 ? 6.77101   -1.20388  -0.69043  1.000 2.96145  ? 8   GLN A HG2  1 
ATOM   102 H HG3  . GLN A 1 7 ? 7.93682   -0.12437  -0.65933  1.000 2.96145  ? 8   GLN A HG3  1 
ATOM   103 H HE21 . GLN A 1 7 ? 6.52034   -1.90110  -2.74559  1.000 4.00523  ? 8   GLN A HE21 1 
ATOM   104 H HE22 . GLN A 1 7 ? 7.61102   -2.28609  -3.68422  1.000 4.00523  ? 8   GLN A HE22 1 
HETATM 105 N N    . AIB A 1 8 ? 6.96389   0.94189   1.70555   1.000 2.13397  ? 9   AIB A N    1 
HETATM 106 C CA   . AIB A 1 8 ? 6.97665   2.38194   1.89560   1.000 3.04602  ? 9   AIB A CA   1 
HETATM 107 C C    . AIB A 1 8 ? 7.41678   2.79186   3.32378   1.000 2.93217  ? 9   AIB A C    1 
HETATM 108 O O    . AIB A 1 8 ? 7.92942   3.89235   3.53870   1.000 3.90556  ? 9   AIB A O    1 
HETATM 109 C CB1  . AIB A 1 8 ? 7.88264   3.03237   0.82746   1.000 3.02565  ? 9   AIB A CB1  1 
HETATM 110 C CB2  . AIB A 1 8 ? 5.54396   2.91640   1.73805   1.000 3.54846  ? 9   AIB A CB2  1 
HETATM 111 H H    . AIB A 1 8 ? 6.02030   0.60971   1.66975   1.000 2.56301  ? 9   AIB A H    1 
HETATM 112 H HB11 . AIB A 1 8 ? 7.47373   2.82474   -0.18997  1.000 3.63303  ? 9   AIB A HB11 1 
HETATM 113 H HB12 . AIB A 1 8 ? 7.92282   4.13583   0.98933   1.000 3.63303  ? 9   AIB A HB12 1 
HETATM 114 H HB13 . AIB A 1 8 ? 8.91379   2.61212   0.90201   1.000 3.63303  ? 9   AIB A HB13 1 
HETATM 115 H HB21 . AIB A 1 8 ? 5.21766   2.77856   0.67869   1.000 4.26040  ? 9   AIB A HB21 1 
HETATM 116 H HB22 . AIB A 1 8 ? 4.86597   2.34946   2.42114   1.000 4.26040  ? 9   AIB A HB22 1 
HETATM 117 H HB23 . AIB A 1 8 ? 5.52837   4.00161   2.00215   1.000 4.26040  ? 9   AIB A HB23 1 
ATOM   118 N N    . LEU A 1 9 ? 7.11893   1.91984   4.29218   1.000 3.01901  ? 10  LEU A N    1 
ATOM   119 C CA   . LEU A 1 9 ? 7.40274   2.14846   5.71204   1.000 3.01919  ? 10  LEU A CA   1 
ATOM   120 C C    . LEU A 1 9 ? 8.50079   1.24870   6.23294   1.000 3.32431  ? 10  LEU A C    1 
ATOM   121 O O    . LEU A 1 9 ? 8.70919   1.06578   7.42112   1.000 4.50769  ? 10  LEU A O    1 
ATOM   122 C CB   . LEU A 1 9 ? 6.14378   1.92641   6.55799   1.000 3.70522  ? 10  LEU A CB   1 
ATOM   123 C CG   . LEU A 1 9 ? 4.92417   2.70060   6.07302   1.000 4.34994  ? 10  LEU A CG   1 
ATOM   124 C CD1  . LEU A 1 9 ? 3.73458   2.38864   6.96069   1.000 5.80349  ? 10  LEU A CD1  1 
ATOM   125 C CD2  . LEU A 1 9 ? 5.20065   4.19408   6.03354   1.000 6.63649  ? 10  LEU A CD2  1 
ATOM   126 H H    . LEU A 1 9 ? 6.73888   1.16205   4.14753   1.000 3.62505  ? 10  LEU A H    1 
ATOM   127 H HA   . LEU A 1 9 ? 7.69660   3.06816   5.80524   1.000 3.62527  ? 10  LEU A HA   1 
ATOM   128 H HB2  . LEU A 1 9 ? 5.92084   0.98255   6.54000   1.000 4.44851  ? 10  LEU A HB2  1 
ATOM   129 H HB3  . LEU A 1 9 ? 6.32864   2.20637   7.46812   1.000 4.44851  ? 10  LEU A HB3  1 
ATOM   130 H HG   . LEU A 1 9 ? 4.71195   2.42878   5.16640   1.000 5.22217  ? 10  LEU A HG   1 
ATOM   131 H HD11 . LEU A 1 9 ? 2.95661   2.85955   6.62320   1.000 6.96643  ? 10  LEU A HD11 1 
ATOM   132 H HD12 . LEU A 1 9 ? 3.57345   1.43219   6.94824   1.000 6.96643  ? 10  LEU A HD12 1 
ATOM   133 H HD13 . LEU A 1 9 ? 3.93059   2.67931   7.86512   1.000 6.96643  ? 10  LEU A HD13 1 
ATOM   134 H HD21 . LEU A 1 9 ? 4.38792   4.65912   5.78041   1.000 7.96603  ? 10  LEU A HD21 1 
ATOM   135 H HD22 . LEU A 1 9 ? 5.48823   4.48536   6.91294   1.000 7.96603  ? 10  LEU A HD22 1 
ATOM   136 H HD23 . LEU A 1 9 ? 5.89824   4.36899   5.38263   1.000 7.96603  ? 10  LEU A HD23 1 
ATOM   137 N N    . LEU B 1 1 ? -1.37696  5.39758   -7.95312  1.000 3.88581  ? 2   LEU B N    1 
ATOM   138 C CA   . LEU B 1 1 ? -0.87255  4.16517   -7.37862  1.000 3.52532  ? 2   LEU B CA   1 
ATOM   139 C C    . LEU B 1 1 ? -0.93656  4.16442   -5.85285  1.000 3.30149  ? 2   LEU B C    1 
ATOM   140 O O    . LEU B 1 1 ? -1.46859  3.22022   -5.25095  1.000 3.52984  ? 2   LEU B O    1 
ATOM   141 C CB   . LEU B 1 1 ? 0.55213   3.94426   -7.86356  1.000 3.60546  ? 2   LEU B CB   1 
ATOM   142 C CG   . LEU B 1 1 ? 1.38486   2.91949   -7.10461  1.000 3.67912  ? 2   LEU B CG   1 
ATOM   143 C CD1  . LEU B 1 1 ? 0.73014   1.55752   -7.08669  1.000 4.20207  ? 2   LEU B CD1  1 
ATOM   144 C CD2  . LEU B 1 1 ? 2.76600   2.85612   -7.70478  1.000 4.37936  ? 2   LEU B CD2  1 
ATOM   145 H H1   . LEU B 1 1 ? -0.89830  5.70151   -8.60086  1.000 4.66521  ? 2   LEU B H1   1 
ATOM   146 H HA   . LEU B 1 1 ? -1.42604  3.42294   -7.66784  1.000 4.23262  ? 2   LEU B HA   1 
ATOM   147 H HB2  . LEU B 1 1 ? 0.51163   3.64928   -8.78674  1.000 4.32879  ? 2   LEU B HB2  1 
ATOM   148 H HB3  . LEU B 1 1 ? 1.02242   4.79067   -7.80606  1.000 4.32879  ? 2   LEU B HB3  1 
ATOM   149 H HG   . LEU B 1 1 ? 1.45702   3.19423   -6.17713  1.000 4.41718  ? 2   LEU B HG   1 
ATOM   150 H HD11 . LEU B 1 1 ? 0.55207   1.30479   -6.16728  1.000 5.04472  ? 2   LEU B HD11 1 
ATOM   151 H HD12 . LEU B 1 1 ? -0.10102  1.60010   -7.58494  1.000 5.04472  ? 2   LEU B HD12 1 
ATOM   152 H HD13 . LEU B 1 1 ? 1.32894   0.91386   -7.49662  1.000 5.04472  ? 2   LEU B HD13 1 
ATOM   153 H HD21 . LEU B 1 1 ? 2.70964   2.45229   -8.58492  1.000 5.25747  ? 2   LEU B HD21 1 
ATOM   154 H HD22 . LEU B 1 1 ? 3.12104   3.75600   -7.77584  1.000 5.25747  ? 2   LEU B HD22 1 
ATOM   155 H HD23 . LEU B 1 1 ? 3.33546   2.32021   -7.13082  1.000 5.25747  ? 2   LEU B HD23 1 
HETATM 156 N N    . AIB B 1 2 ? -0.42257  5.21417   -5.21519  1.000 2.72785  ? 3   AIB B N    1 
HETATM 157 C CA   . AIB B 1 2 ? -0.44585  5.27341   -3.76696  1.000 2.80997  ? 3   AIB B CA   1 
HETATM 158 C C    . AIB B 1 2 ? -1.88714  5.06664   -3.25262  1.000 2.51672  ? 3   AIB B C    1 
HETATM 159 O O    . AIB B 1 2 ? -2.14741  4.30200   -2.33188  1.000 3.26621  ? 3   AIB B O    1 
HETATM 160 C CB1  . AIB B 1 2 ? 0.48547   4.21145   -3.16462  1.000 3.28367  ? 3   AIB B CB1  1 
HETATM 161 C CB2  . AIB B 1 2 ? 0.00997   6.65785   -3.28650  1.000 3.55628  ? 3   AIB B CB2  1 
HETATM 162 H H    . AIB B 1 2 ? 0.27453   5.82642   -5.59094  1.000 3.27566  ? 3   AIB B H    1 
HETATM 163 H HB11 . AIB B 1 2 ? 0.15214   3.19481   -3.48210  1.000 3.94265  ? 3   AIB B HB11 1 
HETATM 164 H HB12 . AIB B 1 2 ? 1.53006   4.38284   -3.51805  1.000 3.94265  ? 3   AIB B HB12 1 
HETATM 165 H HB13 . AIB B 1 2 ? 0.45904   4.27581   -2.05079  1.000 3.94265  ? 3   AIB B HB13 1 
HETATM 166 H HB21 . AIB B 1 2 ? 0.02280   6.67037   -2.16964  1.000 4.26977  ? 3   AIB B HB21 1 
HETATM 167 H HB22 . AIB B 1 2 ? 1.03519   6.86136   -3.68043  1.000 4.26977  ? 3   AIB B HB22 1 
HETATM 168 H HB23 . AIB B 1 2 ? -0.70307  7.42896   -3.66683  1.000 4.26977  ? 3   AIB B HB23 1 
ATOM   169 N N    . ALA B 1 3 ? -2.84468  5.77816   -3.86740  1.000 2.85628  ? 4   ALA B N    1 
ATOM   170 C CA   . ALA B 1 3 ? -4.23971  5.66168   -3.43967  1.000 3.61301  ? 4   ALA B CA   1 
ATOM   171 C C    . ALA B 1 3 ? -4.80739  4.25267   -3.61543  1.000 3.40515  ? 4   ALA B C    1 
ATOM   172 O O    . ALA B 1 3 ? -5.56467  3.76156   -2.77341  1.000 3.80999  ? 4   ALA B O    1 
ATOM   173 C CB   . ALA B 1 3 ? -5.09553  6.65931   -4.20423  1.000 4.84607  ? 4   ALA B CB   1 
ATOM   174 H H    . ALA B 1 3 ? -2.71070  6.32209   -4.51992  1.000 3.42978  ? 4   ALA B H    1 
ATOM   175 H HA   . ALA B 1 3 ? -4.27340  5.85980   -2.49072  1.000 4.33786  ? 4   ALA B HA   1 
ATOM   176 H HB1  . ALA B 1 3 ? -6.01944  6.56183   -3.92533  1.000 5.81753  ? 4   ALA B HB1  1 
ATOM   177 H HB2  . ALA B 1 3 ? -4.78417  7.55709   -4.00938  1.000 5.81753  ? 4   ALA B HB2  1 
ATOM   178 H HB3  . ALA B 1 3 ? -5.01619  6.48061   -5.15431  1.000 5.81753  ? 4   ALA B HB3  1 
HETATM 179 N N    . AIB B 1 4 ? -4.44908  3.60783   -4.72871  1.000 3.39377  ? 5   AIB B N    1 
HETATM 180 C CA   . AIB B 1 4 ? -4.90554  2.26971   -5.05582  1.000 4.01249  ? 5   AIB B CA   1 
HETATM 181 C C    . AIB B 1 4 ? -4.51988  1.28822   -3.93105  1.000 2.98022  ? 5   AIB B C    1 
HETATM 182 O O    . AIB B 1 4 ? -5.24295  0.33453   -3.62826  1.000 3.75337  ? 5   AIB B O    1 
HETATM 183 C CB1  . AIB B 1 4 ? -6.43543  2.23887   -5.27953  1.000 4.50202  ? 5   AIB B CB1  1 
HETATM 184 C CB2  . AIB B 1 4 ? -4.20902  1.78586   -6.34213  1.000 4.43498  ? 5   AIB B CB2  1 
HETATM 185 H H    . AIB B 1 4 ? -3.61049  3.80424   -5.23879  1.000 4.07476  ? 5   AIB B H    1 
HETATM 186 H HB11 . AIB B 1 4 ? -6.74348  3.11683   -5.89578  1.000 5.40466  ? 5   AIB B HB11 1 
HETATM 187 H HB12 . AIB B 1 4 ? -6.71930  1.29927   -5.81058  1.000 5.40466  ? 5   AIB B HB12 1 
HETATM 188 H HB13 . AIB B 1 4 ? -6.96057  2.27801   -4.29558  1.000 5.40466  ? 5   AIB B HB13 1 
HETATM 189 H HB21 . AIB B 1 4 ? -4.59284  0.77031   -6.60487  1.000 5.32422  ? 5   AIB B HB21 1 
HETATM 190 H HB22 . AIB B 1 4 ? -4.43255  2.50219   -7.16953  1.000 5.32422  ? 5   AIB B HB22 1 
HETATM 191 H HB23 . AIB B 1 4 ? -3.10696  1.74143   -6.16557  1.000 5.32422  ? 5   AIB B HB23 1 
ATOM   192 N N    . LEU B 1 5 ? -3.34924  1.50943   -3.33263  1.000 2.74502  ? 6   LEU B N    1 
ATOM   193 C CA   . LEU B 1 5 ? -2.91219  0.71130   -2.20098  1.000 2.77446  ? 6   LEU B CA   1 
ATOM   194 C C    . LEU B 1 5 ? -3.52135  1.20232   -0.88459  1.000 2.66536  ? 6   LEU B C    1 
ATOM   195 O O    . LEU B 1 5 ? -3.98473  0.39060   -0.07128  1.000 3.05286  ? 6   LEU B O    1 
ATOM   196 C CB   . LEU B 1 5 ? -1.37941  0.69293   -2.12788  1.000 3.13389  ? 6   LEU B CB   1 
ATOM   197 C CG   . LEU B 1 5 ? -0.69600  0.18802   -3.40374  1.000 4.01666  ? 6   LEU B CG   1 
ATOM   198 C CD1  . LEU B 1 5 ? 0.80984   0.22526   -3.22385  1.000 4.56773  ? 6   LEU B CD1  1 
ATOM   199 C CD2  . LEU B 1 5 ? -1.15728  -1.21283  -3.79385  1.000 5.41767  ? 6   LEU B CD2  1 
ATOM   200 H H    . LEU B 1 5 ? -2.79126  2.11996   -3.56824  1.000 3.29626  ? 6   LEU B H    1 
ATOM   201 H HA   . LEU B 1 5 ? -3.21663  -0.20164  -2.32247  1.000 3.33160  ? 6   LEU B HA   1 
ATOM   202 H HB2  . LEU B 1 5 ? -1.06653  1.59621   -1.96334  1.000 3.76291  ? 6   LEU B HB2  1 
ATOM   203 H HB3  . LEU B 1 5 ? -1.11122  0.11111   -1.39955  1.000 3.76291  ? 6   LEU B HB3  1 
ATOM   204 H HG   . LEU B 1 5 ? -0.94587  0.77228   -4.13661  1.000 4.82224  ? 6   LEU B HG   1 
ATOM   205 H HD11 . LEU B 1 5 ? 1.23428   0.08771   -4.08514  1.000 5.48352  ? 6   LEU B HD11 1 
ATOM   206 H HD12 . LEU B 1 5 ? 1.06366   1.08967   -2.86428  1.000 5.48352  ? 6   LEU B HD12 1 
ATOM   207 H HD13 . LEU B 1 5 ? 1.07202   -0.47834  -2.60975  1.000 5.48352  ? 6   LEU B HD13 1 
ATOM   208 H HD21 . LEU B 1 5 ? -0.65995  -1.50314  -4.57440  1.000 6.50344  ? 6   LEU B HD21 1 
ATOM   209 H HD22 . LEU B 1 5 ? -0.99275  -1.81718  -3.05318  1.000 6.50344  ? 6   LEU B HD22 1 
ATOM   210 H HD23 . LEU B 1 5 ? -2.10562  -1.18811  -3.99622  1.000 6.50344  ? 6   LEU B HD23 1 
HETATM 211 N N    . AIB B 1 6 ? -3.50920  2.52180   -0.67414  1.000 2.70423  ? 7   AIB B N    1 
HETATM 212 C CA   . AIB B 1 6 ? -3.93031  3.15377   0.56463   1.000 3.29877  ? 7   AIB B CA   1 
HETATM 213 C C    . AIB B 1 6 ? -5.39179  2.85892   0.92808   1.000 2.94228  ? 7   AIB B C    1 
HETATM 214 O O    . AIB B 1 6 ? -5.81384  2.99894   2.07550   1.000 3.35232  ? 7   AIB B O    1 
HETATM 215 C CB1  . AIB B 1 6 ? -3.06765  2.68284   1.75876   1.000 3.74699  ? 7   AIB B CB1  1 
HETATM 216 C CB2  . AIB B 1 6 ? -3.80959  4.68494   0.42693   1.000 3.62408  ? 7   AIB B CB2  1 
HETATM 217 H H    . AIB B 1 6 ? -3.55698  3.19743   -1.41119  1.000 3.24731  ? 7   AIB B H    1 
HETATM 218 H HB11 . AIB B 1 6 ? -3.20015  1.58496   1.90896   1.000 4.49863  ? 7   AIB B HB11 1 
HETATM 219 H HB12 . AIB B 1 6 ? -1.99199  2.89872   1.55429   1.000 4.49863  ? 7   AIB B HB12 1 
HETATM 220 H HB13 . AIB B 1 6 ? -3.38100  3.22102   2.68484   1.000 4.49863  ? 7   AIB B HB13 1 
HETATM 221 H HB21 . AIB B 1 6 ? -4.12510  5.16341   1.38568   1.000 4.35113  ? 7   AIB B HB21 1 
HETATM 222 H HB22 . AIB B 1 6 ? -2.74756  4.94838   0.20245   1.000 4.35113  ? 7   AIB B HB22 1 
HETATM 223 H HB23 . AIB B 1 6 ? -4.47042  5.02959   -0.40506  1.000 4.35113  ? 7   AIB B HB23 1 
ATOM   224 N N    . GLN B 1 7 ? -6.18411  2.44319   -0.06260  1.000 2.75607  ? 8   GLN B N    1 
ATOM   225 C CA   . GLN B 1 7 ? -7.57846  2.07378   0.20986   1.000 2.73555  ? 8   GLN B CA   1 
ATOM   226 C C    . GLN B 1 7 ? -7.65318  0.99810   1.29211   1.000 1.99529  ? 8   GLN B C    1 
ATOM   227 O O    . GLN B 1 7 ? -8.67750  0.89806   1.97109   1.000 2.95126  ? 8   GLN B O    1 
ATOM   228 C CB   . GLN B 1 7 ? -8.32090  1.62553   -1.05706  1.000 2.51594  ? 8   GLN B CB   1 
ATOM   229 C CG   . GLN B 1 7 ? -7.85120  0.28223   -1.60501  1.000 2.88869  ? 8   GLN B CG   1 
ATOM   230 C CD   . GLN B 1 7 ? -8.64704  -0.12751  -2.83398  1.000 2.83495  ? 8   GLN B CD   1 
ATOM   231 O OE1  . GLN B 1 7 ? -9.87902  -0.14977  -2.81279  1.000 3.24245  ? 8   GLN B OE1  1 
ATOM   232 N NE2  . GLN B 1 7 ? -7.95269  -0.46612  -3.91197  1.000 3.33057  ? 8   GLN B NE2  1 
ATOM   233 H H    . GLN B 1 7 ? -5.94425  2.36741   -0.88499  1.000 3.30953  ? 8   GLN B H    1 
ATOM   234 H HA   . GLN B 1 7 ? -8.04327  2.86250   0.53043   1.000 3.28490  ? 8   GLN B HA   1 
ATOM   235 H HB2  . GLN B 1 7 ? -9.26594  1.54740   -0.85288  1.000 3.02137  ? 8   GLN B HB2  1 
ATOM   236 H HB3  . GLN B 1 7 ? -8.18499  2.29111   -1.74947  1.000 3.02137  ? 8   GLN B HB3  1 
ATOM   237 H HG2  . GLN B 1 7 ? -6.91606  0.34671   -1.85450  1.000 3.46867  ? 8   GLN B HG2  1 
ATOM   238 H HG3  . GLN B 1 7 ? -7.96690  -0.39985  -0.92510  1.000 3.46867  ? 8   GLN B HG3  1 
ATOM   239 H HE21 . GLN B 1 7 ? -7.09309  -0.44723  -3.89323  1.000 3.99893  ? 8   GLN B HE21 1 
ATOM   240 H HE22 . GLN B 1 7 ? -8.36200  -0.70459  -4.62973  1.000 3.99893  ? 8   GLN B HE22 1 
HETATM 241 N N    . AIB B 1 8 ? -6.60762  0.17802   1.45190   1.000 2.50672  ? 9   AIB B N    1 
HETATM 242 C CA   . AIB B 1 8 ? -6.52400  -0.82280  2.50527   1.000 3.38967  ? 9   AIB B CA   1 
HETATM 243 C C    . AIB B 1 8 ? -6.80161  -0.21199  3.90670   1.000 3.15874  ? 9   AIB B C    1 
HETATM 244 O O    . AIB B 1 8 ? -7.27941  -0.88632  4.82510   1.000 3.81496  ? 9   AIB B O    1 
HETATM 245 C CB1  . AIB B 1 8 ? -7.49271  -1.98077  2.23361   1.000 3.99675  ? 9   AIB B CB1  1 
HETATM 246 C CB2  . AIB B 1 8 ? -5.08402  -1.36266  2.54369   1.000 3.75341  ? 9   AIB B CB2  1 
HETATM 247 H H    . AIB B 1 8 ? -5.98282  -0.07361  0.71142   1.000 3.01031  ? 9   AIB B H    1 
HETATM 248 H HB11 . AIB B 1 8 ? -7.26086  -2.44110  1.24376   1.000 4.79834  ? 9   AIB B HB11 1 
HETATM 249 H HB12 . AIB B 1 8 ? -7.38865  -2.75370  3.03187   1.000 4.79834  ? 9   AIB B HB12 1 
HETATM 250 H HB13 . AIB B 1 8 ? -8.54166  -1.59989  2.22523   1.000 4.79834  ? 9   AIB B HB13 1 
HETATM 251 H HB21 . AIB B 1 8 ? -4.77431  -1.64956  1.50955   1.000 4.50633  ? 9   AIB B HB21 1 
HETATM 252 H HB22 . AIB B 1 8 ? -4.40620  -0.56619  2.93598   1.000 4.50633  ? 9   AIB B HB22 1 
HETATM 253 H HB23 . AIB B 1 8 ? -5.04721  -2.25627  3.21288   1.000 4.50633  ? 9   AIB B HB23 1 
ATOM   254 N N    . LEU B 1 9 ? -6.43581  1.06785   4.06986   1.000 2.20272  ? 10  LEU B N    1 
ATOM   255 C CA   . LEU B 1 9 ? -6.58976  1.77645   5.33258   1.000 3.00892  ? 10  LEU B CA   1 
ATOM   256 C C    . LEU B 1 9 ? -7.62915  2.86944   5.21665   1.000 3.30066  ? 10  LEU B C    1 
ATOM   257 O O    . LEU B 1 9 ? -7.69486  3.81622   5.99632   1.000 4.60432  ? 10  LEU B O    1 
ATOM   258 C CB   . LEU B 1 9 ? -5.25115  2.39479   5.75162   1.000 4.36078  ? 10  LEU B CB   1 
ATOM   259 C CG   . LEU B 1 9 ? -4.08859  1.41921   5.87073   1.000 4.98869  ? 10  LEU B CG   1 
ATOM   260 C CD1  . LEU B 1 9 ? -2.85513  2.16405   6.36025   1.000 7.79750  ? 10  LEU B CD1  1 
ATOM   261 C CD2  . LEU B 1 9 ? -4.40327  0.25347   6.80431   1.000 6.13975  ? 10  LEU B CD2  1 
ATOM   262 H H    . LEU B 1 9 ? -6.08995  1.55068   3.44789   1.000 2.64550  ? 10  LEU B H    1 
ATOM   263 H HA   . LEU B 1 9 ? -6.87667  1.15009   6.01539   1.000 3.61295  ? 10  LEU B HA   1 
ATOM   264 H HB2  . LEU B 1 9 ? -5.00355  3.06108   5.09159   1.000 5.23518  ? 10  LEU B HB2  1 
ATOM   265 H HB3  . LEU B 1 9 ? -5.36742  2.81389   6.61865   1.000 5.23518  ? 10  LEU B HB3  1 
ATOM   266 H HG   . LEU B 1 9 ? -3.91744  1.03714   4.99573   1.000 5.98867  ? 10  LEU B HG   1 
ATOM   267 H HD11 . LEU B 1 9 ? -2.11530  1.54028   6.42697   1.000 9.35924  ? 10  LEU B HD11 1 
ATOM   268 H HD12 . LEU B 1 9 ? -2.63904  2.86707   5.72782   1.000 9.35924  ? 10  LEU B HD12 1 
ATOM   269 H HD13 . LEU B 1 9 ? -3.04315  2.54853   7.23073   1.000 9.35924  ? 10  LEU B HD13 1 
ATOM   270 H HD21 . LEU B 1 9 ? -3.61434  -0.30433  6.89001   1.000 7.36994  ? 10  LEU B HD21 1 
ATOM   271 H HD22 . LEU B 1 9 ? -4.65661  0.60378   7.67264   1.000 7.36994  ? 10  LEU B HD22 1 
ATOM   272 H HD23 . LEU B 1 9 ? -5.13420  -0.26264  6.42977   1.000 7.36994  ? 10  LEU B HD23 1 
HETATM 273 C C11  . I77 C 2 . ? 11.74601  -2.39100  6.93726   1.000 3.97544  ? 101 I77 A C11  1 
HETATM 274 C C12  . I77 C 2 . ? 12.27063  -1.23059  6.38610   1.000 3.27819  ? 101 I77 A C12  1 
HETATM 275 C C13  . I77 C 2 . ? 11.41283  -0.02593  6.06973   1.000 3.53825  ? 101 I77 A C13  1 
HETATM 276 C C17  . I77 C 2 . ? 13.62116  -1.16778  6.12360   1.000 3.62679  ? 101 I77 A C17  1 
HETATM 277 C C18  . I77 C 2 . ? 14.42452  -2.23862  6.39730   1.000 2.86823  ? 101 I77 A C18  1 
HETATM 278 C C02  . I77 C 2 . ? 17.13369  -7.91068  8.01593   1.000 3.16642  ? 101 I77 A C02  1 
HETATM 279 C C03  . I77 C 2 . ? 16.31584  -6.65668  7.74390   1.000 3.07503  ? 101 I77 A C03  1 
HETATM 280 C C04  . I77 C 2 . ? 14.96759  -6.73612  7.98960   1.000 3.82385  ? 101 I77 A C04  1 
HETATM 281 C C05  . I77 C 2 . ? 14.17476  -5.65403  7.73118   1.000 3.63230  ? 101 I77 A C05  1 
HETATM 282 C C06  . I77 C 2 . ? 16.86750  -5.47798  7.26856   1.000 3.44440  ? 101 I77 A C06  1 
HETATM 283 C C08  . I77 C 2 . ? 14.76046  -4.51636  7.24251   1.000 2.90265  ? 101 I77 A C08  1 
HETATM 284 C C09  . I77 C 2 . ? 13.86474  -3.35553  6.96204   1.000 3.13459  ? 101 I77 A C09  1 
HETATM 285 N N01  . I77 C 2 . ? 18.49950  -7.86512  7.65056   1.000 3.84377  ? 101 I77 A N01  1 
HETATM 286 N N07  . I77 C 2 . ? 16.06575  -4.43200  7.01782   1.000 4.17835  ? 101 I77 A N07  1 
HETATM 287 N N10  . I77 C 2 . ? 12.55384  -3.41681  7.20395   1.000 4.62707  ? 101 I77 A N10  1 
HETATM 288 N N14  . I77 C 2 . ? 10.13450  -0.37716  5.57828   1.000 3.48145  ? 101 I77 A N14  1 
HETATM 289 N N15  . I77 C 2 . ? 9.23603   0.60272   5.20793   1.000 3.29616  ? 101 I77 A N15  1 
HETATM 290 O O16  . I77 C 2 . ? 11.78580  1.09963   6.19278   1.000 4.58175  ? 101 I77 A O16  1 
HETATM 291 O O19  . I77 C 2 . ? 16.63847  -8.90002  8.46141   1.000 3.84992  ? 101 I77 A O19  1 
HETATM 292 H H111 . I77 C 2 . ? 10.69034  -2.46241  7.14868   1.000 4.77277  ? 101 I77 A H111 1 
HETATM 293 H H171 . I77 C 2 . ? 14.05029  -0.26146  5.69637   1.000 4.35439  ? 101 I77 A H171 1 
HETATM 294 H H181 . I77 C 2 . ? 15.48830  -2.20568  6.17140   1.000 3.44411  ? 101 I77 A H181 1 
HETATM 295 H H041 . I77 C 2 . ? 14.54028  -7.64030  8.38120   1.000 4.59086  ? 101 I77 A H041 1 
HETATM 296 H H051 . I77 C 2 . ? 13.10716  -5.69462  7.90865   1.000 4.36100  ? 101 I77 A H051 1 
HETATM 297 H H061 . I77 C 2 . ? 17.93280  -5.40198  7.10146   1.000 4.13553  ? 101 I77 A H061 1 
HETATM 298 H H011 . I77 C 2 . ? 18.88379  -7.03290  7.26358   1.000 4.61477  ? 101 I77 A H011 1 
HETATM 299 H H012 . I77 C 2 . ? 19.09547  -8.66654  7.79468   1.000 4.61477  ? 101 I77 A H012 1 
HETATM 300 H H141 . I77 C 2 . ? 9.87822   -1.34665  5.49803   1.000 4.17998  ? 101 I77 A H141 1 
HETATM 301 H H1   . I77 C 2 . ? 8.57138   0.16164   4.59334   1.000 3.95763  ? 101 I77 A H1   1 
HETATM 302 C C05  A I6W D 3 . ? 4.32411   -11.62958 -0.48414  0.805 4.53825  ? 102 I6W A C05  1 
HETATM 303 C C05  B I6W D 3 . ? 4.14576   -11.83500 -0.64965  0.195 3.36637  ? 102 I6W A C05  1 
HETATM 304 C C08  A I6W D 3 . ? 3.51401   -12.61367 -0.04198  0.805 4.15097  ? 102 I6W A C08  1 
HETATM 305 C C08  B I6W D 3 . ? 3.24738   -12.65958 -0.04045  0.195 4.10328  ? 102 I6W A C08  1 
HETATM 306 C C09  A I6W D 3 . ? 4.18901   -13.88837 0.38747   0.805 4.96256  ? 102 I6W A C09  1 
HETATM 307 C C09  B I6W D 3 . ? 3.72476   -14.00421 0.48991   0.195 4.32432  ? 102 I6W A C09  1 
HETATM 308 N N10  A I6W D 3 . ? 5.50289   -14.01634 0.33245   0.805 7.15808  ? 102 I6W A N10  1 
HETATM 309 N N10  B I6W D 3 . ? 5.00062   -14.29005 0.41205   0.195 5.26292  ? 102 I6W A N10  1 
HETATM 310 C C02  A I6W D 3 . ? 1.90696   -8.86262  -1.11035  0.805 2.97018  ? 102 I6W A C02  1 
HETATM 311 C C02  B I6W D 3 . ? 1.93398   -8.88080  -1.50479  0.195 4.96334  ? 102 I6W A C02  1 
HETATM 312 C C03  A I6W D 3 . ? 2.39322   -10.25604 -0.71732  0.805 3.34064  ? 102 I6W A C03  1 
HETATM 313 C C03  B I6W D 3 . ? 2.39612   -10.24772 -0.97262  0.195 3.40453  ? 102 I6W A C03  1 
HETATM 314 C C04  A I6W D 3 . ? 3.75511   -10.41603 -0.83343  0.805 4.83366  ? 102 I6W A C04  1 
HETATM 315 C C04  B I6W D 3 . ? 3.72372   -10.59068 -1.13707  0.195 2.95367  ? 102 I6W A C04  1 
HETATM 316 C C06  A I6W D 3 . ? 1.59733   -11.28742 -0.25658  0.805 3.27811  ? 102 I6W A C06  1 
HETATM 317 C C06  B I6W D 3 . ? 1.52746   -11.12373 -0.35190  0.195 3.42396  ? 102 I6W A C06  1 
HETATM 318 C C11  A I6W D 3 . ? 6.11983   -15.10887 0.74291   0.805 6.85719  ? 102 I6W A C11  1 
HETATM 319 C C11  B I6W D 3 . ? 5.49834   -15.42810 0.84569   0.195 4.54626  ? 102 I6W A C11  1 
HETATM 320 C C12  A I6W D 3 . ? 5.37248   -16.12693 1.27241   0.805 5.07057  ? 102 I6W A C12  1 
HETATM 321 C C12  B I6W D 3 . ? 4.66933   -16.37344 1.42406   0.195 4.60131  ? 102 I6W A C12  1 
HETATM 322 C C13  A I6W D 3 . ? 6.02861   -17.42192 1.76859   0.805 5.36553  ? 102 I6W A C13  1 
HETATM 323 C C13  B I6W D 3 . ? 5.24590   -17.72731 1.95175   0.195 6.34549  ? 102 I6W A C13  1 
HETATM 324 C C15  A I6W D 3 . ? 5.64017   -19.57233 2.66499   0.805 5.15047  ? 102 I6W A C15  1 
HETATM 325 C C15  B I6W D 3 . ? 4.88258   -19.87625 2.96277   0.195 8.60499  ? 102 I6W A C15  1 
HETATM 326 C C16  A I6W D 3 . ? 4.43707   -20.49741 2.90774   0.805 5.58447  ? 102 I6W A C16  1 
HETATM 327 C C16  B I6W D 3 . ? 3.73670   -20.88196 3.23691   0.195 9.72945  ? 102 I6W A C16  1 
HETATM 328 C C18  A I6W D 3 . ? 4.01662   -16.01241 1.35744   0.805 4.54333  ? 102 I6W A C18  1 
HETATM 329 C C18  B I6W D 3 . ? 3.32303   -16.11184 1.53105   0.195 4.65658  ? 102 I6W A C18  1 
HETATM 330 C C19  A I6W D 3 . ? 3.40032   -14.85985 0.92248   0.805 3.53437  ? 102 I6W A C19  1 
HETATM 331 C C19  B I6W D 3 . ? 2.83770   -14.89390 1.05295   0.195 4.34965  ? 102 I6W A C19  1 
HETATM 332 N N07  A I6W D 3 . ? 2.19105   -12.45422 0.07962   0.805 4.25831  ? 102 I6W A N07  1 
HETATM 333 N N07  B I6W D 3 . ? 1.97457   -12.29485 0.09716   0.195 5.70969  ? 102 I6W A N07  1 
HETATM 334 O O01  A I6W D 3 . ? 2.64413   -7.89955  -1.05305  0.805 3.32478  ? 102 I6W A O01  1 
HETATM 335 O O01  B I6W D 3 . ? 2.59816   -7.89317  -1.31167  0.195 4.37148  ? 102 I6W A O01  1 
HETATM 336 O O14  A I6W D 3 . ? 5.06818   -18.35418 2.18615   0.805 4.78493  ? 102 I6W A O14  1 
HETATM 337 O O14  B I6W D 3 . ? 4.37011   -18.83876 2.11264   0.195 9.26020  ? 102 I6W A O14  1 
HETATM 338 O O17  A I6W D 3 . ? 7.18755   -17.59639 1.86434   0.805 7.66844  ? 102 I6W A O17  1 
HETATM 339 O O17  B I6W D 3 . ? 6.38556   -17.81710 2.22243   0.195 8.02513  ? 102 I6W A O17  1 
HETATM 340 H H051 A I6W D 3 . ? 5.37812   -11.78286 -0.56275  0.805 5.44815  ? 102 I6W A H051 1 
HETATM 341 H H051 B I6W D 3 . ? 5.16514   -12.13576 -0.75472  0.195 4.04189  ? 102 I6W A H051 1 
HETATM 342 H H041 A I6W D 3 . ? 4.39463   -9.57529  -1.20570  0.805 5.80263  ? 102 I6W A H041 1 
HETATM 343 H H041 B I6W D 3 . ? 4.44042   -9.89542  -1.64437  0.195 3.54664  ? 102 I6W A H041 1 
HETATM 344 H H061 A I6W D 3 . ? 0.52217   -11.16323 -0.16703  0.805 3.93598  ? 102 I6W A H061 1 
HETATM 345 H H061 B I6W D 3 . ? 0.48163   -10.85749 -0.23045  0.195 4.11099  ? 102 I6W A H061 1 
HETATM 346 H H111 A I6W D 3 . ? 7.17823   -15.19698 0.66387   0.805 8.23087  ? 102 I6W A H111 1 
HETATM 347 H H111 B I6W D 3 . ? 6.54122   -15.62244 0.75156   0.195 5.45775  ? 102 I6W A H111 1 
HETATM 348 H H152 A I6W D 3 . ? 6.18257   -19.40249 3.58686   0.805 6.18281  ? 102 I6W A H152 1 
HETATM 349 H H152 B I6W D 3 . ? 5.22596   -19.44866 3.89666   0.195 10.32823 ? 102 I6W A H152 1 
HETATM 350 H H151 A I6W D 3 . ? 6.30530   -19.99845 1.92410   0.805 6.18281  ? 102 I6W A H151 1 
HETATM 351 H H151 B I6W D 3 . ? 5.70368   -20.38188 2.46982   0.195 10.32823 ? 102 I6W A H151 1 
HETATM 352 H H162 A I6W D 3 . ? 3.75728   -20.03135 3.64524   0.805 6.70361  ? 102 I6W A H162 1 
HETATM 353 H H162 B I6W D 3 . ? 2.95035   -20.38902 3.83848   0.195 11.67758 ? 102 I6W A H162 1 
HETATM 354 H H163 A I6W D 3 . ? 4.79292   -21.46976 3.29648   0.805 6.70361  ? 102 I6W A H163 1 
HETATM 355 H H163 B I6W D 3 . ? 4.13522   -21.75177 3.79175   0.195 11.67758 ? 102 I6W A H163 1 
HETATM 356 H H161 A I6W D 3 . ? 3.89655   -20.65578 1.95589   0.805 6.70361  ? 102 I6W A H161 1 
HETATM 357 H H161 B I6W D 3 . ? 3.30766   -21.22205 2.27592   0.195 11.67758 ? 102 I6W A H161 1 
HETATM 358 H H181 A I6W D 3 . ? 3.42195   -16.82864 1.76761   0.805 5.45423  ? 102 I6W A H181 1 
HETATM 359 H H181 B I6W D 3 . ? 2.64804   -16.84046 1.98004   0.195 5.59013  ? 102 I6W A H181 1 
HETATM 360 H H191 A I6W D 3 . ? 2.32302   -14.73103 1.00367   0.805 4.24349  ? 102 I6W A H191 1 
HETATM 361 H H191 B I6W D 3 . ? 1.77923   -14.65230 1.12380   0.195 5.22182  ? 102 I6W A H191 1 
HETATM 362 C C01  A 8VH E 4 . ? -1.25496  6.87154   2.25715   0.668 5.82371  ? 103 8VH A C01  1 
HETATM 363 C C01  B 8VH E 4 . ? 0.91598   3.90482   3.21612   0.332 4.47750  ? 103 8VH A C01  1 
HETATM 364 C C02  A 8VH E 4 . ? -1.17697  5.72659   3.03684   0.668 6.60867  ? 103 8VH A C02  1 
HETATM 365 C C02  B 8VH E 4 . ? 1.04890   4.91390   2.27399   0.332 4.02373  ? 103 8VH A C02  1 
HETATM 366 C C03  A 8VH E 4 . ? -0.11168  4.85734   2.88659   0.668 7.65660  ? 103 8VH A C03  1 
HETATM 367 C C03  B 8VH E 4 . ? 0.03804   5.84228   2.09677   0.332 5.02354  ? 103 8VH A C03  1 
HETATM 368 C C04  A 8VH E 4 . ? 0.87792   5.14410   1.96265   0.668 7.85794  ? 103 8VH A C04  1 
HETATM 369 C C04  B 8VH E 4 . ? -1.10708  5.75251   2.87184   0.332 4.31467  ? 103 8VH A C04  1 
HETATM 370 C C05  A 8VH E 4 . ? 0.81032   6.29245   1.19370   0.668 7.77634  ? 103 8VH A C05  1 
HETATM 371 C C05  B 8VH E 4 . ? -1.24089  4.74560   3.81596   0.332 3.75769  ? 103 8VH A C05  1 
HETATM 372 C C06  A 8VH E 4 . ? -0.25955  7.15808   1.34713   0.668 6.63223  ? 103 8VH A C06  1 
HETATM 373 C C06  B 8VH E 4 . ? -0.22596  3.82057   3.99208   0.332 4.08738  ? 103 8VH A C06  1 
HETATM 374 C C07  A 8VH E 4 . ? -0.01414  3.59053   3.73659   0.668 8.60001  ? 103 8VH A C07  1 
HETATM 375 C C07  B 8VH E 4 . ? 0.18049   6.95348   1.05649   0.332 7.09770  ? 103 8VH A C07  1 
HETATM 376 C C08  A 8VH E 4 . ? -2.41667  7.83466   2.41799   0.668 6.85863  ? 103 8VH A C08  1 
HETATM 377 C C08  B 8VH E 4 . ? 2.04576   2.89779   3.40693   0.332 5.97809  ? 103 8VH A C08  1 
HETATM 378 H H1   A 8VH E 4 . ? -1.95092  5.51330   3.76374   0.668 7.93265  ? 103 8VH A H1   1 
HETATM 379 H H1   B 8VH E 4 . ? 1.94837   4.97567   1.67395   0.332 4.83071  ? 103 8VH A H1   1 
HETATM 380 H H2   A 8VH E 4 . ? 1.71201   4.46419   1.84047   0.668 9.43177  ? 103 8VH A H2   1 
HETATM 381 H H2   B 8VH E 4 . ? -1.90363  6.47420   2.73928   0.332 5.17985  ? 103 8VH A H2   1 
HETATM 382 H H3   A 8VH E 4 . ? 1.59024   6.51313   0.47544   0.668 9.33385  ? 103 8VH A H3   1 
HETATM 383 H H3   B 8VH E 4 . ? -2.14021  4.68279   4.41610   0.332 4.51147  ? 103 8VH A H3   1 
HETATM 384 H H4   A 8VH E 4 . ? -0.31448  8.06106   0.75174   0.668 7.96091  ? 103 8VH A H4   1 
HETATM 385 H H4   B 8VH E 4 . ? -0.32546  3.03636   4.73235   0.332 4.90710  ? 103 8VH A H4   1 
HETATM 386 H H5   A 8VH E 4 . ? 0.58658   3.79071   4.61519   0.668 10.32225 ? 103 8VH A H5   1 
HETATM 387 H H5   B 8VH E 4 . ? 0.86882   7.70500   1.42299   0.332 8.51948  ? 103 8VH A H5   1 
HETATM 388 H H6   A 8VH E 4 . ? -1.00691  3.28246   4.04054   0.668 10.32225 ? 103 8VH A H6   1 
HETATM 389 H H6   B 8VH E 4 . ? 0.56032   6.53609   0.13216   0.332 8.51948  ? 103 8VH A H6   1 
HETATM 390 H H7   A 8VH E 4 . ? 0.44700   2.80101   3.15617   0.668 10.32225 ? 103 8VH A H7   1 
HETATM 391 H H7   B 8VH E 4 . ? -0.78679  7.40649   0.87744   0.332 8.51948  ? 103 8VH A H7   1 
HETATM 392 H H8   A 8VH E 4 . ? -2.87885  7.68433   3.38581   0.668 8.23260  ? 103 8VH A H8   1 
HETATM 393 H H8   B 8VH E 4 . ? 2.80586   3.06086   2.65291   0.332 7.17595  ? 103 8VH A H8   1 
HETATM 394 H H9   A 8VH E 4 . ? -3.14580  7.65426   1.63778   0.668 8.23260  ? 103 8VH A H9   1 
HETATM 395 H H9   B 8VH E 4 . ? 1.65332   1.89282   3.31253   0.332 7.17595  ? 103 8VH A H9   1 
HETATM 396 H H10  A 8VH E 4 . ? -2.05434  8.85264   2.34515   0.668 8.23260  ? 103 8VH A H10  1 
HETATM 397 H H10  B 8VH E 4 . ? 2.48017   3.02478   4.39083   0.332 7.17595  ? 103 8VH A H10  1 
HETATM 398 C C01  . 8VH F 4 . ? 2.11775   -3.39299  7.36333   1.000 6.40623  ? 104 8VH A C01  1 
HETATM 399 C C02  . 8VH F 4 . ? 1.95524   -2.05880  7.04375   1.000 5.32036  ? 104 8VH A C02  1 
HETATM 400 C C03  . 8VH F 4 . ? 0.78558   -1.63193  6.43854   1.000 5.64835  ? 104 8VH A C03  1 
HETATM 401 C C04  . 8VH F 4 . ? -0.22446  -2.53630  6.17715   1.000 8.09494  ? 104 8VH A C04  1 
HETATM 402 C C05  . 8VH F 4 . ? -0.05426  -3.86541  6.50487   1.000 8.82915  ? 104 8VH A C05  1 
HETATM 403 C C06  . 8VH F 4 . ? 1.10170   -4.29601  7.11013   1.000 7.47851  ? 104 8VH A C06  1 
HETATM 404 C C07  . 8VH F 4 . ? 0.60227   -0.16074  6.09962   1.000 7.79499  ? 104 8VH A C07  1 
HETATM 405 C C08  . 8VH F 4 . ? 3.39996   -3.87709  8.01433   1.000 9.42729  ? 104 8VH A C08  1 
HETATM 406 H H1   . 8VH F 4 . ? 2.74149   -1.34806  7.26629   1.000 6.38667  ? 104 8VH A H1   1 
HETATM 407 H H2   . 8VH F 4 . ? -1.14652  -2.20355  5.71675   1.000 9.71617  ? 104 8VH A H2   1 
HETATM 408 H H3   . 8VH F 4 . ? -0.83996  -4.57693  6.28277   1.000 10.59722 ? 104 8VH A H3   1 
HETATM 409 H H4   . 8VH F 4 . ? 1.21634   -5.33666  7.38727   1.000 8.97645  ? 104 8VH A H4   1 
HETATM 410 H H5   . 8VH F 4 . ? 0.09102   0.33647   6.91465   1.000 9.35623  ? 104 8VH A H5   1 
HETATM 411 H H6   . 8VH F 4 . ? 1.57141   0.29820   5.94784   1.000 9.35623  ? 104 8VH A H6   1 
HETATM 412 H H7   . 8VH F 4 . ? 0.01387   -0.06929  5.19501   1.000 9.35623  ? 104 8VH A H7   1 
HETATM 413 H H8   . 8VH F 4 . ? 3.77681   -3.11230  8.68215   1.000 11.31499 ? 104 8VH A H8   1 
HETATM 414 H H9   . 8VH F 4 . ? 4.13780   -4.08353  7.24892   1.000 11.31499 ? 104 8VH A H9   1 
HETATM 415 H H10  . 8VH F 4 . ? 3.20041   -4.78094  8.57657   1.000 11.31499 ? 104 8VH A H10  1 
HETATM 416 C C01  . 8VH G 4 . ? 6.06451   7.02483   9.35188   1.000 3.95369  ? 105 8VH A C01  1 
HETATM 417 C C02  . 8VH G 4 . ? 7.32800   7.56527   9.46533   1.000 3.79738  ? 105 8VH A C02  1 
HETATM 418 C C03  . 8VH G 4 . ? 7.70180   8.65915   8.69093   1.000 3.97320  ? 105 8VH A C03  1 
HETATM 419 C C04  . 8VH G 4 . ? 6.78087   9.23451   7.83352   1.000 5.01326  ? 105 8VH A C04  1 
HETATM 420 C C05  . 8VH G 4 . ? 5.51105   8.70408   7.73311   1.000 4.27222  ? 105 8VH A C05  1 
HETATM 421 C C06  . 8VH G 4 . ? 5.14287   7.59412   8.48727   1.000 4.41565  ? 105 8VH A C06  1 
HETATM 422 C C07  . 8VH G 4 . ? 9.10909   9.23535   8.82093   1.000 5.32426  ? 105 8VH A C07  1 
HETATM 423 C C08  . 8VH G 4 . ? 5.69828   5.81314   10.20558  1.000 5.54146  ? 105 8VH A C08  1 
HETATM 424 H H1   . 8VH G 4 . ? 8.03545   7.13462   10.16316  1.000 4.55910  ? 105 8VH A H1   1 
HETATM 425 H H2   . 8VH G 4 . ? 7.05607   10.09929  7.24250   1.000 6.01816  ? 105 8VH A H2   1 
HETATM 426 H H3   . 8VH G 4 . ? 4.79321   9.15647   7.06009   1.000 5.12891  ? 105 8VH A H3   1 
HETATM 427 H H4   . 8VH G 4 . ? 4.14631   7.17931   8.39956   1.000 5.30102  ? 105 8VH A H4   1 
HETATM 428 H H5   . 8VH G 4 . ? 9.04849   10.26512  9.15074   1.000 6.39135  ? 105 8VH A H5   1 
HETATM 429 H H6   . 8VH G 4 . ? 9.67054   8.65704   9.54428   1.000 6.39135  ? 105 8VH A H6   1 
HETATM 430 H H7   . 8VH G 4 . ? 9.60681   9.19272   7.86001   1.000 6.39135  ? 105 8VH A H7   1 
HETATM 431 H H8   . 8VH G 4 . ? 6.14927   5.91219   11.18521  1.000 6.65200  ? 105 8VH A H8   1 
HETATM 432 H H9   . 8VH G 4 . ? 6.06417   4.91202   9.72912   1.000 6.65200  ? 105 8VH A H9   1 
HETATM 433 H H10  . 8VH G 4 . ? 4.62165   5.75578   10.30790  1.000 6.65200  ? 105 8VH A H10  1 
HETATM 434 C C01  . 8VH H 4 . ? 9.66170   -6.22674  -1.63007  1.000 16.57171 ? 106 8VH A C01  1 
HETATM 435 C C02  . 8VH H 4 . ? 9.03438   -5.73778  -0.50464  1.000 14.60122 ? 106 8VH A C02  1 
HETATM 436 C C03  . 8VH H 4 . ? 9.22454   -6.34969  0.71388   1.000 17.54494 ? 106 8VH A C03  1 
HETATM 437 C C04  . 8VH H 4 . ? 10.04549  -7.46880  0.82485   1.000 18.51430 ? 106 8VH A C04  1 
HETATM 438 C C05  . 8VH H 4 . ? 10.68232  -7.95692  -0.30931  1.000 19.58134 ? 106 8VH A C05  1 
HETATM 439 C C06  . 8VH H 4 . ? 10.48723  -7.33805  -1.53730  1.000 18.82890 ? 106 8VH A C06  1 
HETATM 440 C C07  . 8VH H 4 . ? 8.49364   -5.75792  1.90583   1.000 20.54621 ? 106 8VH A C07  1 
HETATM 441 C C08  . 8VH H 4 . ? 9.43506   -5.51627  -2.96068  1.000 17.00580 ? 106 8VH A C08  1 
HETATM 442 H H1   . 8VH H 4 . ? 8.39037   -4.87024  -0.57893  1.000 17.52371 ? 106 8VH A H1   1 
HETATM 443 H H2   . 8VH H 4 . ? 10.18588  -7.95278  1.78346   1.000 22.21940 ? 106 8VH A H2   1 
HETATM 444 H H3   . 8VH H 4 . ? 11.33140  -8.82073  -0.23583  1.000 23.49984 ? 106 8VH A H3   1 
HETATM 445 H H4   . 8VH H 4 . ? 10.97928  -7.72274  -2.42206  1.000 22.59692 ? 106 8VH A H4   1 
HETATM 446 H H5   . 8VH H 4 . ? 8.79998   -4.72815  2.04224   1.000 24.65770 ? 106 8VH A H5   1 
HETATM 447 H H6   . 8VH H 4 . ? 7.42571   -5.79662  1.73000   1.000 24.65770 ? 106 8VH A H6   1 
HETATM 448 H H7   . 8VH H 4 . ? 8.73389   -6.32691  2.79545   1.000 24.65770 ? 106 8VH A H7   1 
HETATM 449 H H8   . 8VH H 4 . ? 8.88213   -6.16636  -3.62741  1.000 20.40920 ? 106 8VH A H8   1 
HETATM 450 H H9   . 8VH H 4 . ? 10.39114  -5.27094  -3.40634  1.000 20.40920 ? 106 8VH A H9   1 
HETATM 451 H H10  . 8VH H 4 . ? 8.87100   -4.60709  -2.79295  1.000 20.40920 ? 106 8VH A H10  1 
HETATM 452 C C01  A 8VH I 4 . ? 10.05816  -13.13961 4.00504   0.521 18.04972 ? 107 8VH A C01  1 
HETATM 453 C C01  B 8VH I 4 . ? 10.55223  -10.33438 6.23500   0.334 28.59506 ? 107 8VH A C01  1 
HETATM 454 C C01  C 8VH I 4 . ? 10.12531  -12.49747 4.22789   0.144 26.89299 ? 107 8VH A C01  1 
HETATM 455 C C02  A 8VH I 4 . ? 9.78253   -13.87036 2.86436   0.521 17.77339 ? 107 8VH A C02  1 
HETATM 456 C C02  B 8VH I 4 . ? 9.62175   -10.13668 5.22857   0.334 29.15207 ? 107 8VH A C02  1 
HETATM 457 C C02  C 8VH I 4 . ? 9.43976   -11.29621 4.15375   0.144 26.50435 ? 107 8VH A C02  1 
HETATM 458 C C03  A 8VH I 4 . ? 10.31175  -15.14145 2.72908   0.521 16.72237 ? 107 8VH A C03  1 
HETATM 459 C C03  B 8VH I 4 . ? 9.37469   -11.14108 4.30747   0.334 30.73765 ? 107 8VH A C03  1 
HETATM 460 C C03  C 8VH I 4 . ? 8.52551   -11.08170 3.13569   0.144 25.55525 ? 107 8VH A C03  1 
HETATM 461 C C04  A 8VH I 4 . ? 11.10792  -15.68212 3.71437   0.521 13.52464 ? 107 8VH A C04  1 
HETATM 462 C C04  B 8VH I 4 . ? 10.05975  -12.34294 4.39381   0.334 31.32964 ? 107 8VH A C04  1 
HETATM 463 C C04  C 8VH I 4 . ? 8.29569   -12.06874 2.19100   0.144 25.27065 ? 107 8VH A C04  1 
HETATM 464 C C05  A 8VH I 4 . ? 11.39764  -14.95009 4.84001   0.521 12.52124 ? 107 8VH A C05  1 
HETATM 465 C C05  B 8VH I 4 . ? 10.99134  -12.53942 5.39957   0.334 30.52644 ? 107 8VH A C05  1 
HETATM 466 C C05  C 8VH I 4 . ? 8.98197   -13.26951 2.26402   0.144 25.57614 ? 107 8VH A C05  1 
HETATM 467 C C06  A 8VH I 4 . ? 10.86632  -13.68041 4.99002   0.521 15.40878 ? 107 8VH A C06  1 
HETATM 468 C C06  B 8VH I 4 . ? 11.23641  -11.53522 6.32029   0.334 29.50885 ? 107 8VH A C06  1 
HETATM 469 C C06  C 8VH I 4 . ? 9.89708   -13.48374 3.28208   0.144 26.33741 ? 107 8VH A C06  1 
HETATM 470 C C07  A 8VH I 4 . ? 10.03051  -15.95263 1.48182   0.521 18.85453 ? 107 8VH A C07  1 
HETATM 471 C C07  B 8VH I 4 . ? 8.34737   -10.92447 3.19764   0.334 30.58248 ? 107 8VH A C07  1 
HETATM 472 C C07  C 8VH I 4 . ? 7.77024   -9.75701  3.05903   0.144 25.12942 ? 107 8VH A C07  1 
HETATM 473 C C08  A 8VH I 4 . ? 9.47649   -11.73752 4.17538   0.521 21.19539 ? 107 8VH A C08  1 
HETATM 474 C C08  B 8VH I 4 . ? 10.82444  -9.22537  7.24783   0.334 27.73711 ? 107 8VH A C08  1 
HETATM 475 C C08  C 8VH I 4 . ? 11.13506  -12.73125 5.34968   0.144 27.10780 ? 107 8VH A C08  1 
HETATM 476 H H1   A 8VH I 4 . ? 9.15850   -13.45196 2.08436   0.521 21.33031 ? 107 8VH A H1   1 
HETATM 477 H H1   B 8VH I 4 . ? 9.08746   -9.19703  5.16178   0.334 34.98472 ? 107 8VH A H1   1 
HETATM 478 H H1   C 8VH I 4 . ? 9.61867   -10.52440 4.89212   0.144 31.80746 ? 107 8VH A H1   1 
HETATM 479 H H2   A 8VH I 4 . ? 11.50511  -16.68334 3.60176   0.521 16.23181 ? 107 8VH A H2   1 
HETATM 480 H H2   B 8VH I 4 . ? 9.86637   -13.12891 3.67427   0.334 37.59781 ? 107 8VH A H2   1 
HETATM 481 H H2   C 8VH I 4 . ? 7.57972   -11.90142 1.39583   0.144 30.32702 ? 107 8VH A H2   1 
HETATM 482 H H3   A 8VH I 4 . ? 12.03946  -15.36470 5.60752   0.521 15.02773 ? 107 8VH A H3   1 
HETATM 483 H H3   B 8VH I 4 . ? 11.52768  -13.47796 5.46567   0.334 36.63397 ? 107 8VH A H3   1 
HETATM 484 H H3   C 8VH I 4 . ? 8.80334   -14.04105 1.52532   0.144 30.69361 ? 107 8VH A H3   1 
HETATM 485 H H4   A 8VH I 4 . ? 11.08421  -13.10735 5.88278   0.521 18.49277 ? 107 8VH A H4   1 
HETATM 486 H H4   B 8VH I 4 . ? 11.96373  -11.68887 7.10788   0.334 35.41286 ? 107 8VH A H4   1 
HETATM 487 H H4   C 8VH I 4 . ? 10.43414  -14.42250 3.33851   0.144 31.60713 ? 107 8VH A H4   1 
HETATM 488 H H5   A 8VH I 4 . ? 8.96482   -15.96068 1.28913   0.521 22.62767 ? 107 8VH A H5   1 
HETATM 489 H H5   B 8VH I 4 . ? 8.75225   -10.24403 2.45874   0.334 36.70122 ? 107 8VH A H5   1 
HETATM 490 H H5   C 8VH I 4 . ? 8.44027   -8.97886  2.71489   0.144 30.15755 ? 107 8VH A H5   1 
HETATM 491 H H6   A 8VH I 4 . ? 10.54644  -15.50946 0.63903   0.521 22.62767 ? 107 8VH A H6   1 
HETATM 492 H H6   B 8VH I 4 . ? 8.11817   -11.87294 2.72777   0.334 36.70122 ? 107 8VH A H6   1 
HETATM 493 H H6   C 8VH I 4 . ? 6.94262   -9.85285  2.36711   0.144 30.15755 ? 107 8VH A H6   1 
HETATM 494 H H7   A 8VH I 4 . ? 10.37913  -16.96791 1.62528   0.521 22.62767 ? 107 8VH A H7   1 
HETATM 495 H H7   B 8VH I 4 . ? 7.44346   -10.50292 3.61970   0.334 36.70122 ? 107 8VH A H7   1 
HETATM 496 H H7   C 8VH I 4 . ? 7.39212   -9.49972  4.04073   0.144 30.15755 ? 107 8VH A H7   1 
HETATM 497 H H8   A 8VH I 4 . ? 8.47087   -11.71270 3.77412   0.521 25.43671 ? 107 8VH A H8   1 
HETATM 498 H H8   B 8VH I 4 . ? 10.94685  -9.65828  8.23296   0.334 33.28678 ? 107 8VH A H8   1 
HETATM 499 H H8   C 8VH I 4 . ? 11.39235  -13.78245 5.39047   0.144 32.53160 ? 107 8VH A H8   1 
HETATM 500 H H9   A 8VH I 4 . ? 10.09448  -11.02347 3.64518   0.521 25.43671 ? 107 8VH A H9   1 
HETATM 501 H H9   B 8VH I 4 . ? 9.99115   -8.53371  7.25843   0.334 33.28678 ? 107 8VH A H9   1 
HETATM 502 H H9   C 8VH I 4 . ? 10.70114  -12.42884 6.29475   0.144 32.53160 ? 107 8VH A H9   1 
HETATM 503 H H10  A 8VH I 4 . ? 9.45174   -11.48236 5.22759   0.521 25.43671 ? 107 8VH A H10  1 
HETATM 504 H H10  B 8VH I 4 . ? 11.72843  -8.69731  6.97066   0.334 33.28678 ? 107 8VH A H10  1 
HETATM 505 H H10  C 8VH I 4 . ? 12.02764  -12.14823 5.15923   0.144 32.53160 ? 107 8VH A H10  1 
HETATM 506 C C11  . I77 J 2 . ? -10.83556 6.30429   3.81761   1.000 4.22910  ? 101 I77 B C11  1 
HETATM 507 C C12  . I77 J 2 . ? -11.39558 5.10241   4.24348   1.000 3.53904  ? 101 I77 B C12  1 
HETATM 508 C C13  . I77 J 2 . ? -10.55403 3.92017   4.66280   1.000 3.64232  ? 101 I77 B C13  1 
HETATM 509 C C17  . I77 J 2 . ? -12.76149 4.97268   4.26786   1.000 3.33142  ? 101 I77 B C17  1 
HETATM 510 C C18  . I77 J 2 . ? -13.54258 6.03915   3.90120   1.000 2.70986  ? 101 I77 B C18  1 
HETATM 511 C C02  . I77 J 2 . ? -16.11915 11.66753  1.78218   1.000 3.52142  ? 101 I77 B C02  1 
HETATM 512 C C03  . I77 J 2 . ? -15.33216 10.45994  2.28387   1.000 3.23111  ? 101 I77 B C03  1 
HETATM 513 C C04  . I77 J 2 . ? -13.96931 10.56281  2.24840   1.000 3.97249  ? 101 I77 B C04  1 
HETATM 514 C C05  . I77 J 2 . ? -13.19124 9.50494   2.65821   1.000 3.73428  ? 101 I77 B C05  1 
HETATM 515 C C06  . I77 J 2 . ? -15.89568 9.26383   2.74182   1.000 3.67003  ? 101 I77 B C06  1 
HETATM 516 C C08  . I77 J 2 . ? -13.80273 8.35991   3.08590   1.000 2.85738  ? 101 I77 B C08  1 
HETATM 517 C C09  . I77 J 2 . ? -12.93080 7.20804   3.50290   1.000 3.17069  ? 101 I77 B C09  1 
HETATM 518 N N01  . I77 J 2 . ? -17.52262 11.47217  1.74488   1.000 4.50539  ? 101 I77 B N01  1 
HETATM 519 N N07  . I77 J 2 . ? -15.11584 8.25338   3.12627   1.000 4.27527  ? 101 I77 B N07  1 
HETATM 520 N N10  . I77 J 2 . ? -11.61606 7.32203   3.46887   1.000 4.81899  ? 101 I77 B N10  1 
HETATM 521 N N14  . I77 J 2 . ? -9.40141  3.75984   3.86541   1.000 3.67353  ? 101 I77 B N14  1 
HETATM 522 N N15  . I77 J 2 . ? -8.52284  2.72538   4.12645   1.000 3.79361  ? 101 I77 B N15  1 
HETATM 523 O O16  . I77 J 2 . ? -10.83086 3.19961   5.57265   1.000 4.83116  ? 101 I77 B O16  1 
HETATM 524 O O19  . I77 J 2 . ? -15.57282 12.65935  1.41933   1.000 3.91445  ? 101 I77 B O19  1 
HETATM 525 H H111 . I77 J 2 . ? -9.76277  6.40988   3.77050   1.000 5.07716  ? 101 I77 B H111 1 
HETATM 526 H H171 . I77 J 2 . ? -13.22057 4.03300   4.57503   1.000 3.99994  ? 101 I77 B H171 1 
HETATM 527 H H181 . I77 J 2 . ? -14.62770 5.96347   3.92445   1.000 3.25407  ? 101 I77 B H181 1 
HETATM 528 H H041 . I77 J 2 . ? -13.50709 11.46794  1.90121   1.000 4.76923  ? 101 I77 B H041 1 
HETATM 529 H H051 . I77 J 2 . ? -12.11084 9.57814   2.64224   1.000 4.48338  ? 101 I77 B H051 1 
HETATM 530 H H061 . I77 J 2 . ? -16.97070 9.15848   2.78410   1.000 4.40627  ? 101 I77 B H061 1 
HETATM 531 H H011 . I77 J 2 . ? -17.91542 10.61319  2.05078   1.000 5.40871  ? 101 I77 B H011 1 
HETATM 532 H H012 . I77 J 2 . ? -18.12663 12.21277  1.41995   1.000 5.40871  ? 101 I77 B H012 1 
HETATM 533 H H141 . I77 J 2 . ? -9.21915  4.39688   3.10845   1.000 4.41048  ? 101 I77 B H141 1 
HETATM 534 H H1   . I77 J 2 . ? -7.77917  2.83521   3.45451   1.000 4.55457  ? 101 I77 B H1   1 
HETATM 535 C C05  . I6W K 3 . ? -5.06099  8.48933   -8.67358  1.000 5.04245  ? 102 I6W B C05  1 
HETATM 536 C C08  . I6W K 3 . ? -4.20855  9.45485   -9.07101  1.000 4.97341  ? 102 I6W B C08  1 
HETATM 537 C C09  . I6W K 3 . ? -4.82917  10.76698  -9.48613  1.000 5.69108  ? 102 I6W B C09  1 
HETATM 538 N N10  . I6W K 3 . ? -6.13234  10.94255  -9.41056  1.000 8.00115  ? 102 I6W B N10  1 
HETATM 539 C C02  . I6W K 3 . ? -2.71599  5.77148   -7.68972  1.000 4.00024  ? 102 I6W B C02  1 
HETATM 540 C C03  . I6W K 3 . ? -3.17114  7.10990   -8.22668  1.000 4.19821  ? 102 I6W B C03  1 
HETATM 541 C C04  . I6W K 3 . ? -4.53020  7.28521   -8.24797  1.000 5.46642  ? 102 I6W B C04  1 
HETATM 542 C C06  . I6W K 3 . ? -2.32904  8.12264   -8.63120  1.000 4.12003  ? 102 I6W B C06  1 
HETATM 543 C C11  . I6W K 3 . ? -6.70630  12.08627  -9.72824  1.000 7.60449  ? 102 I6W B C11  1 
HETATM 544 C C12  . I6W K 3 . ? -5.90263  13.11906  -10.13427 1.000 6.18546  ? 102 I6W B C12  1 
HETATM 545 C C13  . I6W K 3 . ? -6.53265  14.47810  -10.48462 1.000 6.40956  ? 102 I6W B C13  1 
HETATM 546 C C15  . I6W K 3 . ? -6.07514  16.68530  -11.23497 1.000 6.58343  ? 102 I6W B C15  1 
HETATM 547 C C16  . I6W K 3 . ? -4.86366  17.43063  -11.80707 1.000 6.89658  ? 102 I6W B C16  1 
HETATM 548 C C18  . I6W K 3 . ? -4.54063  12.99232  -10.19246 1.000 6.22236  ? 102 I6W B C18  1 
HETATM 549 C C19  . I6W K 3 . ? -3.98150  11.77299  -9.85541  1.000 4.82071  ? 102 I6W B C19  1 
HETATM 550 N N07  . I6W K 3 . ? -2.87214  9.28520   -9.03876  1.000 6.01887  ? 102 I6W B N07  1 
HETATM 551 O O01  . I6W K 3 . ? -3.39885  5.13022   -6.93965  1.000 4.67112  ? 102 I6W B O01  1 
HETATM 552 O O14  . I6W K 3 . ? -5.58643  15.37304  -10.95646 1.000 6.32293  ? 102 I6W B O14  1 
HETATM 553 O O17  . I6W K 3 . ? -7.67402  14.75576  -10.32004 1.000 7.33529  ? 102 I6W B O17  1 
HETATM 554 H H051 . I6W K 3 . ? -6.11675  8.65000   -8.68710  1.000 6.05318  ? 102 I6W B H051 1 
HETATM 555 H H041 . I6W K 3 . ? -5.20825  6.45565   -7.92164  1.000 6.56194  ? 102 I6W B H041 1 
HETATM 556 H H061 . I6W K 3 . ? -1.25174  7.98580   -8.62134  1.000 4.94628  ? 102 I6W B H061 1 
HETATM 557 H H111 . I6W K 3 . ? -7.76323  12.20402  -9.67100  1.000 9.12762  ? 102 I6W B H111 1 
HETATM 558 H H152 . I6W K 3 . ? -6.42478  17.16346  -10.32833 1.000 7.90236  ? 102 I6W B H152 1 
HETATM 559 H H151 . I6W K 3 . ? -6.87842  16.64812  -11.96040 1.000 7.90236  ? 102 I6W B H151 1 
HETATM 560 H H162 . I6W K 3 . ? -4.55367  16.95528  -12.75637 1.000 8.27813  ? 102 I6W B H162 1 
HETATM 561 H H163 . I6W K 3 . ? -4.02907  17.38727  -11.08263 1.000 8.27813  ? 102 I6W B H163 1 
HETATM 562 H H161 . I6W K 3 . ? -5.13564  18.48619  -11.99426 1.000 8.27813  ? 102 I6W B H161 1 
HETATM 563 H H181 . I6W K 3 . ? -3.91248  13.82972  -10.49628 1.000 7.46907  ? 102 I6W B H181 1 
HETATM 564 H H191 . I6W K 3 . ? -2.90462  11.62034  -9.88339  1.000 5.78709  ? 102 I6W B H191 1 
HETATM 565 C C01  A 8VH L 4 . ? -8.21803  15.43956  -0.52007  0.555 11.94451 ? 103 8VH B C01  1 
HETATM 566 C C01  B 8VH L 4 . ? -7.25414  14.22722  -0.15076  0.445 10.85571 ? 103 8VH B C01  1 
HETATM 567 C C02  A 8VH L 4 . ? -7.39665  14.32917  -0.60377  0.555 10.71986 ? 103 8VH B C02  1 
HETATM 568 C C02  B 8VH L 4 . ? -7.13402  14.37034  -1.52889  0.445 10.22072 ? 103 8VH B C02  1 
HETATM 569 C C03  A 8VH L 4 . ? -6.85783  13.98752  -1.82700  0.555 9.99544  ? 103 8VH B C03  1 
HETATM 570 C C03  B 8VH L 4 . ? -7.77332  15.42594  -2.17066  0.445 10.34263 ? 103 8VH B C03  1 
HETATM 571 C C04  A 8VH L 4 . ? -7.15093  14.76675  -2.93634  0.555 9.04954  ? 103 8VH B C04  1 
HETATM 572 C C04  B 8VH L 4 . ? -8.51746  16.33084  -1.42956  0.445 9.52398  ? 103 8VH B C04  1 
HETATM 573 C C05  A 8VH L 4 . ? -7.97786  15.87600  -2.84182  0.555 9.65588  ? 103 8VH B C05  1 
HETATM 574 C C05  B 8VH L 4 . ? -8.63537  16.18882  -0.06045  0.445 10.59336 ? 103 8VH B C05  1 
HETATM 575 C C06  A 8VH L 4 . ? -8.50941  16.21854  -1.61989  0.555 11.60709 ? 103 8VH B C06  1 
HETATM 576 C C06  B 8VH L 4 . ? -8.00187  15.13681  0.57842   0.445 11.65360 ? 103 8VH B C06  1 
HETATM 577 C C07  A 8VH L 4 . ? -5.94697  12.76336  -1.94880  0.555 11.99193 ? 103 8VH B C07  1 
HETATM 578 C C07  B 8VH L 4 . ? -7.64525  15.62861  -3.68111  0.445 12.23745 ? 103 8VH B C07  1 
HETATM 579 C C08  A 8VH L 4 . ? -8.81495  15.83405  0.80534   0.555 16.53590 ? 103 8VH B C08  1 
HETATM 580 C C08  B 8VH L 4 . ? -6.56551  13.07874  0.58806   0.445 12.00782 ? 103 8VH B C08  1 
HETATM 581 H H1   A 8VH L 4 . ? -7.18014  13.73757  0.27715   0.555 12.86607 ? 103 8VH B H1   1 
HETATM 582 H H1   B 8VH L 4 . ? -6.54530  13.66305  -2.09988  0.445 12.26710 ? 103 8VH B H1   1 
HETATM 583 H H2   A 8VH L 4 . ? -6.72503  14.50337  -3.89661  0.555 10.86169 ? 103 8VH B H2   1 
HETATM 584 H H2   B 8VH L 4 . ? -9.01057  17.15615  -1.92815  0.445 11.43101 ? 103 8VH B H2   1 
HETATM 585 H H3   A 8VH L 4 . ? -8.20301  16.46677  -3.72113  0.555 11.58929 ? 103 8VH B H3   1 
HETATM 586 H H3   B 8VH L 4 . ? -9.22135  16.89803  0.51099   0.445 12.71427 ? 103 8VH B H3   1 
HETATM 587 H H4   A 8VH L 4 . ? -9.14786  17.08798  -1.52322  0.555 13.93075 ? 103 8VH B H4   1 
HETATM 588 H H4   B 8VH L 4 . ? -8.09123  15.02466  1.65188   0.445 13.98656 ? 103 8VH B H4   1 
HETATM 589 H H5   A 8VH L 4 . ? -6.54749  11.86250  -1.92211  0.555 14.39256 ? 103 8VH B H5   1 
HETATM 590 H H5   B 8VH L 4 . ? -7.67606  16.68729  -3.90717  0.445 14.68718 ? 103 8VH B H5   1 
HETATM 591 H H6   A 8VH L 4 . ? -5.40506  12.80839  -2.88537  0.555 14.39256 ? 103 8VH B H6   1 
HETATM 592 H H6   B 8VH L 4 . ? -6.70492  15.21376  -4.02254  0.445 14.68718 ? 103 8VH B H6   1 
HETATM 593 H H7   A 8VH L 4 . ? -5.24395  12.75314  -1.12505  0.555 14.39256 ? 103 8VH B H7   1 
HETATM 594 H H7   B 8VH L 4 . ? -8.46408  15.12826  -4.18317  0.445 14.68718 ? 103 8VH B H7   1 
HETATM 595 H H8   A 8VH L 4 . ? -8.15810  16.53741  1.30204   0.555 19.84533 ? 103 8VH B H8   1 
HETATM 596 H H8   B 8VH L 4 . ? -5.70976  12.74285  0.01556   0.445 14.41162 ? 103 8VH B H8   1 
HETATM 597 H H9   A 8VH L 4 . ? -8.93462  14.95314  1.42386   0.555 19.84533 ? 103 8VH B H9   1 
HETATM 598 H H9   B 8VH L 4 . ? -7.26242  12.25882  0.71035   0.445 14.41162 ? 103 8VH B H9   1 
HETATM 599 H H10  A 8VH L 4 . ? -9.78133  16.29523  0.64308   0.555 19.84533 ? 103 8VH B H10  1 
HETATM 600 H H10  B 8VH L 4 . ? -6.23675  13.42132  1.56142   0.445 14.41162 ? 103 8VH B H10  1 
HETATM 601 C C01  . 8VH M 4 . ? -12.25234 12.32277  -6.19309  1.000 26.28707 ? 104 8VH B C01  1 
HETATM 602 C C02  . 8VH M 4 . ? -11.77769 12.05416  -7.45628  1.000 25.17779 ? 104 8VH B C02  1 
HETATM 603 C C03  . 8VH M 4 . ? -11.22235 13.07860  -8.19835  1.000 23.07724 ? 104 8VH B C03  1 
HETATM 604 C C04  . 8VH M 4 . ? -11.12087 14.36785  -7.71026  1.000 22.53198 ? 104 8VH B C04  1 
HETATM 605 C C05  . 8VH M 4 . ? -11.60393 14.64246  -6.45330  1.000 25.12811 ? 104 8VH B C05  1 
HETATM 606 C C06  . 8VH M 4 . ? -12.17981 13.62217  -5.70817  1.000 26.96307 ? 104 8VH B C06  1 
HETATM 607 C C07  . 8VH M 4 . ? -10.70003 12.75506  -9.57394  1.000 22.00848 ? 104 8VH B C07  1 
HETATM 608 C C08  . 8VH M 4 . ? -12.86832 11.19548  -5.35834  1.000 26.17879 ? 104 8VH B C08  1 
HETATM 609 H H1   . 8VH M 4 . ? -11.83867 11.05254  -7.86359  1.000 30.21559 ? 104 8VH B H1   1 
HETATM 610 H H2   . 8VH M 4 . ? -10.66809 15.14879  -8.30859  1.000 27.04061 ? 104 8VH B H2   1 
HETATM 611 H H3   . 8VH M 4 . ? -11.53612 15.64451  -6.04810  1.000 30.15597 ? 104 8VH B H3   1 
HETATM 612 H H4   . 8VH M 4 . ? -12.58128 13.84452  -4.72720  1.000 32.35793 ? 104 8VH B H4   1 
HETATM 613 H H5   . 8VH M 4 . ? -11.49363 12.31905  -10.16807 1.000 26.41242 ? 104 8VH B H5   1 
HETATM 614 H H6   . 8VH M 4 . ? -10.34977 13.66268  -10.04977 1.000 26.41242 ? 104 8VH B H6   1 
HETATM 615 H H7   . 8VH M 4 . ? -9.88124  12.05087  -9.49276  1.000 26.41242 ? 104 8VH B H7   1 
HETATM 616 H H8   . 8VH M 4 . ? -13.06344 10.34072  -5.99412  1.000 31.41679 ? 104 8VH B H8   1 
HETATM 617 H H9   . 8VH M 4 . ? -13.79697 11.53788  -4.91871  1.000 31.41679 ? 104 8VH B H9   1 
HETATM 618 H H10  . 8VH M 4 . ? -12.17999 10.91097  -4.57211  1.000 31.41679 ? 104 8VH B H10  1 
HETATM 619 C C01  A 8VH N 4 . ? -10.30538 6.04808   -10.29544 0.678 25.78180 ? 105 8VH B C01  1 
HETATM 620 C C01  B 8VH N 4 . ? -8.33134  7.12814   -7.25448  0.322 48.49290 ? 105 8VH B C01  1 
HETATM 621 C C02  A 8VH N 4 . ? -9.38841  5.81505   -9.28560  0.678 24.86285 ? 105 8VH B C02  1 
HETATM 622 C C02  B 8VH N 4 . ? -9.15469  7.29222   -8.36032  0.322 48.69312 ? 105 8VH B C02  1 
HETATM 623 C C03  A 8VH N 4 . ? -9.06922  6.82781   -8.39547  0.678 25.69866 ? 105 8VH B C03  1 
HETATM 624 C C03  B 8VH N 4 . ? -9.52569  6.19031   -9.11658  0.322 49.02063 ? 105 8VH B C03  1 
HETATM 625 C C04  A 8VH N 4 . ? -9.66510  8.07383   -8.51508  0.678 27.58292 ? 105 8VH B C04  1 
HETATM 626 C C04  B 8VH N 4 . ? -9.07387  4.93631   -8.76260  0.322 49.03165 ? 105 8VH B C04  1 
HETATM 627 C C05  A 8VH N 4 . ? -10.58679 8.30452   -9.52329  0.678 28.61468 ? 105 8VH B C05  1 
HETATM 628 C C05  B 8VH N 4 . ? -8.25225  4.78528   -7.66047  0.322 48.77627 ? 105 8VH B C05  1 
HETATM 629 C C06  A 8VH N 4 . ? -10.90694 7.29254   -10.41313 0.678 27.75553 ? 105 8VH B C06  1 
HETATM 630 C C06  B 8VH N 4 . ? -7.87994  5.87257   -6.90455  0.322 48.65679 ? 105 8VH B C06  1 
HETATM 631 C C07  A 8VH N 4 . ? -8.05586  6.56802   -7.28530  0.678 26.46527 ? 105 8VH B C07  1 
HETATM 632 C C07  B 8VH N 4 . ? -10.42974 6.33379   -10.33778 0.322 49.17320 ? 105 8VH B C07  1 
HETATM 633 C C08  A 8VH N 4 . ? -10.65426 4.93255   -11.27947 0.678 25.35802 ? 105 8VH B C08  1 
HETATM 634 C C08  B 8VH N 4 . ? -7.90301  8.31570   -6.40121  0.322 48.11861 ? 105 8VH B C08  1 
HETATM 635 H H1   A 8VH N 4 . ? -8.92101  4.84268   -9.19117  0.678 29.83766 ? 105 8VH B H1   1 
HETATM 636 H H1   B 8VH N 4 . ? -9.50689  8.27963   -8.63212  0.322 58.43399 ? 105 8VH B H1   1 
HETATM 637 H H2   A 8VH N 4 . ? -9.41048  8.86562   -7.82143  0.678 33.10174 ? 105 8VH B H2   1 
HETATM 638 H H2   B 8VH N 4 . ? -9.36207  4.07114   -9.34681  0.322 58.84022 ? 105 8VH B H2   1 
HETATM 639 H H3   A 8VH N 4 . ? -11.05681 9.27582   -9.61566  0.678 34.33986 ? 105 8VH B H3   1 
HETATM 640 H H3   B 8VH N 4 . ? -7.89753  3.79866   -7.38913  0.322 58.53377 ? 105 8VH B H3   1 
HETATM 641 H H4   A 8VH N 4 . ? -11.62742 7.47293   -11.20133 0.678 33.30888 ? 105 8VH B H4   1 
HETATM 642 H H4   B 8VH N 4 . ? -7.23782  5.74389   -6.04198  0.322 58.39039 ? 105 8VH B H4   1 
HETATM 643 H H5   A 8VH N 4 . ? -8.57924  6.34643   -6.36342  0.678 31.76056 ? 105 8VH B H5   1 
HETATM 644 H H5   B 8VH N 4 . ? -11.46618 6.28732   -10.02709 0.322 59.01009 ? 105 8VH B H5   1 
HETATM 645 H H6   A 8VH N 4 . ? -7.43077  5.72634   -7.55685  0.678 31.76056 ? 105 8VH B H6   1 
HETATM 646 H H6   B 8VH N 4 . ? -10.23917 7.28551   -10.81819 0.322 59.01009 ? 105 8VH B H6   1 
HETATM 647 H H7   A 8VH N 4 . ? -7.43815  7.44684   -7.14750  0.678 31.76056 ? 105 8VH B H7   1 
HETATM 648 H H7   B 8VH N 4 . ? -10.22537 5.53031   -11.03460 0.322 59.01009 ? 105 8VH B H7   1 
HETATM 649 H H8   A 8VH N 4 . ? -11.34812 5.30912   -12.02085 0.678 30.43186 ? 105 8VH B H8   1 
HETATM 650 H H8   B 8VH N 4 . ? -6.89896  8.15036   -6.03047  0.322 57.74457 ? 105 8VH B H8   1 
HETATM 651 H H9   A 8VH N 4 . ? -11.10978 4.10853   -10.74433 0.678 30.43186 ? 105 8VH B H9   1 
HETATM 652 H H9   B 8VH N 4 . ? -8.58324  8.42373   -5.56545  0.322 57.74457 ? 105 8VH B H9   1 
HETATM 653 H H10  A 8VH N 4 . ? -9.75216  4.58933   -11.77070 0.678 30.43186 ? 105 8VH B H10  1 
HETATM 654 H H10  B 8VH N 4 . ? -7.92241  9.21703   -7.00131  0.322 57.74457 ? 105 8VH B H10  1 
# 
loop_
_atom_site_anisotrop.id 
_atom_site_anisotrop.type_symbol 
_atom_site_anisotrop.pdbx_label_atom_id 
_atom_site_anisotrop.pdbx_label_alt_id 
_atom_site_anisotrop.pdbx_label_comp_id 
_atom_site_anisotrop.pdbx_label_asym_id 
_atom_site_anisotrop.pdbx_label_seq_id 
_atom_site_anisotrop.pdbx_PDB_ins_code 
_atom_site_anisotrop.U[1][1] 
_atom_site_anisotrop.U[2][2] 
_atom_site_anisotrop.U[3][3] 
_atom_site_anisotrop.U[1][2] 
_atom_site_anisotrop.U[1][3] 
_atom_site_anisotrop.U[2][3] 
_atom_site_anisotrop.pdbx_auth_seq_id 
_atom_site_anisotrop.pdbx_auth_comp_id 
_atom_site_anisotrop.pdbx_auth_asym_id 
_atom_site_anisotrop.pdbx_auth_atom_id 
1   N N   . LEU A 1 ? 0.05196 0.03276 0.05046 -0.00267 0.00759  0.00865  2   LEU A N   
2   C CA  . LEU A 1 ? 0.03983 0.04615 0.05716 -0.00158 0.01289  0.02619  2   LEU A CA  
3   C C   . LEU A 1 ? 0.03373 0.03617 0.04386 -0.00505 0.00587  0.01889  2   LEU A C   
4   O O   . LEU A 1 ? 0.04672 0.02990 0.04882 -0.00997 0.00765  0.00578  2   LEU A O   
5   C CB  . LEU A 1 ? 0.04093 0.03505 0.04863 -0.00946 0.01026  0.00750  2   LEU A CB  
6   C CG  . LEU A 1 ? 0.05009 0.03840 0.05416 -0.00275 0.00703  -0.00672 2   LEU A CG  
7   C CD1 . LEU A 1 ? 0.05543 0.04402 0.06534 -0.00522 0.00474  0.00812  2   LEU A CD1 
8   C CD2 . LEU A 1 ? 0.05216 0.04352 0.05938 -0.00597 0.00965  -0.00274 2   LEU A CD2 
20  N N   . AIB A 2 ? 0.02884 0.03345 0.05019 -0.00950 0.00195  0.00903  3   AIB A N   
21  C CA  . AIB A 2 ? 0.02417 0.02330 0.04372 -0.00819 0.00408  0.00566  3   AIB A CA  
22  C C   . AIB A 2 ? 0.02298 0.04251 0.05171 0.00259  0.00282  0.01289  3   AIB A C   
23  O O   . AIB A 2 ? 0.02972 0.03012 0.05617 -0.00688 -0.00138 0.00304  3   AIB A O   
24  C CB1 . AIB A 2 ? 0.02370 0.02933 0.06415 -0.00434 0.00837  0.00877  3   AIB A CB1 
25  C CB2 . AIB A 2 ? 0.03329 0.03323 0.05539 -0.00729 0.01240  0.01166  3   AIB A CB2 
33  N N   . ALA A 3 ? 0.02414 0.02954 0.06824 -0.00690 0.00629  0.00789  4   ALA A N   
34  C CA  . ALA A 3 ? 0.02244 0.04140 0.07360 -0.00676 0.00356  0.01146  4   ALA A CA  
35  C C   . ALA A 3 ? 0.02085 0.03083 0.06601 -0.00649 0.00712  0.00034  4   ALA A C   
36  O O   . ALA A 3 ? 0.02977 0.04311 0.07344 -0.00684 0.01026  0.00680  4   ALA A O   
37  C CB  . ALA A 3 ? 0.03081 0.04391 0.10524 -0.00094 0.00710  0.01630  4   ALA A CB  
43  N N   . AIB A 4 ? 0.03424 0.03292 0.06382 -0.00764 0.01615  0.00374  5   AIB A N   
44  C CA  . AIB A 4 ? 0.04778 0.04083 0.06023 -0.01080 0.02705  0.00360  5   AIB A CA  
45  C C   . AIB A 4 ? 0.03365 0.03889 0.04242 -0.01514 -0.00631 0.01938  5   AIB A C   
46  O O   . AIB A 4 ? 0.04128 0.03292 0.07247 -0.01096 0.01161  0.01319  5   AIB A O   
47  C CB1 . AIB A 4 ? 0.05121 0.06179 0.08184 0.00085  0.03685  0.00108  5   AIB A CB1 
48  C CB2 . AIB A 4 ? 0.06776 0.04942 0.05989 -0.03017 0.01539  0.00251  5   AIB A CB2 
56  N N   . LEU A 5 ? 0.03377 0.03239 0.04532 -0.01324 -0.00395 0.01744  6   LEU A N   
57  C CA  . LEU A 5 ? 0.02403 0.03712 0.05712 -0.00775 -0.00428 0.01093  6   LEU A CA  
58  C C   . LEU A 5 ? 0.01356 0.03735 0.04570 0.00054  0.00442  0.00892  6   LEU A C   
59  O O   . LEU A 5 ? 0.02206 0.03180 0.06325 -0.00955 -0.00321 0.00573  6   LEU A O   
60  C CB  . LEU A 5 ? 0.02408 0.03577 0.06856 -0.00645 -0.00145 0.01000  6   LEU A CB  
61  C CG  . LEU A 5 ? 0.03281 0.05052 0.08350 -0.00726 -0.00047 0.01018  6   LEU A CG  
62  C CD1 . LEU A 5 ? 0.04633 0.04276 0.09703 0.00544  -0.00540 -0.00604 6   LEU A CD1 
63  C CD2 . LEU A 5 ? 0.04911 0.06676 0.08349 0.00556  0.00681  0.00166  6   LEU A CD2 
75  N N   . AIB A 6 ? 0.02460 0.04654 0.04205 -0.00677 -0.00475 0.00854  7   AIB A N   
76  C CA  . AIB A 6 ? 0.02783 0.04521 0.05593 -0.01809 -0.00069 0.00865  7   AIB A CA  
77  C C   . AIB A 6 ? 0.02591 0.04787 0.03943 -0.01195 0.00361  0.01178  7   AIB A C   
78  O O   . AIB A 6 ? 0.02930 0.06017 0.04356 -0.01860 0.00292  0.00846  7   AIB A O   
79  C CB1 . AIB A 6 ? 0.03532 0.06672 0.05754 -0.01297 0.00131  -0.00350 7   AIB A CB1 
80  C CB2 . AIB A 6 ? 0.04622 0.05515 0.05643 -0.02026 -0.00543 0.02188  7   AIB A CB2 
88  N N   . GLN A 7 ? 0.01868 0.04186 0.05698 -0.00518 0.00908  0.00607  8   GLN A N   
89  C CA  . GLN A 7 ? 0.01953 0.03886 0.05935 -0.00343 -0.00209 0.01310  8   GLN A CA  
90  C C   . GLN A 7 ? 0.01679 0.03208 0.03229 -0.00745 0.00498  0.00173  8   GLN A C   
91  O O   . GLN A 7 ? 0.01965 0.04223 0.05680 -0.01152 0.00261  0.00286  8   GLN A O   
92  C CB  . GLN A 7 ? 0.02253 0.02889 0.04918 -0.00352 0.00298  -0.00177 8   GLN A CB  
93  C CG  . GLN A 7 ? 0.01553 0.03362 0.04455 0.00564  -0.00349 -0.00076 8   GLN A CG  
94  C CD  . GLN A 7 ? 0.02672 0.02518 0.05192 -0.00052 0.00940  0.00603  8   GLN A CD  
95  O OE1 . GLN A 7 ? 0.02525 0.04113 0.05750 -0.00231 0.00418  0.00919  8   GLN A OE1 
96  N NE2 . GLN A 7 ? 0.03021 0.04654 0.05000 -0.00572 -0.00310 0.00373  8   GLN A NE2 
105 N N   . AIB A 8 ? 0.01185 0.02965 0.03959 -0.00275 0.00262  0.00438  9   AIB A N   
106 C CA  . AIB A 8 ? 0.02913 0.03411 0.05248 0.00157  -0.00197 0.00989  9   AIB A CA  
107 C C   . AIB A 8 ? 0.03471 0.03343 0.04327 -0.00013 -0.00318 0.00845  9   AIB A C   
108 O O   . AIB A 8 ? 0.04732 0.04521 0.05587 -0.00726 -0.00203 0.00315  9   AIB A O   
109 C CB1 . AIB A 8 ? 0.03262 0.02277 0.05957 0.00074  0.00665  0.01521  9   AIB A CB1 
110 C CB2 . AIB A 8 ? 0.03296 0.04195 0.05993 0.00072  -0.00948 0.02134  9   AIB A CB2 
118 N N   . LEU A 9 ? 0.02966 0.03500 0.05006 -0.00336 -0.00883 0.00188  10  LEU A N   
119 C CA  . LEU A 9 ? 0.03960 0.03546 0.03966 0.00353  0.00213  0.00347  10  LEU A CA  
120 C C   . LEU A 9 ? 0.03122 0.03425 0.06084 0.00058  0.00041  0.01162  10  LEU A C   
121 O O   . LEU A 9 ? 0.05375 0.06557 0.05196 0.00829  -0.00893 0.00642  10  LEU A O   
122 C CB  . LEU A 9 ? 0.05117 0.05392 0.03570 0.00699  0.00702  0.00796  10  LEU A CB  
123 C CG  . LEU A 9 ? 0.03411 0.06063 0.07055 0.00202  0.01246  0.00810  10  LEU A CG  
124 C CD1 . LEU A 9 ? 0.04958 0.06419 0.10673 0.01251  0.02194  0.00995  10  LEU A CD1 
125 C CD2 . LEU A 9 ? 0.04602 0.06727 0.13886 0.01026  0.02242  0.00733  10  LEU A CD2 
137 N N   . LEU B 1 ? 0.05327 0.04246 0.05192 -0.01114 -0.00074 0.01179  2   LEU B N   
138 C CA  . LEU B 1 ? 0.04467 0.03910 0.05017 -0.01536 -0.00580 0.00829  2   LEU B CA  
139 C C   . LEU B 1 ? 0.03114 0.03466 0.05963 -0.01347 0.00401  0.01262  2   LEU B C   
140 O O   . LEU B 1 ? 0.04027 0.03873 0.05511 -0.01333 -0.00111 0.01532  2   LEU B O   
141 C CB  . LEU B 1 ? 0.03686 0.04349 0.05665 -0.01840 0.00366  0.00927  2   LEU B CB  
142 C CG  . LEU B 1 ? 0.03380 0.04463 0.06136 -0.01102 0.00697  0.01776  2   LEU B CG  
143 C CD1 . LEU B 1 ? 0.03618 0.05296 0.07052 -0.00063 -0.00055 0.02116  2   LEU B CD1 
144 C CD2 . LEU B 1 ? 0.04580 0.04773 0.07286 -0.00161 0.00043  0.01273  2   LEU B CD2 
156 N N   . AIB B 2 ? 0.02755 0.02175 0.05435 -0.00648 0.00090  -0.00191 3   AIB B N   
157 C CA  . AIB B 2 ? 0.02747 0.01840 0.06089 -0.00591 -0.00536 0.00188  3   AIB B CA  
158 C C   . AIB B 2 ? 0.02461 0.02813 0.04288 -0.00083 -0.00095 0.00653  3   AIB B C   
159 O O   . AIB B 2 ? 0.03689 0.03715 0.05005 -0.00297 0.00130  0.01577  3   AIB B O   
160 C CB1 . AIB B 2 ? 0.02345 0.03846 0.06285 0.00108  0.00100  0.01190  3   AIB B CB1 
161 C CB2 . AIB B 2 ? 0.02768 0.03842 0.06903 -0.00292 0.00662  0.00309  3   AIB B CB2 
169 N N   . ALA B 3 ? 0.02738 0.02862 0.05253 -0.00395 0.00445  0.01822  4   ALA B N   
170 C CA  . ALA B 3 ? 0.02011 0.04759 0.06958 0.00117  0.00153  0.00638  4   ALA B CA  
171 C C   . ALA B 3 ? 0.02512 0.04394 0.06033 -0.00806 -0.00294 0.00925  4   ALA B C   
172 O O   . ALA B 3 ? 0.02166 0.05482 0.06827 -0.00705 0.00059  0.01640  4   ALA B O   
173 C CB  . ALA B 3 ? 0.03712 0.05106 0.09595 0.00156  0.00228  0.01440  4   ALA B CB  
179 N N   . AIB B 4 ? 0.03067 0.04876 0.04952 -0.01427 -0.00418 0.02372  5   AIB B N   
180 C CA  . AIB B 4 ? 0.03774 0.05778 0.05693 -0.01752 -0.00559 0.01299  5   AIB B CA  
181 C C   . AIB B 4 ? 0.02171 0.04376 0.04777 -0.00932 0.00258  0.00002  5   AIB B C   
182 O O   . AIB B 4 ? 0.03228 0.04831 0.06201 -0.01847 -0.00192 0.01334  5   AIB B O   
183 C CB1 . AIB B 4 ? 0.03212 0.07271 0.06622 -0.01353 -0.00942 0.02177  5   AIB B CB1 
184 C CB2 . AIB B 4 ? 0.06034 0.05577 0.05240 -0.02927 0.00287  0.00136  5   AIB B CB2 
192 N N   . LEU B 5 ? 0.02538 0.03055 0.04836 -0.01117 0.00372  0.00812  6   LEU B N   
193 C CA  . LEU B 5 ? 0.02174 0.03311 0.05058 -0.00375 0.00193  0.00768  6   LEU B CA  
194 C C   . LEU B 5 ? 0.01417 0.03341 0.05370 -0.00007 0.00463  0.00247  6   LEU B C   
195 O O   . LEU B 5 ? 0.02784 0.03266 0.05549 -0.00110 0.00628  0.01576  6   LEU B O   
196 C CB  . LEU B 5 ? 0.02968 0.03966 0.04974 0.00179  0.00981  0.01845  6   LEU B CB  
197 C CG  . LEU B 5 ? 0.04236 0.05347 0.05678 -0.00590 0.00705  0.00402  6   LEU B CG  
198 C CD1 . LEU B 5 ? 0.04170 0.06195 0.06990 0.00109  0.01977  0.00903  6   LEU B CD1 
199 C CD2 . LEU B 5 ? 0.03753 0.08184 0.08647 -0.00557 0.01616  -0.02423 6   LEU B CD2 
211 N N   . AIB B 6 ? 0.03626 0.02169 0.04480 0.00276  0.02205  0.00790  7   AIB B N   
212 C CA  . AIB B 6 ? 0.02225 0.04245 0.06063 -0.00524 0.01210  -0.00310 7   AIB B CA  
213 C C   . AIB B 6 ? 0.02616 0.03039 0.05525 -0.01428 0.00104  0.00012  7   AIB B C   
214 O O   . AIB B 6 ? 0.03161 0.04993 0.04584 -0.01127 0.00955  0.00113  7   AIB B O   
215 C CB1 . AIB B 6 ? 0.02558 0.05923 0.05756 0.00483  0.00250  -0.01136 7   AIB B CB1 
216 C CB2 . AIB B 6 ? 0.03687 0.03510 0.06572 -0.01790 0.00920  -0.00197 7   AIB B CB2 
224 N N   . GLN B 7 ? 0.02171 0.03681 0.04620 -0.00667 0.01139  0.00098  8   GLN B N   
225 C CA  . GLN B 7 ? 0.02173 0.03744 0.04477 -0.00103 0.01046  0.00858  8   GLN B CA  
226 C C   . GLN B 7 ? 0.01015 0.03507 0.03059 -0.00360 0.00398  0.00023  8   GLN B C   
227 O O   . GLN B 7 ? 0.02763 0.03822 0.04629 0.00015  0.00187  0.00442  8   GLN B O   
228 C CB  . GLN B 7 ? 0.01593 0.03695 0.04271 0.00000  0.00826  0.01113  8   GLN B CB  
229 C CG  . GLN B 7 ? 0.02233 0.02952 0.05792 0.00325  0.00777  0.00742  8   GLN B CG  
230 C CD  . GLN B 7 ? 0.02223 0.03537 0.05011 -0.00377 -0.00908 0.00521  8   GLN B CD  
231 O OE1 . GLN B 7 ? 0.02314 0.04219 0.05789 -0.00507 -0.00327 0.01032  8   GLN B OE1 
232 N NE2 . GLN B 7 ? 0.02861 0.04890 0.04904 -0.01841 0.00282  -0.00040 8   GLN B NE2 
241 N N   . AIB B 8 ? 0.02853 0.03089 0.03581 0.00403  -0.00360 -0.00020 9   AIB B N   
242 C CA  . AIB B 8 ? 0.04675 0.02687 0.05516 -0.00059 0.00388  0.00803  9   AIB B CA  
243 C C   . AIB B 8 ? 0.04199 0.03129 0.04673 -0.00036 0.00095  0.00516  9   AIB B C   
244 O O   . AIB B 8 ? 0.06246 0.03124 0.05125 -0.00909 0.00452  0.01040  9   AIB B O   
245 C CB1 . AIB B 8 ? 0.06518 0.03845 0.04823 -0.00430 -0.00396 0.00996  9   AIB B CB1 
246 C CB2 . AIB B 8 ? 0.04843 0.02835 0.06583 0.01468  0.00515  0.00200  9   AIB B CB2 
254 N N   . LEU B 9 ? 0.02112 0.02804 0.03454 0.00616  0.00011  0.01293  10  LEU B N   
255 C CA  . LEU B 9 ? 0.03393 0.03379 0.04660 -0.00252 -0.01165 0.00007  10  LEU B CA  
256 C C   . LEU B 9 ? 0.03850 0.03999 0.04692 0.00337  -0.00175 -0.00081 10  LEU B C   
257 O O   . LEU B 9 ? 0.05321 0.05131 0.07042 0.01354  -0.00740 -0.00331 10  LEU B O   
258 C CB  . LEU B 9 ? 0.03725 0.06298 0.06546 0.00691  -0.00725 -0.00084 10  LEU B CB  
259 C CG  . LEU B 9 ? 0.03469 0.07783 0.07702 0.00243  -0.00802 -0.00608 10  LEU B CG  
260 C CD1 . LEU B 9 ? 0.04264 0.10862 0.14502 0.00534  -0.01908 -0.01908 10  LEU B CD1 
261 C CD2 . LEU B 9 ? 0.04376 0.10117 0.08836 0.02947  -0.01099 0.00752  10  LEU B CD2 
273 C C11 . I77 C . ? 0.03579 0.05383 0.06142 0.00562  -0.00045 0.00907  101 I77 A C11 
274 C C12 . I77 C . ? 0.03577 0.04779 0.04098 0.00259  -0.00880 -0.00314 101 I77 A C12 
275 C C13 . I77 C . ? 0.03004 0.05023 0.05416 0.00438  -0.00728 0.00300  101 I77 A C13 
276 C C17 . I77 C . ? 0.03165 0.05050 0.05564 0.00350  0.00018  -0.00106 101 I77 A C17 
277 C C18 . I77 C . ? 0.01315 0.04945 0.04638 0.00010  0.00296  0.00320  101 I77 A C18 
278 C C02 . I77 C . ? 0.03176 0.04476 0.04379 -0.00479 -0.00603 0.00918  101 I77 A C02 
279 C C03 . I77 C . ? 0.03863 0.03551 0.04270 0.00107  -0.00475 0.01056  101 I77 A C03 
280 C C04 . I77 C . ? 0.03129 0.04213 0.07187 0.00758  0.00397  0.01714  101 I77 A C04 
281 C C05 . I77 C . ? 0.02096 0.04056 0.07649 -0.00041 0.00120  0.01741  101 I77 A C05 
282 C C06 . I77 C . ? 0.04700 0.03146 0.05241 0.00699  0.00458  0.00149  101 I77 A C06 
283 C C08 . I77 C . ? 0.02588 0.04103 0.04338 0.00381  0.00462  0.00002  101 I77 A C08 
284 C C09 . I77 C . ? 0.02027 0.04735 0.05148 0.00003  -0.00002 0.00248  101 I77 A C09 
285 N N01 . I77 C . ? 0.03216 0.04005 0.07384 -0.00401 0.00107  0.00782  101 I77 A N01 
286 N N07 . I77 C . ? 0.04655 0.04437 0.06784 -0.00023 0.00079  0.01261  101 I77 A N07 
287 N N10 . I77 C . ? 0.04612 0.05412 0.07556 0.00117  -0.00544 0.01299  101 I77 A N10 
288 N N14 . I77 C . ? 0.03222 0.03249 0.06757 0.00228  -0.01059 -0.00033 101 I77 A N14 
289 N N15 . I77 C . ? 0.01816 0.04306 0.06402 0.00440  -0.00552 0.00610  101 I77 A N15 
290 O O16 . I77 C . ? 0.03788 0.04929 0.08691 -0.00594 -0.01828 0.00274  101 I77 A O16 
291 O O19 . I77 C . ? 0.03955 0.03861 0.06813 -0.00158 0.00521  0.01655  101 I77 A O19 
302 C C05 A I6W D . ? 0.03332 0.02857 0.11054 -0.00159 0.00804  -0.00568 102 I6W A C05 
303 C C05 B I6W D . ? 0.05553 0.03701 0.03536 0.00931  -0.00014 -0.01942 102 I6W A C05 
304 C C08 A I6W D . ? 0.03502 0.03374 0.08895 0.01012  0.00189  -0.01141 102 I6W A C08 
305 C C08 B I6W D . ? 0.08187 0.04333 0.03069 0.02512  0.00599  -0.00501 102 I6W A C08 
306 C C09 A I6W D . ? 0.05231 0.03823 0.09802 0.01403  0.00687  -0.01104 102 I6W A C09 
307 C C09 B I6W D . ? 0.09783 0.03883 0.02764 0.02834  -0.00417 -0.00172 102 I6W A C09 
308 N N10 A I6W D . ? 0.07654 0.05002 0.14541 0.01393  0.01984  0.00731  102 I6W A N10 
309 N N10 B I6W D . ? 0.10009 0.04184 0.05803 0.01995  -0.03244 -0.01669 102 I6W A N10 
310 C C02 A I6W D . ? 0.05255 0.03122 0.02908 -0.00223 0.02136  -0.00252 102 I6W A C02 
311 C C02 B I6W D . ? 0.06584 0.04113 0.08161 0.00361  -0.02561 -0.00520 102 I6W A C02 
312 C C03 A I6W D . ? 0.04970 0.01808 0.05914 -0.00040 0.01040  -0.00289 102 I6W A C03 
313 C C03 B I6W D . ? 0.04984 0.03716 0.04236 0.00328  -0.02116 -0.01594 102 I6W A C03 
314 C C04 A I6W D . ? 0.03871 0.04890 0.09604 0.00876  0.02537  0.00180  102 I6W A C04 
315 C C04 B I6W D . ? 0.04576 0.02864 0.03783 0.00487  0.00177  -0.01870 102 I6W A C04 
316 C C06 A I6W D . ? 0.02727 0.04293 0.05435 0.00814  0.00553  0.00178  102 I6W A C06 
317 C C06 B I6W D . ? 0.05743 0.04890 0.02377 0.01727  -0.01105 -0.01109 102 I6W A C06 
318 C C11 A I6W D . ? 0.05448 0.06298 0.14308 0.00602  0.01796  0.01647  102 I6W A C11 
319 C C11 B I6W D . ? 0.10189 0.03030 0.04055 0.01157  -0.02303 -0.00541 102 I6W A C11 
320 C C12 A I6W D . ? 0.05894 0.05108 0.08265 0.00319  0.00430  0.01492  102 I6W A C12 
321 C C12 B I6W D . ? 0.09328 0.04515 0.03640 0.02737  -0.02178 -0.01115 102 I6W A C12 
322 C C13 A I6W D . ? 0.07322 0.05998 0.07067 0.02215  0.00315  -0.00721 102 I6W A C13 
323 C C13 B I6W D . ? 0.11092 0.07007 0.06011 0.04604  -0.02941 -0.01297 102 I6W A C13 
324 C C15 A I6W D . ? 0.08134 0.04222 0.07213 0.01291  0.00244  -0.00458 102 I6W A C15 
325 C C15 B I6W D . ? 0.14066 0.11795 0.06834 0.07637  0.00207  -0.00191 102 I6W A C15 
326 C C16 A I6W D . ? 0.07885 0.05656 0.07679 0.00631  0.01275  0.00380  102 I6W A C16 
327 C C16 B I6W D . ? 0.14617 0.13905 0.08445 0.08512  0.01072  0.01170  102 I6W A C16 
328 C C18 A I6W D . ? 0.07752 0.02473 0.07038 0.00169  0.01015  0.01254  102 I6W A C18 
329 C C18 B I6W D . ? 0.10187 0.03734 0.03772 0.02258  -0.02462 -0.00746 102 I6W A C18 
330 C C19 A I6W D . ? 0.05922 0.02224 0.05285 0.00199  0.00729  0.00202  102 I6W A C19 
331 C C19 B I6W D . ? 0.09680 0.03017 0.03829 0.01353  -0.02368 -0.00593 102 I6W A C19 
332 N N07 A I6W D . ? 0.05637 0.03445 0.07096 0.00676  -0.00487 -0.00248 102 I6W A N07 
333 N N07 B I6W D . ? 0.08920 0.06962 0.05812 0.04061  0.00233  0.00371  102 I6W A N07 
334 O O01 A I6W D . ? 0.02755 0.04048 0.05829 -0.01317 0.01463  -0.00966 102 I6W A O01 
335 O O01 B I6W D . ? 0.07193 0.04571 0.04845 0.00829  0.00765  0.02607  102 I6W A O01 
336 O O14 A I6W D . ? 0.07740 0.04154 0.06286 0.00551  -0.01883 -0.00343 102 I6W A O14 
337 O O14 B I6W D . ? 0.12971 0.12352 0.09862 0.07245  -0.02017 -0.00100 102 I6W A O14 
338 O O17 A I6W D . ? 0.08296 0.06759 0.14081 0.02062  0.01453  0.00927  102 I6W A O17 
339 O O17 B I6W D . ? 0.12064 0.08259 0.10169 0.05157  -0.02102 0.01034  102 I6W A O17 
362 C C01 A 8VH E . ? 0.08064 0.08188 0.05876 -0.04040 -0.02302 0.00946  103 8VH A C01 
363 C C01 B 8VH E . ? 0.04379 0.06547 0.06087 -0.01186 0.01583  -0.00916 103 8VH A C01 
364 C C02 A 8VH E . ? 0.07682 0.08404 0.09024 -0.03748 -0.02742 -0.00147 103 8VH A C02 
365 C C02 B 8VH E . ? 0.05067 0.06441 0.03782 -0.00047 0.02574  0.00054  103 8VH A C02 
366 C C03 A 8VH E . ? 0.09023 0.08024 0.12045 -0.03376 -0.03212 -0.02048 103 8VH A C03 
367 C C03 B 8VH E . ? 0.07300 0.05378 0.06408 0.00127  0.02549  -0.00289 103 8VH A C03 
368 C C04 A 8VH E . ? 0.07940 0.10129 0.11787 -0.02186 -0.01776 -0.02705 103 8VH A C04 
369 C C04 B 8VH E . ? 0.03335 0.06216 0.06843 -0.00606 0.02130  -0.00648 103 8VH A C04 
370 C C05 A 8VH E . ? 0.07326 0.12241 0.09980 -0.02416 -0.01527 -0.01191 103 8VH A C05 
371 C C05 B 8VH E . ? 0.02766 0.06242 0.05269 -0.00702 0.01873  0.00478  103 8VH A C05 
372 C C06 A 8VH E . ? 0.08991 0.09317 0.06891 -0.03063 -0.01203 0.00151  103 8VH A C06 
373 C C06 B 8VH E . ? 0.03456 0.04861 0.07213 -0.02062 0.00586  -0.00876 103 8VH A C06 
374 C C07 A 8VH E . ? 0.12029 0.09094 0.11553 -0.01475 -0.02182 -0.02065 103 8VH A C07 
375 C C07 B 8VH E . ? 0.09496 0.06861 0.10611 0.01144  0.00857  0.01400  103 8VH A C07 
376 C C08 A 8VH E . ? 0.09894 0.09850 0.06315 -0.01411 -0.01487 0.00459  103 8VH A C08 
377 C C08 B 8VH E . ? 0.05494 0.06877 0.10343 -0.00736 0.00428  -0.02117 103 8VH A C08 
398 C C01 . 8VH F . ? 0.10716 0.06074 0.07550 -0.00229 0.04223  -0.00349 104 8VH A C01 
399 C C02 . 8VH F . ? 0.07117 0.06369 0.06730 -0.01150 0.03428  0.00660  104 8VH A C02 
400 C C03 . 8VH F . ? 0.04420 0.08792 0.08249 -0.01525 0.02787  -0.01487 104 8VH A C03 
401 C C04 . 8VH F . ? 0.07507 0.11404 0.11847 0.00006  0.03069  -0.01872 104 8VH A C04 
402 C C05 . 8VH F . ? 0.09426 0.08763 0.15359 -0.00897 0.04636  -0.01378 104 8VH A C05 
403 C C06 . 8VH F . ? 0.12128 0.05908 0.10378 -0.01745 0.04521  -0.00273 104 8VH A C06 
404 C C07 . 8VH F . ? 0.07528 0.12192 0.09898 0.01289  0.02712  0.01044  104 8VH A C07 
405 C C08 . 8VH F . ? 0.17813 0.08975 0.09031 0.04519  0.02506  -0.00587 104 8VH A C08 
416 C C01 . 8VH G . ? 0.04684 0.04321 0.06017 -0.00554 0.00528  0.00600  105 8VH A C01 
417 C C02 . 8VH G . ? 0.04050 0.04405 0.05974 -0.00564 0.00805  0.01036  105 8VH A C02 
418 C C03 . 8VH G . ? 0.03464 0.05061 0.06571 -0.00642 0.00761  -0.00511 105 8VH A C03 
419 C C04 . 8VH G . ? 0.07021 0.03996 0.08031 -0.00061 -0.00329 0.00370  105 8VH A C04 
420 C C05 . 8VH G . ? 0.05124 0.04965 0.06144 -0.00357 -0.01431 0.00656  105 8VH A C05 
421 C C06 . 8VH G . ? 0.04549 0.03648 0.08581 -0.00259 -0.01050 0.00438  105 8VH A C06 
422 C C07 . 8VH G . ? 0.04504 0.04913 0.10812 -0.00437 0.00063  0.00416  105 8VH A C07 
423 C C08 . 8VH G . ? 0.05437 0.05605 0.10013 -0.00365 0.00728  0.03310  105 8VH A C08 
434 C C01 . 8VH H . ? 0.16956 0.19536 0.26471 -0.07524 -0.02845 -0.01622 106 8VH A C01 
435 C C02 . 8VH H . ? 0.17636 0.18376 0.19466 -0.08224 -0.03361 -0.01819 106 8VH A C02 
436 C C03 . 8VH H . ? 0.18335 0.19627 0.28701 -0.08631 -0.03239 0.01265  106 8VH A C03 
437 C C04 . 8VH H . ? 0.18470 0.18688 0.33187 -0.09644 -0.03185 0.03002  106 8VH A C04 
438 C C05 . 8VH H . ? 0.19712 0.18182 0.36506 -0.09011 -0.05035 0.01321  106 8VH A C05 
439 C C06 . 8VH H . ? 0.18394 0.18210 0.34937 -0.08723 -0.04584 -0.00439 106 8VH A C06 
440 C C07 . 8VH H . ? 0.21665 0.22358 0.34043 -0.06411 -0.04525 0.01622  106 8VH A C07 
441 C C08 . 8VH H . ? 0.17581 0.23364 0.23670 -0.04969 -0.04201 -0.03619 106 8VH A C08 
452 C C01 A 8VH I . ? 0.23197 0.17416 0.27968 0.03387  0.06706  0.00819  107 8VH A C01 
453 C C01 B 8VH I . ? 0.20720 0.63313 0.24615 -0.03268 0.03441  0.11966  107 8VH A C01 
454 C C01 C 8VH I . ? 0.17839 0.48798 0.35544 0.04907  -0.01608 0.14671  107 8VH A C01 
455 C C02 A 8VH I . ? 0.21794 0.15634 0.30102 0.02424  0.06183  -0.00881 107 8VH A C02 
456 C C02 B 8VH I . ? 0.21947 0.64185 0.24632 -0.02288 0.03990  0.12542  107 8VH A C02 
457 C C02 C 8VH I . ? 0.17223 0.48425 0.35056 0.04470  -0.01266 0.14866  107 8VH A C02 
458 C C03 A 8VH I . ? 0.19883 0.12239 0.31415 -0.00033 0.03754  -0.02663 107 8VH A C03 
459 C C03 B 8VH I . ? 0.22856 0.66469 0.27464 -0.01325 0.04289  0.13763  107 8VH A C03 
460 C C03 C 8VH I . ? 0.16002 0.47517 0.33580 0.03473  -0.01117 0.14875  107 8VH A C03 
461 C C04 A 8VH I . ? 0.17665 0.11701 0.22022 -0.01111 0.10065  0.02046  107 8VH A C04 
462 C C04 B 8VH I . ? 0.23923 0.66412 0.28703 -0.01052 0.03375  0.13600  107 8VH A C04 
463 C C04 C 8VH I . ? 0.15633 0.47196 0.33188 0.03126  -0.01202 0.14684  107 8VH A C04 
464 C C05 A 8VH I . ? 0.17692 0.13958 0.15924 -0.00795 0.09192  0.02537  107 8VH A C05 
465 C C05 B 8VH I . ? 0.22947 0.65052 0.27986 -0.02317 0.02758  0.13141  107 8VH A C05 
466 C C05 C 8VH I . ? 0.15956 0.47394 0.33826 0.03409  -0.01199 0.14541  107 8VH A C05 
467 C C06 A 8VH I . ? 0.21091 0.15540 0.21915 0.01247  0.05687  0.00376  107 8VH A C06 
468 C C06 B 8VH I . ? 0.21872 0.64198 0.26049 -0.03092 0.03072  0.12668  107 8VH A C06 
469 C C06 C 8VH I . ? 0.17035 0.48104 0.34931 0.04253  -0.01299 0.14534  107 8VH A C06 
470 C C07 A 8VH I . ? 0.19820 0.15577 0.36242 0.02598  0.01450  -0.05152 107 8VH A C07 
471 C C07 B 8VH I . ? 0.22537 0.66678 0.26984 -0.01440 0.04338  0.14431  107 8VH A C07 
472 C C07 C 8VH I . ? 0.15493 0.46992 0.32996 0.03095  -0.00826 0.14929  107 8VH A C07 
473 C C08 A 8VH I . ? 0.25961 0.21125 0.33447 0.06229  0.07101  0.02722  107 8VH A C08 
474 C C08 B 8VH I . ? 0.20349 0.61518 0.23520 -0.03358 0.03381  0.11269  107 8VH A C08 
475 C C08 C 8VH I . ? 0.18240 0.48979 0.35779 0.05039  -0.02041 0.14691  107 8VH A C08 
506 C C11 . I77 J . ? 0.04455 0.04997 0.06617 0.01273  0.00182  0.00871  101 I77 B C11 
507 C C12 . I77 J . ? 0.04040 0.04259 0.05148 0.00954  -0.00092 -0.00175 101 I77 B C12 
508 C C13 . I77 J . ? 0.04093 0.04276 0.05470 0.00497  0.00048  0.00176  101 I77 B C13 
509 C C17 . I77 J . ? 0.02400 0.04751 0.05508 0.01033  -0.00200 0.00812  101 I77 B C17 
510 C C18 . I77 J . ? 0.01454 0.03724 0.05118 0.00560  0.00274  0.00379  101 I77 B C18 
511 C C02 . I77 J . ? 0.03472 0.03552 0.06355 0.01524  0.00105  -0.00131 101 I77 B C02 
512 C C03 . I77 J . ? 0.03068 0.02804 0.06405 0.00509  0.00239  0.00283  101 I77 B C03 
513 C C04 . I77 J . ? 0.03033 0.03433 0.08628 0.00923  0.00767  0.01339  101 I77 B C04 
514 C C05 . I77 J . ? 0.02095 0.04900 0.07194 0.00352  0.00611  0.01529  101 I77 B C05 
515 C C06 . I77 J . ? 0.04308 0.03109 0.06527 0.00894  -0.00214 -0.00203 101 I77 B C06 
516 C C08 . I77 J . ? 0.02201 0.02743 0.05913 -0.00134 0.01182  -0.00440 101 I77 B C08 
517 C C09 . I77 J . ? 0.02587 0.03803 0.05658 -0.00349 0.00422  0.00791  101 I77 B C09 
518 N N01 . I77 J . ? 0.04040 0.04888 0.08191 0.01027  0.01590  0.02126  101 I77 B N01 
519 N N07 . I77 J . ? 0.05095 0.03392 0.07756 0.00245  -0.00709 0.00918  101 I77 B N07 
520 N N10 . I77 J . ? 0.05017 0.05103 0.08189 0.01462  0.01233  0.00666  101 I77 B N10 
521 N N14 . I77 J . ? 0.02903 0.05766 0.05289 0.01572  0.01069  0.00088  101 I77 B N14 
522 N N15 . I77 J . ? 0.02250 0.05798 0.06366 0.01356  0.00768  0.00166  101 I77 B N15 
523 O O16 . I77 J . ? 0.05331 0.05768 0.07257 0.01729  0.02166  0.02671  101 I77 B O16 
524 O O19 . I77 J . ? 0.04201 0.02792 0.07881 0.00321  -0.00418 0.01189  101 I77 B O19 
535 C C05 . I6W K . ? 0.03738 0.06877 0.08543 0.01034  0.00081  0.02853  102 I6W B C05 
536 C C08 . I6W K . ? 0.04749 0.06878 0.07270 0.00841  -0.01160 0.00801  102 I6W B C08 
537 C C09 . I6W K . ? 0.08355 0.06839 0.06429 0.01803  -0.00295 0.01140  102 I6W B C09 
538 N N10 . I6W K . ? 0.11705 0.07742 0.10953 0.03201  -0.00783 0.01719  102 I6W B N10 
539 C C02 . I6W K . ? 0.03732 0.05770 0.05697 -0.00554 -0.00199 0.00922  102 I6W B C02 
540 C C03 . I6W K . ? 0.05833 0.05330 0.04788 0.01227  -0.01141 0.01300  102 I6W B C03 
541 C C04 . I6W K . ? 0.05562 0.07278 0.07930 0.01860  -0.00606 0.03199  102 I6W B C04 
542 C C06 . I6W K . ? 0.04908 0.04698 0.06047 -0.00313 0.00695  0.01763  102 I6W B C06 
543 C C11 . I6W K . ? 0.11152 0.06856 0.10886 0.02155  -0.01169 0.01936  102 I6W B C11 
544 C C12 . I6W K . ? 0.10090 0.07784 0.05629 0.02963  -0.02416 0.00469  102 I6W B C12 
545 C C13 . I6W K . ? 0.10151 0.07951 0.06251 0.03438  -0.01596 -0.00337 102 I6W B C13 
546 C C15 . I6W K . ? 0.11664 0.06155 0.07196 0.02137  -0.00094 0.03041  102 I6W B C15 
547 C C16 . I6W K . ? 0.09889 0.07377 0.08937 0.01865  -0.02776 -0.00627 102 I6W B C16 
548 C C18 . I6W K . ? 0.11619 0.05801 0.06223 0.02722  0.00023  -0.00156 102 I6W B C18 
549 C C19 . I6W K . ? 0.08319 0.05028 0.04970 0.01012  0.01050  -0.00246 102 I6W B C19 
550 N N07 . I6W K . ? 0.08719 0.06317 0.07834 0.00604  0.00961  0.00964  102 I6W B N07 
551 O O01 . I6W K . ? 0.04559 0.06296 0.06892 -0.01225 0.00168  0.02654  102 I6W B O01 
552 O O14 . I6W K . ? 0.09996 0.06363 0.07666 0.02146  0.01212  0.01520  102 I6W B O14 
553 O O17 . I6W K . ? 0.10525 0.07258 0.10088 0.02250  -0.01401 0.00911  102 I6W B O17 
565 C C01 A 8VH L . ? 0.08090 0.13798 0.23494 -0.01660 0.02906  -0.05203 103 8VH B C01 
566 C C01 B 8VH L . ? 0.11058 0.13548 0.16641 -0.04391 0.01724  0.02894  103 8VH B C01 
567 C C02 A 8VH L . ? 0.07788 0.11196 0.21748 -0.02893 0.03550  -0.03608 103 8VH B C02 
568 C C02 B 8VH L . ? 0.12493 0.13385 0.12956 -0.04087 0.01051  0.00456  103 8VH B C02 
569 C C03 A 8VH L . ? 0.08060 0.10059 0.19859 -0.03124 0.02709  -0.04976 103 8VH B C03 
570 C C03 B 8VH L . ? 0.13526 0.14911 0.10860 -0.02775 -0.01337 -0.02218 103 8VH B C03 
571 C C04 A 8VH L . ? 0.08216 0.08779 0.17389 -0.03273 0.02945  -0.04383 103 8VH B C04 
572 C C04 B 8VH L . ? 0.12625 0.14186 0.09375 -0.03108 -0.00251 -0.00819 103 8VH B C04 
573 C C05 A 8VH L . ? 0.07216 0.10517 0.18955 -0.02371 0.02246  -0.06530 103 8VH B C05 
574 C C05 B 8VH L . ? 0.12115 0.15523 0.12612 -0.02994 0.01129  0.02537  103 8VH B C05 
575 C C06 A 8VH L . ? 0.08200 0.11557 0.24345 -0.02244 0.00798  -0.06110 103 8VH B C06 
576 C C06 B 8VH L . ? 0.11783 0.15896 0.16600 -0.02391 0.02337  0.02996  103 8VH B C06 
577 C C07 A 8VH L . ? 0.08164 0.13281 0.24119 -0.01555 0.02417  -0.05901 103 8VH B C07 
578 C C07 B 8VH L . ? 0.19062 0.20770 0.06664 0.03072  0.03130  -0.00544 103 8VH B C07 
579 C C08 A 8VH L . ? 0.13176 0.19899 0.29754 0.02610  0.02632  -0.02205 103 8VH B C08 
580 C C08 B 8VH L . ? 0.11542 0.14123 0.19959 -0.04026 -0.01455 0.01462  103 8VH B C08 
601 C C01 . 8VH M . ? 0.25934 0.45870 0.28075 0.03943  0.06147  0.18575  104 8VH B C01 
602 C C02 . 8VH M . ? 0.23540 0.45920 0.26206 0.04067  0.05986  0.17910  104 8VH B C02 
603 C C03 . 8VH M . ? 0.18131 0.43796 0.25755 0.01110  0.03360  0.17673  104 8VH B C03 
604 C C04 . 8VH M . ? 0.15200 0.39664 0.30747 -0.03512 -0.00903 0.16636  104 8VH B C04 
605 C C05 . 8VH M . ? 0.22692 0.41991 0.30792 0.00850  0.00391  0.15863  104 8VH B C05 
606 C C06 . 8VH M . ? 0.26731 0.44251 0.31465 0.03393  0.03210  0.17316  104 8VH B C06 
607 C C07 . 8VH M . ? 0.14743 0.42512 0.26367 0.00284  0.03116  0.15581  104 8VH B C07 
608 C C08 . 8VH M . ? 0.26548 0.44262 0.28657 0.02699  0.06844  0.18831  104 8VH B C08 
619 C C01 A 8VH N . ? 0.19646 0.53448 0.24865 -0.04821 0.07745  0.01319  105 8VH B C01 
620 C C01 B 8VH N . ? 0.29772 1.04357 0.50123 -0.01540 -0.02817 -0.06190 105 8VH B C01 
621 C C02 A 8VH N . ? 0.21200 0.48066 0.25202 -0.03600 0.09952  0.04132  105 8VH B C02 
622 C C02 B 8VH N . ? 0.29935 1.04245 0.50832 -0.01617 -0.03714 -0.06709 105 8VH B C02 
623 C C03 A 8VH N . ? 0.21129 0.51626 0.24888 -0.03155 0.09287  0.03074  105 8VH B C03 
624 C C03 B 8VH N . ? 0.30318 1.04379 0.51559 -0.01468 -0.04093 -0.06729 105 8VH B C03 
625 C C04 A 8VH N . ? 0.21388 0.56693 0.26721 -0.02797 0.06240  -0.00566 105 8VH B C04 
626 C C04 B 8VH N . ? 0.30301 1.04283 0.51713 -0.01566 -0.03737 -0.06288 105 8VH B C04 
627 C C05 A 8VH N . ? 0.23974 0.56260 0.28489 -0.01976 0.04452  -0.01403 105 8VH B C05 
628 C C05 B 8VH N . ? 0.29897 1.04187 0.51243 -0.01753 -0.03503 -0.06174 105 8VH B C05 
629 C C06 A 8VH N . ? 0.22542 0.55408 0.27509 -0.03050 0.05153  -0.00745 105 8VH B C06 
630 C C06 B 8VH N . ? 0.29839 1.04266 0.50768 -0.01662 -0.02916 -0.05939 105 8VH B C06 
631 C C07 A 8VH N . ? 0.21612 0.52050 0.26893 -0.03204 0.10062  0.04080  105 8VH B C07 
632 C C07 B 8VH N . ? 0.30563 1.04355 0.51918 -0.01432 -0.04670 -0.07110 105 8VH B C07 
633 C C08 A 8VH N . ? 0.21201 0.52075 0.23074 -0.04125 0.08575  0.00965  105 8VH B C08 
634 C C08 B 8VH N . ? 0.29782 1.04388 0.48659 -0.01338 -0.02066 -0.06207 105 8VH B C08 
# 
